data_2N14
#
_entry.id   2N14
#
loop_
_entity.id
_entity.type
_entity.pdbx_description
1 polymer 'Protein Mdm4'
2 non-polymer 4-({(4S,5R)-4-(3-chlorophenyl)-5-(4-chlorophenyl)-2-[4-methoxy-2-(propan-2-yloxy)phenyl]-4,5-dihydro-1H-imidazol-1-yl}carbonyl)piperazin-2-one
#
_entity_poly.entity_id   1
_entity_poly.type   'polypeptide(L)'
_entity_poly.pdbx_seq_one_letter_code
;QINQVRPKLPLLKILHAAGAQGEMFTVKEVMHYLGQYIMVKQLYDQQEQHMVYCGGDLLGELLGRQSFSVKDPSPLYDML
RKNLVTLAT
;
_entity_poly.pdbx_strand_id   A
#
loop_
_chem_comp.id
_chem_comp.type
_chem_comp.name
_chem_comp.formula
49H non-polymer 4-({(4S,5R)-4-(3-chlorophenyl)-5-(4-chlorophenyl)-2-[4-methoxy-2-(propan-2-yloxy)phenyl]-4,5-dihydro-1H-imidazol-1-yl}carbonyl)piperazin-2-one 'C30 H30 Cl2 N4 O4'
#
# COMPACT_ATOMS: atom_id res chain seq x y z
N GLN A 1 -11.77 9.61 15.48
CA GLN A 1 -10.49 8.96 15.21
C GLN A 1 -9.38 9.95 14.77
N ILE A 2 -8.15 9.46 14.67
CA ILE A 2 -6.97 10.22 14.20
C ILE A 2 -7.09 10.76 12.77
N ASN A 3 -6.29 11.79 12.45
CA ASN A 3 -6.35 12.56 11.21
C ASN A 3 -5.54 11.92 10.07
N GLN A 4 -5.75 10.61 9.90
CA GLN A 4 -5.00 9.64 9.07
C GLN A 4 -5.89 8.39 8.88
N VAL A 5 -5.37 7.31 8.30
CA VAL A 5 -6.18 6.15 7.86
C VAL A 5 -6.26 5.10 8.98
N ARG A 6 -7.16 4.11 8.79
CA ARG A 6 -7.38 2.87 9.56
C ARG A 6 -8.25 1.91 8.70
N PRO A 7 -8.00 0.57 8.71
CA PRO A 7 -8.71 -0.40 7.87
C PRO A 7 -9.78 -1.22 8.64
N LYS A 8 -10.52 -2.04 7.90
CA LYS A 8 -11.42 -3.10 8.43
C LYS A 8 -10.72 -4.46 8.41
N LEU A 9 -11.22 -5.45 9.15
CA LEU A 9 -10.56 -6.75 9.43
C LEU A 9 -9.84 -7.42 8.24
N PRO A 10 -10.48 -7.70 7.07
CA PRO A 10 -9.82 -8.34 5.92
C PRO A 10 -8.73 -7.48 5.26
N LEU A 11 -8.78 -6.16 5.45
CA LEU A 11 -7.76 -5.21 4.96
C LEU A 11 -6.64 -4.99 6.00
N LEU A 12 -6.96 -5.03 7.30
CA LEU A 12 -6.00 -5.05 8.41
C LEU A 12 -5.07 -6.27 8.33
N LYS A 13 -5.60 -7.40 7.84
CA LYS A 13 -4.90 -8.67 7.59
C LYS A 13 -3.68 -8.51 6.67
N ILE A 14 -3.80 -7.60 5.70
CA ILE A 14 -2.82 -7.36 4.62
C ILE A 14 -1.59 -6.65 5.19
N LEU A 15 -1.79 -5.58 5.98
CA LEU A 15 -0.68 -4.95 6.70
C LEU A 15 -0.14 -5.82 7.85
N HIS A 16 -0.98 -6.65 8.49
CA HIS A 16 -0.53 -7.68 9.46
C HIS A 16 0.40 -8.72 8.83
N ALA A 17 0.19 -9.11 7.56
CA ALA A 17 1.12 -9.97 6.83
C ALA A 17 2.53 -9.37 6.67
N ALA A 18 2.64 -8.03 6.77
CA ALA A 18 3.89 -7.27 6.79
C ALA A 18 4.28 -6.77 8.20
N GLY A 19 3.76 -7.39 9.27
CA GLY A 19 4.14 -7.11 10.67
C GLY A 19 3.65 -5.76 11.23
N ALA A 20 2.69 -5.10 10.57
CA ALA A 20 2.14 -3.80 10.95
C ALA A 20 1.00 -3.94 12.00
N GLN A 21 0.13 -2.91 12.09
CA GLN A 21 -1.15 -2.92 12.84
C GLN A 21 -2.29 -2.28 12.04
N GLY A 22 -2.50 -2.80 10.81
CA GLY A 22 -3.37 -2.22 9.80
C GLY A 22 -2.83 -0.89 9.25
N GLU A 23 -3.62 -0.17 8.47
CA GLU A 23 -3.32 1.18 7.96
C GLU A 23 -3.58 2.31 8.99
N MET A 24 -3.63 1.96 10.28
CA MET A 24 -4.06 2.80 11.42
C MET A 24 -3.04 3.89 11.85
N PHE A 25 -2.54 4.64 10.87
CA PHE A 25 -1.50 5.67 11.00
C PHE A 25 -1.32 6.50 9.71
N THR A 26 -0.43 7.50 9.74
CA THR A 26 -0.17 8.51 8.68
C THR A 26 0.38 7.91 7.37
N VAL A 27 0.33 8.69 6.29
CA VAL A 27 0.81 8.34 4.92
C VAL A 27 2.21 7.72 4.95
N LYS A 28 3.12 8.35 5.71
CA LYS A 28 4.53 7.94 5.81
C LYS A 28 4.72 6.58 6.49
N GLU A 29 3.81 6.25 7.41
CA GLU A 29 3.81 4.95 8.08
C GLU A 29 3.18 3.89 7.18
N VAL A 30 2.03 4.13 6.54
CA VAL A 30 1.45 3.12 5.62
C VAL A 30 2.39 2.74 4.48
N MET A 31 3.04 3.73 3.88
CA MET A 31 3.97 3.49 2.78
C MET A 31 5.24 2.75 3.22
N HIS A 32 5.63 2.85 4.50
CA HIS A 32 6.71 2.06 5.12
C HIS A 32 6.34 0.56 5.18
N TYR A 33 5.24 0.22 5.87
CA TYR A 33 4.72 -1.15 5.91
C TYR A 33 4.38 -1.72 4.52
N LEU A 34 3.92 -0.89 3.58
CA LEU A 34 3.68 -1.32 2.20
C LEU A 34 4.99 -1.62 1.45
N GLY A 35 6.04 -0.83 1.61
CA GLY A 35 7.36 -1.13 1.05
C GLY A 35 7.89 -2.49 1.52
N GLN A 36 7.81 -2.76 2.83
CA GLN A 36 8.22 -4.08 3.38
C GLN A 36 7.25 -5.21 2.99
N TYR A 37 5.94 -4.95 2.84
CA TYR A 37 5.00 -5.93 2.27
C TYR A 37 5.46 -6.35 0.88
N ILE A 38 5.70 -5.40 -0.04
CA ILE A 38 6.15 -5.71 -1.42
C ILE A 38 7.49 -6.46 -1.38
N MET A 39 8.39 -6.08 -0.47
CA MET A 39 9.70 -6.72 -0.32
C MET A 39 9.60 -8.18 0.17
N VAL A 40 8.64 -8.53 1.05
CA VAL A 40 8.40 -9.92 1.50
C VAL A 40 7.61 -10.70 0.44
N LYS A 41 6.50 -10.14 -0.03
CA LYS A 41 5.60 -10.72 -1.05
C LYS A 41 6.25 -10.83 -2.43
N GLN A 42 7.35 -10.11 -2.65
CA GLN A 42 8.23 -10.11 -3.83
C GLN A 42 7.46 -10.00 -5.16
N LEU A 43 6.44 -9.12 -5.15
CA LEU A 43 5.49 -8.91 -6.24
C LEU A 43 6.06 -7.94 -7.29
N TYR A 44 7.24 -8.21 -7.84
CA TYR A 44 7.96 -7.34 -8.78
C TYR A 44 8.64 -8.12 -9.92
N ASP A 45 9.09 -7.41 -10.95
CA ASP A 45 9.86 -8.00 -12.06
C ASP A 45 11.32 -8.29 -11.65
N GLN A 46 11.89 -9.40 -12.14
CA GLN A 46 13.28 -9.76 -11.90
C GLN A 46 14.28 -8.67 -12.32
N GLN A 47 14.13 -8.08 -13.50
CA GLN A 47 15.04 -7.05 -14.03
C GLN A 47 14.76 -5.66 -13.45
N GLU A 48 13.67 -5.48 -12.72
CA GLU A 48 13.24 -4.18 -12.18
C GLU A 48 12.30 -4.32 -10.97
N GLN A 49 12.93 -4.43 -9.79
CA GLN A 49 12.28 -4.38 -8.47
C GLN A 49 11.45 -3.10 -8.28
N HIS A 50 11.75 -2.04 -9.06
CA HIS A 50 11.02 -0.77 -9.08
C HIS A 50 9.56 -0.91 -9.57
N MET A 51 9.26 -1.94 -10.38
CA MET A 51 7.95 -2.18 -11.00
C MET A 51 7.23 -3.34 -10.29
N VAL A 52 6.00 -3.11 -9.85
CA VAL A 52 5.21 -3.99 -8.99
C VAL A 52 4.04 -4.62 -9.77
N TYR A 53 3.85 -5.92 -9.61
CA TYR A 53 2.87 -6.78 -10.26
C TYR A 53 2.17 -7.67 -9.22
N CYS A 54 0.94 -7.28 -8.87
CA CYS A 54 0.13 -7.80 -7.76
C CYS A 54 -0.90 -8.85 -8.21
N GLY A 55 -0.63 -9.60 -9.28
CA GLY A 55 -1.62 -10.48 -9.90
C GLY A 55 -2.21 -11.51 -8.94
N GLY A 56 -3.51 -11.41 -8.68
CA GLY A 56 -4.27 -12.26 -7.75
C GLY A 56 -3.98 -12.03 -6.25
N ASP A 57 -3.28 -10.96 -5.85
CA ASP A 57 -2.91 -10.71 -4.45
C ASP A 57 -3.92 -9.76 -3.76
N LEU A 58 -4.03 -9.93 -2.44
CA LEU A 58 -4.83 -9.08 -1.57
C LEU A 58 -4.42 -7.60 -1.67
N LEU A 59 -3.15 -7.29 -1.99
CA LEU A 59 -2.69 -5.93 -2.27
C LEU A 59 -3.30 -5.35 -3.56
N GLY A 60 -3.42 -6.16 -4.62
CA GLY A 60 -4.14 -5.77 -5.85
C GLY A 60 -5.62 -5.54 -5.59
N GLU A 61 -6.24 -6.37 -4.75
CA GLU A 61 -7.61 -6.20 -4.29
C GLU A 61 -7.79 -4.93 -3.42
N LEU A 62 -6.80 -4.60 -2.57
CA LEU A 62 -6.78 -3.43 -1.69
C LEU A 62 -6.68 -2.11 -2.49
N LEU A 63 -5.79 -2.06 -3.48
CA LEU A 63 -5.58 -0.87 -4.34
C LEU A 63 -6.59 -0.76 -5.49
N GLY A 64 -7.20 -1.87 -5.91
CA GLY A 64 -8.12 -1.94 -7.05
C GLY A 64 -7.45 -2.08 -8.42
N ARG A 65 -6.11 -2.27 -8.43
CA ARG A 65 -5.28 -2.48 -9.63
C ARG A 65 -4.11 -3.42 -9.32
N GLN A 66 -3.72 -4.21 -10.32
CA GLN A 66 -2.69 -5.25 -10.17
C GLN A 66 -1.29 -4.79 -10.60
N SER A 67 -1.10 -3.51 -10.88
CA SER A 67 0.26 -2.96 -11.09
C SER A 67 0.42 -1.47 -10.75
N PHE A 68 1.64 -1.13 -10.30
CA PHE A 68 2.13 0.23 -10.02
C PHE A 68 3.67 0.22 -9.95
N SER A 69 4.33 1.37 -9.79
CA SER A 69 5.78 1.44 -9.60
C SER A 69 6.19 2.49 -8.55
N VAL A 70 7.46 2.48 -8.13
CA VAL A 70 8.02 3.54 -7.27
C VAL A 70 8.23 4.87 -8.01
N LYS A 71 8.07 4.89 -9.35
CA LYS A 71 8.07 6.12 -10.19
C LYS A 71 6.66 6.64 -10.46
N ASP A 72 5.65 5.76 -10.42
CA ASP A 72 4.22 6.06 -10.58
C ASP A 72 3.38 5.57 -9.36
N PRO A 73 3.56 6.16 -8.16
CA PRO A 73 2.88 5.74 -6.93
C PRO A 73 1.44 6.26 -6.77
N SER A 74 0.86 6.91 -7.77
CA SER A 74 -0.51 7.46 -7.75
C SER A 74 -1.61 6.50 -7.23
N PRO A 75 -1.55 5.16 -7.45
CA PRO A 75 -2.48 4.21 -6.84
C PRO A 75 -2.52 4.20 -5.30
N LEU A 76 -1.43 4.59 -4.61
CA LEU A 76 -1.45 4.83 -3.15
C LEU A 76 -2.26 6.08 -2.83
N TYR A 77 -1.98 7.19 -3.50
CA TYR A 77 -2.62 8.46 -3.20
C TYR A 77 -4.11 8.46 -3.54
N ASP A 78 -4.54 7.68 -4.54
CA ASP A 78 -5.96 7.41 -4.82
C ASP A 78 -6.65 6.61 -3.69
N MET A 79 -5.89 5.76 -2.99
CA MET A 79 -6.32 5.06 -1.77
C MET A 79 -6.42 6.02 -0.57
N LEU A 80 -5.53 7.02 -0.49
CA LEU A 80 -5.44 7.98 0.64
C LEU A 80 -6.41 9.16 0.53
N ARG A 81 -6.62 9.71 -0.69
CA ARG A 81 -7.50 10.87 -0.96
C ARG A 81 -8.95 10.66 -0.50
N LYS A 82 -9.38 9.39 -0.50
CA LYS A 82 -10.67 8.91 -0.02
C LYS A 82 -10.81 8.99 1.51
N ASN A 83 -9.68 8.91 2.24
CA ASN A 83 -9.64 9.06 3.70
C ASN A 83 -9.34 10.52 4.14
N LEU A 84 -8.16 11.05 3.81
CA LEU A 84 -7.74 12.44 4.09
C LEU A 84 -7.34 13.21 2.82
N VAL A 85 -7.52 14.53 2.82
CA VAL A 85 -6.98 15.41 1.77
C VAL A 85 -5.46 15.51 1.94
N THR A 86 -4.71 15.05 0.94
CA THR A 86 -3.24 15.04 0.93
C THR A 86 -2.68 15.15 -0.51
N LEU A 87 -1.36 15.09 -0.64
CA LEU A 87 -0.62 15.20 -1.91
C LEU A 87 -0.95 14.03 -2.88
N ALA A 88 -0.66 14.25 -4.17
CA ALA A 88 -0.76 13.24 -5.24
C ALA A 88 0.22 13.54 -6.39
N THR A 89 0.27 12.64 -7.39
CA THR A 89 1.20 12.74 -8.53
C THR A 89 0.69 12.06 -9.79
N 49H B . 11.89 2.87 -2.46
CG1 49H B . 9.00 1.84 -1.14
CG2 49H B . 10.20 4.52 -1.59
CG3 49H B . 12.38 0.87 -3.69
CD1 49H B . 8.61 1.03 -2.21
CD2 49H B . 8.01 2.50 -0.40
CD3 49H B . 9.31 4.49 -2.67
CD4 49H B . 10.27 5.68 -0.81
CD5 49H B . 13.11 1.58 -4.66
CD6 49H B . 12.10 -0.49 -3.96
CE1 49H B . 7.27 0.91 -2.55
CE2 49H B . 6.67 2.40 -0.76
CE3 49H B . 8.49 5.57 -2.95
CE4 49H B . 9.47 6.78 -1.10
CE5 49H B . 13.60 0.97 -5.80
CE6 49H B . 12.61 -1.10 -5.12
CZ1 49H B . 6.31 1.60 -1.83
CZ2 49H B . 8.57 6.73 -2.17
CZ3 49H B . 13.38 -0.38 -6.03
CL1 49H B . 4.65 1.47 -2.30
CL2 49H B . 7.34 5.48 -4.23
CM1 49H B . 14.96 -0.52 -7.93
CM2 49H B . 9.43 -2.04 -4.50
CM3 49H B . 9.95 -3.01 -2.21
C1 49H B . 15.49 -0.42 -0.61
N1 49H B . 15.58 -1.72 -0.24
O1 49H B . 16.48 0.27 -0.57
C2 49H B . 14.44 -2.62 -0.25
N2 49H B . 12.89 -0.64 -0.58
C3 49H B . 13.14 -1.90 0.16
N3 49H B . 11.36 1.00 -1.31
O3 49H B . 13.88 -1.05 -7.12
C4 49H B . 14.12 0.09 -1.05
C5 49H B . 11.65 -0.08 -0.55
O5 49H B . 10.80 -0.52 0.22
C6 49H B . 11.95 1.60 -2.45
O6 49H B . 11.28 -1.22 -3.12
C7 49H B . 11.13 3.34 -1.29
C8 49H B . 10.47 2.03 -0.75
C9 49H B . 10.54 -2.41 -3.50
HD1 49H B . 9.36 0.51 -2.80
HD2 49H B . 8.29 3.13 0.44
HD3 49H B . 9.26 3.60 -3.30
HD4 49H B . 10.96 5.73 0.04
HD5 49H B . 13.32 2.65 -4.50
HE1 49H B . 6.98 0.29 -3.40
HE2 49H B . 5.92 2.95 -0.20
HE4 49H B . 9.54 7.68 -0.50
HE5 49H B . 14.18 1.57 -6.51
HE6 49H B . 12.43 -2.14 -5.33
HZ2 49H B . 7.94 7.58 -2.40
HM11 49H B . 15.83 -0.33 -7.31
HM12 49H B . 15.22 -1.26 -8.70
HM13 49H B . 14.63 0.40 -8.42
HM21 49H B . 8.96 -2.96 -4.89
HM22 49H B . 8.65 -1.45 -4.03
HM23 49H B . 9.83 -1.48 -5.34
HM31 49H B . 10.74 -3.21 -1.49
HM32 49H B . 9.23 -2.31 -1.75
HM33 49H B . 9.43 -3.94 -2.42
HN1 49H B . 16.49 -2.05 0.04
H21 49H B . 14.32 -3.02 -1.26
H22 49H B . 14.63 -3.45 0.44
H31 49H B . 12.31 -2.58 0.01
H32 49H B . 13.20 -1.66 1.23
H41 49H B . 14.08 1.14 -0.73
H42 49H B . 14.16 0.04 -2.14
H7 49H B . 11.86 3.66 -0.54
H8 49H B . 10.56 2.03 0.34
H9 49H B . 11.22 -3.15 -3.93
N GLN A 1 -9.47 7.88 15.77
CA GLN A 1 -9.65 9.14 16.50
C GLN A 1 -8.65 10.24 16.08
N ILE A 2 -8.05 10.07 14.91
CA ILE A 2 -6.98 10.89 14.31
C ILE A 2 -7.24 11.22 12.84
N ASN A 3 -6.46 12.17 12.31
CA ASN A 3 -6.63 12.77 10.97
C ASN A 3 -6.04 11.93 9.82
N GLN A 4 -6.02 10.62 10.00
CA GLN A 4 -5.32 9.60 9.20
C GLN A 4 -6.27 8.43 8.86
N VAL A 5 -5.75 7.41 8.16
CA VAL A 5 -6.55 6.23 7.76
C VAL A 5 -6.70 5.27 8.96
N ARG A 6 -7.58 4.27 8.83
CA ARG A 6 -7.90 3.20 9.81
C ARG A 6 -8.66 2.08 9.05
N PRO A 7 -8.36 0.79 9.26
CA PRO A 7 -8.87 -0.31 8.42
C PRO A 7 -10.07 -1.07 9.00
N LYS A 8 -10.58 -2.00 8.19
CA LYS A 8 -11.54 -3.06 8.54
C LYS A 8 -10.74 -4.37 8.62
N LEU A 9 -11.21 -5.42 9.29
CA LEU A 9 -10.42 -6.65 9.55
C LEU A 9 -9.78 -7.29 8.29
N PRO A 10 -10.43 -7.39 7.11
CA PRO A 10 -9.80 -7.90 5.88
C PRO A 10 -8.69 -7.00 5.32
N LEU A 11 -8.71 -5.69 5.60
CA LEU A 11 -7.67 -4.74 5.21
C LEU A 11 -6.52 -4.72 6.23
N LEU A 12 -6.83 -4.84 7.53
CA LEU A 12 -5.85 -5.01 8.60
C LEU A 12 -5.01 -6.28 8.40
N LYS A 13 -5.59 -7.32 7.79
CA LYS A 13 -4.92 -8.59 7.44
C LYS A 13 -3.71 -8.38 6.52
N ILE A 14 -3.84 -7.43 5.58
CA ILE A 14 -2.85 -7.09 4.56
C ILE A 14 -1.65 -6.40 5.21
N LEU A 15 -1.91 -5.43 6.08
CA LEU A 15 -0.86 -4.75 6.84
C LEU A 15 -0.24 -5.67 7.93
N HIS A 16 -1.00 -6.62 8.51
CA HIS A 16 -0.46 -7.68 9.38
C HIS A 16 0.46 -8.66 8.66
N ALA A 17 0.21 -8.97 7.38
CA ALA A 17 1.14 -9.75 6.55
C ALA A 17 2.51 -9.05 6.37
N ALA A 18 2.55 -7.73 6.54
CA ALA A 18 3.75 -6.90 6.56
C ALA A 18 4.22 -6.51 7.98
N GLY A 19 3.75 -7.18 9.04
CA GLY A 19 4.18 -6.98 10.42
C GLY A 19 3.72 -5.66 11.07
N ALA A 20 2.74 -4.97 10.48
CA ALA A 20 2.23 -3.69 10.95
C ALA A 20 1.15 -3.86 12.06
N GLN A 21 0.36 -2.80 12.31
CA GLN A 21 -0.83 -2.79 13.18
C GLN A 21 -2.02 -2.09 12.49
N GLY A 22 -2.54 -2.71 11.44
CA GLY A 22 -3.61 -2.14 10.62
C GLY A 22 -3.13 -0.96 9.76
N GLU A 23 -3.99 0.04 9.57
CA GLU A 23 -3.74 1.28 8.83
C GLU A 23 -4.02 2.53 9.67
N MET A 24 -4.11 2.40 11.00
CA MET A 24 -4.55 3.47 11.91
C MET A 24 -3.44 4.49 12.22
N PHE A 25 -2.94 5.10 11.15
CA PHE A 25 -1.75 5.98 11.14
C PHE A 25 -1.56 6.73 9.79
N THR A 26 -0.57 7.63 9.73
CA THR A 26 -0.29 8.57 8.63
C THR A 26 0.18 7.89 7.32
N VAL A 27 0.16 8.66 6.21
CA VAL A 27 0.65 8.27 4.87
C VAL A 27 2.04 7.64 4.91
N LYS A 28 2.95 8.25 5.68
CA LYS A 28 4.34 7.79 5.79
C LYS A 28 4.47 6.43 6.48
N GLU A 29 3.56 6.13 7.39
CA GLU A 29 3.50 4.84 8.08
C GLU A 29 2.87 3.77 7.17
N VAL A 30 1.72 4.03 6.52
CA VAL A 30 1.17 3.03 5.56
C VAL A 30 2.16 2.66 4.46
N MET A 31 2.80 3.66 3.85
CA MET A 31 3.73 3.43 2.74
C MET A 31 5.04 2.74 3.18
N HIS A 32 5.47 2.93 4.44
CA HIS A 32 6.57 2.19 5.07
C HIS A 32 6.26 0.68 5.12
N TYR A 33 5.16 0.30 5.79
CA TYR A 33 4.64 -1.07 5.83
C TYR A 33 4.37 -1.66 4.43
N LEU A 34 3.88 -0.88 3.46
CA LEU A 34 3.70 -1.35 2.08
C LEU A 34 5.03 -1.62 1.35
N GLY A 35 6.08 -0.83 1.57
CA GLY A 35 7.42 -1.12 1.04
C GLY A 35 7.94 -2.48 1.50
N GLN A 36 7.83 -2.79 2.79
CA GLN A 36 8.19 -4.11 3.32
C GLN A 36 7.20 -5.22 2.91
N TYR A 37 5.89 -4.94 2.72
CA TYR A 37 4.95 -5.88 2.10
C TYR A 37 5.46 -6.34 0.73
N ILE A 38 5.78 -5.40 -0.15
CA ILE A 38 6.28 -5.66 -1.51
C ILE A 38 7.60 -6.44 -1.45
N MET A 39 8.51 -6.07 -0.55
CA MET A 39 9.80 -6.76 -0.41
C MET A 39 9.68 -8.20 0.16
N VAL A 40 8.67 -8.47 1.01
CA VAL A 40 8.35 -9.83 1.48
C VAL A 40 7.68 -10.66 0.39
N LYS A 41 6.63 -10.13 -0.26
CA LYS A 41 5.93 -10.77 -1.39
C LYS A 41 6.80 -10.88 -2.64
N GLN A 42 7.90 -10.12 -2.72
CA GLN A 42 8.94 -10.12 -3.76
C GLN A 42 8.37 -10.15 -5.19
N LEU A 43 7.34 -9.33 -5.40
CA LEU A 43 6.47 -9.30 -6.59
C LEU A 43 6.85 -8.18 -7.59
N TYR A 44 8.06 -7.63 -7.45
CA TYR A 44 8.67 -6.68 -8.38
C TYR A 44 9.32 -7.37 -9.59
N ASP A 45 9.65 -6.61 -10.63
CA ASP A 45 10.31 -7.15 -11.82
C ASP A 45 11.80 -7.51 -11.58
N GLN A 46 12.27 -8.55 -12.28
CA GLN A 46 13.61 -9.12 -12.16
C GLN A 46 14.68 -8.16 -12.72
N GLN A 47 14.36 -7.47 -13.82
CA GLN A 47 15.22 -6.50 -14.50
C GLN A 47 15.02 -5.07 -13.99
N GLU A 48 13.88 -4.77 -13.35
CA GLU A 48 13.63 -3.47 -12.73
C GLU A 48 12.83 -3.60 -11.42
N GLN A 49 13.55 -3.70 -10.30
CA GLN A 49 13.03 -3.71 -8.93
C GLN A 49 12.19 -2.45 -8.61
N HIS A 50 12.36 -1.38 -9.40
CA HIS A 50 11.56 -0.15 -9.29
C HIS A 50 10.08 -0.35 -9.67
N MET A 51 9.77 -1.37 -10.49
CA MET A 51 8.45 -1.71 -11.00
C MET A 51 7.85 -2.88 -10.19
N VAL A 52 6.58 -2.74 -9.79
CA VAL A 52 5.88 -3.65 -8.86
C VAL A 52 4.60 -4.19 -9.51
N TYR A 53 4.40 -5.51 -9.41
CA TYR A 53 3.19 -6.22 -9.82
C TYR A 53 2.47 -6.81 -8.61
N CYS A 54 1.21 -7.24 -8.79
CA CYS A 54 0.36 -7.83 -7.76
C CYS A 54 -0.39 -9.10 -8.21
N GLY A 55 -0.66 -9.26 -9.52
CA GLY A 55 -1.31 -10.45 -10.08
C GLY A 55 -2.64 -10.86 -9.45
N GLY A 56 -3.42 -9.89 -8.95
CA GLY A 56 -4.71 -10.11 -8.28
C GLY A 56 -4.63 -10.36 -6.76
N ASP A 57 -3.48 -10.10 -6.10
CA ASP A 57 -3.34 -10.22 -4.65
C ASP A 57 -4.14 -9.13 -3.91
N LEU A 58 -4.29 -9.30 -2.59
CA LEU A 58 -5.03 -8.40 -1.71
C LEU A 58 -4.48 -6.95 -1.74
N LEU A 59 -3.18 -6.77 -2.02
CA LEU A 59 -2.59 -5.44 -2.26
C LEU A 59 -3.12 -4.78 -3.53
N GLY A 60 -3.26 -5.53 -4.63
CA GLY A 60 -3.91 -5.06 -5.86
C GLY A 60 -5.39 -4.73 -5.64
N GLU A 61 -6.10 -5.54 -4.84
CA GLU A 61 -7.48 -5.25 -4.43
C GLU A 61 -7.57 -3.98 -3.54
N LEU A 62 -6.59 -3.75 -2.67
CA LEU A 62 -6.52 -2.56 -1.80
C LEU A 62 -6.28 -1.26 -2.60
N LEU A 63 -5.37 -1.30 -3.57
CA LEU A 63 -5.04 -0.16 -4.45
C LEU A 63 -6.05 0.01 -5.62
N GLY A 64 -6.81 -1.04 -5.95
CA GLY A 64 -7.73 -1.11 -7.09
C GLY A 64 -7.04 -1.44 -8.43
N ARG A 65 -5.71 -1.32 -8.47
CA ARG A 65 -4.81 -1.62 -9.60
C ARG A 65 -3.73 -2.57 -9.12
N GLN A 66 -3.42 -3.56 -9.97
CA GLN A 66 -2.50 -4.64 -9.63
C GLN A 66 -1.07 -4.41 -10.18
N SER A 67 -0.73 -3.17 -10.56
CA SER A 67 0.64 -2.76 -10.89
C SER A 67 0.88 -1.27 -10.66
N PHE A 68 2.11 -0.92 -10.26
CA PHE A 68 2.59 0.44 -9.98
C PHE A 68 4.12 0.47 -9.91
N SER A 69 4.75 1.64 -9.78
CA SER A 69 6.20 1.77 -9.60
C SER A 69 6.57 2.82 -8.57
N VAL A 70 7.84 2.92 -8.20
CA VAL A 70 8.34 4.02 -7.35
C VAL A 70 8.43 5.37 -8.09
N LYS A 71 8.22 5.39 -9.41
CA LYS A 71 8.05 6.61 -10.24
C LYS A 71 6.57 6.97 -10.44
N ASP A 72 5.67 5.99 -10.34
CA ASP A 72 4.21 6.12 -10.46
C ASP A 72 3.47 5.44 -9.28
N PRO A 73 3.63 5.95 -8.04
CA PRO A 73 3.02 5.37 -6.82
C PRO A 73 1.54 5.80 -6.61
N SER A 74 0.99 6.61 -7.50
CA SER A 74 -0.33 7.25 -7.40
C SER A 74 -1.50 6.35 -6.95
N PRO A 75 -1.60 5.05 -7.30
CA PRO A 75 -2.65 4.16 -6.77
C PRO A 75 -2.76 4.09 -5.24
N LEU A 76 -1.65 4.25 -4.50
CA LEU A 76 -1.62 4.28 -3.03
C LEU A 76 -2.25 5.60 -2.52
N TYR A 77 -1.79 6.72 -3.06
CA TYR A 77 -2.31 8.05 -2.72
C TYR A 77 -3.79 8.19 -3.10
N ASP A 78 -4.22 7.61 -4.22
CA ASP A 78 -5.63 7.57 -4.63
C ASP A 78 -6.50 6.70 -3.70
N MET A 79 -5.90 5.66 -3.12
CA MET A 79 -6.50 4.84 -2.07
C MET A 79 -6.76 5.67 -0.80
N LEU A 80 -5.79 6.50 -0.36
CA LEU A 80 -5.91 7.24 0.91
C LEU A 80 -6.46 8.67 0.83
N ARG A 81 -6.43 9.32 -0.34
CA ARG A 81 -6.99 10.68 -0.52
C ARG A 81 -8.51 10.73 -0.28
N LYS A 82 -9.14 9.59 -0.53
CA LYS A 82 -10.54 9.25 -0.23
C LYS A 82 -10.83 9.27 1.28
N ASN A 83 -9.82 8.96 2.12
CA ASN A 83 -9.90 9.15 3.58
C ASN A 83 -9.53 10.59 4.02
N LEU A 84 -8.26 10.99 3.85
CA LEU A 84 -7.73 12.29 4.31
C LEU A 84 -7.34 13.23 3.14
N VAL A 85 -7.58 14.53 3.30
CA VAL A 85 -7.06 15.56 2.37
C VAL A 85 -5.57 15.76 2.67
N THR A 86 -4.71 15.37 1.72
CA THR A 86 -3.24 15.32 1.91
C THR A 86 -2.47 15.48 0.58
N LEU A 87 -1.14 15.53 0.69
CA LEU A 87 -0.20 15.68 -0.41
C LEU A 87 0.18 14.33 -1.07
N ALA A 88 0.62 14.39 -2.33
CA ALA A 88 1.07 13.24 -3.12
C ALA A 88 2.21 13.60 -4.09
N THR A 89 2.78 12.59 -4.74
CA THR A 89 3.95 12.76 -5.63
C THR A 89 4.09 11.67 -6.70
N 49H B . 11.67 3.44 -2.33
CG1 49H B . 8.79 2.26 -1.14
CG2 49H B . 9.88 5.01 -1.51
CG3 49H B . 12.39 1.42 -3.46
CD1 49H B . 8.52 1.49 -2.27
CD2 49H B . 7.75 2.80 -0.40
CD3 49H B . 9.13 5.01 -2.68
CD4 49H B . 9.78 6.10 -0.63
CD5 49H B . 13.12 2.16 -4.41
CD6 49H B . 12.25 0.04 -3.67
CE1 49H B . 7.19 1.26 -2.65
CE2 49H B . 6.42 2.59 -0.79
CE3 49H B . 8.28 6.07 -2.98
CE4 49H B . 8.94 7.17 -0.94
CE5 49H B . 13.71 1.54 -5.52
CE6 49H B . 12.86 -0.57 -4.77
CZ1 49H B . 6.14 1.82 -1.92
CZ2 49H B . 8.20 7.16 -2.11
CZ3 49H B . 13.59 0.17 -5.68
CL1 49H B . 4.51 1.55 -2.40
CL2 49H B . 7.33 6.03 -4.41
CM1 49H B . 15.10 0.13 -7.66
CM2 49H B . 9.78 -1.73 -4.34
CM3 49H B . 10.09 -2.49 -1.94
C1 49H B . 14.75 -1.22 0.99
N1 49H B . 15.64 -0.23 0.76
O1 49H B . 15.16 -2.25 1.48
C2 49H B . 15.29 1.07 0.21
N2 49H B . 12.92 0.24 -0.19
C3 49H B . 14.07 1.00 -0.74
N3 49H B . 11.22 1.56 -1.16
O3 49H B . 14.16 -0.49 -6.76
C4 49H B . 13.29 -0.98 0.61
C5 49H B . 11.60 0.58 -0.30
O5 49H B . 10.77 0.05 0.41
C6 49H B . 11.82 2.17 -2.30
O6 49H B . 11.44 -0.71 -2.84
C7 49H B . 10.85 3.88 -1.18
C8 49H B . 10.24 2.54 -0.67
C9 49H B . 10.80 -1.97 -3.20
HD1 49H B . 9.32 1.06 -2.85
HD2 49H B . 7.94 3.41 0.49
HD3 49H B . 9.21 4.16 -3.36
HD4 49H B . 10.34 6.12 0.29
HD5 49H B . 13.23 3.24 -4.30
HE1 49H B . 6.98 0.66 -3.54
HE2 49H B . 5.61 3.02 -0.22
HE4 49H B . 8.87 8.02 -0.26
HE5 49H B . 14.26 2.16 -6.22
HE6 49H B . 12.77 -1.64 -4.94
HZ2 49H B . 7.54 7.99 -2.36
HM11 49H B . 15.97 0.49 -7.10
HM12 49H B . 15.43 -0.61 -8.39
HM13 49H B . 14.62 0.96 -8.18
HM21 49H B . 8.97 -1.07 -4.00
HM22 49H B . 10.25 -1.28 -5.21
HM23 49H B . 9.33 -2.68 -4.64
HM31 49H B . 9.31 -1.80 -1.62
HM32 49H B . 9.65 -3.46 -2.13
HM33 49H B . 10.81 -2.59 -1.12
HN1 49H B . 16.60 -0.41 1.03
H21 49H B . 15.05 1.74 1.04
H22 49H B . 16.14 1.48 -0.33
H31 49H B . 13.80 2.04 -0.91
H32 49H B . 14.37 0.54 -1.68
H41 49H B . 12.97 -1.87 0.06
H42 49H B . 12.76 -0.95 1.57
H7 49H B . 11.55 4.22 -0.40
H8 49H B . 10.25 2.57 0.42
H9 49H B . 11.55 -2.69 -3.51
N GLN A 1 -6.60 11.34 19.58
CA GLN A 1 -6.94 11.06 18.18
C GLN A 1 -6.16 11.97 17.20
N ILE A 2 -6.00 11.51 15.96
CA ILE A 2 -5.20 12.14 14.90
C ILE A 2 -5.91 12.18 13.54
N ASN A 3 -5.37 12.98 12.62
CA ASN A 3 -5.96 13.32 11.31
C ASN A 3 -5.71 12.26 10.21
N GLN A 4 -5.71 10.98 10.62
CA GLN A 4 -5.26 9.80 9.87
C GLN A 4 -6.33 8.73 9.67
N VAL A 5 -5.93 7.65 9.01
CA VAL A 5 -6.76 6.52 8.57
C VAL A 5 -6.74 5.43 9.65
N ARG A 6 -7.59 4.41 9.47
CA ARG A 6 -7.67 3.11 10.18
C ARG A 6 -8.50 2.14 9.30
N PRO A 7 -8.14 0.85 9.16
CA PRO A 7 -8.77 -0.08 8.21
C PRO A 7 -9.83 -1.00 8.84
N LYS A 8 -10.58 -1.68 7.98
CA LYS A 8 -11.48 -2.80 8.35
C LYS A 8 -10.71 -4.13 8.34
N LEU A 9 -11.25 -5.18 8.97
CA LEU A 9 -10.56 -6.44 9.24
C LEU A 9 -9.83 -7.10 8.03
N PRO A 10 -10.42 -7.24 6.83
CA PRO A 10 -9.70 -7.82 5.68
C PRO A 10 -8.58 -6.93 5.15
N LEU A 11 -8.68 -5.60 5.29
CA LEU A 11 -7.62 -4.66 4.88
C LEU A 11 -6.49 -4.60 5.92
N LEU A 12 -6.84 -4.68 7.22
CA LEU A 12 -5.90 -4.83 8.33
C LEU A 12 -5.09 -6.13 8.19
N LYS A 13 -5.69 -7.21 7.66
CA LYS A 13 -5.03 -8.52 7.46
C LYS A 13 -3.79 -8.44 6.55
N ILE A 14 -3.90 -7.64 5.48
CA ILE A 14 -2.85 -7.45 4.46
C ILE A 14 -1.64 -6.78 5.11
N LEU A 15 -1.87 -5.67 5.82
CA LEU A 15 -0.83 -4.94 6.54
C LEU A 15 -0.32 -5.70 7.78
N HIS A 16 -1.13 -6.52 8.46
CA HIS A 16 -0.63 -7.45 9.50
C HIS A 16 0.32 -8.50 8.92
N ALA A 17 0.07 -9.01 7.71
CA ALA A 17 1.04 -9.85 6.98
C ALA A 17 2.33 -9.08 6.60
N ALA A 18 2.30 -7.74 6.61
CA ALA A 18 3.45 -6.85 6.48
C ALA A 18 4.13 -6.48 7.83
N GLY A 19 3.69 -7.08 8.95
CA GLY A 19 4.18 -6.76 10.30
C GLY A 19 3.68 -5.43 10.88
N ALA A 20 2.65 -4.82 10.28
CA ALA A 20 2.09 -3.53 10.66
C ALA A 20 0.97 -3.64 11.72
N GLN A 21 0.20 -2.55 11.87
CA GLN A 21 -1.06 -2.47 12.63
C GLN A 21 -2.21 -1.96 11.76
N GLY A 22 -2.30 -2.47 10.52
CA GLY A 22 -3.29 -2.05 9.53
C GLY A 22 -2.89 -0.73 8.84
N GLU A 23 -3.68 0.31 9.08
CA GLU A 23 -3.59 1.64 8.45
C GLU A 23 -3.90 2.76 9.45
N MET A 24 -3.83 2.48 10.76
CA MET A 24 -4.17 3.40 11.87
C MET A 24 -3.20 4.59 12.08
N PHE A 25 -2.71 5.14 10.97
CA PHE A 25 -1.59 6.08 10.89
C PHE A 25 -1.47 6.81 9.52
N THR A 26 -0.54 7.76 9.45
CA THR A 26 -0.29 8.69 8.32
C THR A 26 0.24 8.01 7.04
N VAL A 27 0.24 8.76 5.93
CA VAL A 27 0.68 8.30 4.58
C VAL A 27 2.09 7.70 4.61
N LYS A 28 3.00 8.36 5.33
CA LYS A 28 4.39 7.91 5.45
C LYS A 28 4.56 6.58 6.19
N GLU A 29 3.66 6.28 7.13
CA GLU A 29 3.65 5.00 7.84
C GLU A 29 2.99 3.90 7.00
N VAL A 30 1.83 4.14 6.37
CA VAL A 30 1.21 3.12 5.47
C VAL A 30 2.14 2.71 4.34
N MET A 31 2.79 3.68 3.70
CA MET A 31 3.70 3.39 2.58
C MET A 31 5.01 2.72 3.03
N HIS A 32 5.46 2.94 4.27
CA HIS A 32 6.57 2.20 4.90
C HIS A 32 6.23 0.71 5.01
N TYR A 33 5.13 0.38 5.70
CA TYR A 33 4.60 -0.98 5.80
C TYR A 33 4.31 -1.62 4.44
N LEU A 34 3.77 -0.88 3.46
CA LEU A 34 3.50 -1.42 2.12
C LEU A 34 4.78 -1.67 1.30
N GLY A 35 5.82 -0.84 1.44
CA GLY A 35 7.13 -1.07 0.82
C GLY A 35 7.78 -2.36 1.31
N GLN A 36 7.81 -2.60 2.63
CA GLN A 36 8.27 -3.87 3.19
C GLN A 36 7.35 -5.05 2.84
N TYR A 37 6.03 -4.83 2.70
CA TYR A 37 5.12 -5.86 2.18
C TYR A 37 5.52 -6.32 0.78
N ILE A 38 5.69 -5.40 -0.17
CA ILE A 38 6.14 -5.72 -1.53
C ILE A 38 7.50 -6.45 -1.47
N MET A 39 8.42 -6.01 -0.61
CA MET A 39 9.73 -6.61 -0.45
C MET A 39 9.69 -8.07 0.09
N VAL A 40 8.75 -8.40 0.99
CA VAL A 40 8.56 -9.76 1.50
C VAL A 40 7.79 -10.64 0.50
N LYS A 41 6.68 -10.12 -0.02
CA LYS A 41 5.85 -10.80 -1.04
C LYS A 41 6.55 -10.95 -2.40
N GLN A 42 7.64 -10.19 -2.60
CA GLN A 42 8.54 -10.17 -3.77
C GLN A 42 7.79 -10.15 -5.11
N LEU A 43 6.72 -9.37 -5.15
CA LEU A 43 5.80 -9.23 -6.28
C LEU A 43 6.32 -8.19 -7.29
N TYR A 44 7.53 -8.38 -7.81
CA TYR A 44 8.22 -7.48 -8.73
C TYR A 44 8.89 -8.23 -9.89
N ASP A 45 9.34 -7.49 -10.92
CA ASP A 45 10.08 -8.08 -12.05
C ASP A 45 11.49 -8.54 -11.63
N GLN A 46 11.88 -9.74 -12.06
CA GLN A 46 13.23 -10.30 -11.94
C GLN A 46 14.35 -9.34 -12.41
N GLN A 47 14.11 -8.60 -13.50
CA GLN A 47 15.06 -7.65 -14.10
C GLN A 47 14.93 -6.22 -13.53
N GLU A 48 13.84 -5.90 -12.84
CA GLU A 48 13.62 -4.58 -12.24
C GLU A 48 12.69 -4.64 -11.01
N GLN A 49 13.33 -4.72 -9.84
CA GLN A 49 12.69 -4.68 -8.53
C GLN A 49 11.88 -3.39 -8.29
N HIS A 50 12.13 -2.34 -9.09
CA HIS A 50 11.39 -1.07 -9.04
C HIS A 50 9.97 -1.16 -9.63
N MET A 51 9.67 -2.23 -10.37
CA MET A 51 8.39 -2.45 -11.06
C MET A 51 7.61 -3.60 -10.40
N VAL A 52 6.41 -3.31 -9.90
CA VAL A 52 5.58 -4.21 -9.10
C VAL A 52 4.53 -4.91 -10.00
N TYR A 53 4.39 -6.22 -9.81
CA TYR A 53 3.47 -7.12 -10.50
C TYR A 53 2.80 -8.06 -9.48
N CYS A 54 1.60 -7.66 -9.05
CA CYS A 54 0.85 -8.24 -7.95
C CYS A 54 0.11 -9.54 -8.29
N GLY A 55 -0.21 -9.77 -9.58
CA GLY A 55 -0.82 -11.00 -10.08
C GLY A 55 -2.08 -11.49 -9.32
N GLY A 56 -2.92 -10.57 -8.85
CA GLY A 56 -4.15 -10.87 -8.11
C GLY A 56 -3.99 -10.98 -6.58
N ASP A 57 -2.86 -10.55 -5.99
CA ASP A 57 -2.70 -10.47 -4.53
C ASP A 57 -3.66 -9.44 -3.91
N LEU A 58 -3.92 -9.58 -2.61
CA LEU A 58 -4.70 -8.62 -1.84
C LEU A 58 -4.13 -7.19 -1.91
N LEU A 59 -2.81 -7.02 -2.12
CA LEU A 59 -2.16 -5.75 -2.44
C LEU A 59 -2.76 -5.09 -3.70
N GLY A 60 -2.91 -5.88 -4.77
CA GLY A 60 -3.56 -5.44 -6.02
C GLY A 60 -5.05 -5.15 -5.85
N GLU A 61 -5.76 -5.98 -5.06
CA GLU A 61 -7.17 -5.74 -4.74
C GLU A 61 -7.36 -4.47 -3.89
N LEU A 62 -6.44 -4.18 -2.96
CA LEU A 62 -6.42 -2.96 -2.15
C LEU A 62 -6.19 -1.70 -3.01
N LEU A 63 -5.21 -1.76 -3.91
CA LEU A 63 -4.84 -0.62 -4.79
C LEU A 63 -5.78 -0.45 -6.00
N GLY A 64 -6.57 -1.48 -6.36
CA GLY A 64 -7.53 -1.46 -7.48
C GLY A 64 -6.89 -1.73 -8.85
N ARG A 65 -5.56 -1.91 -8.88
CA ARG A 65 -4.72 -2.32 -10.02
C ARG A 65 -3.56 -3.14 -9.50
N GLN A 66 -3.21 -4.17 -10.26
CA GLN A 66 -2.23 -5.17 -9.86
C GLN A 66 -0.82 -4.88 -10.41
N SER A 67 -0.57 -3.68 -10.94
CA SER A 67 0.80 -3.23 -11.30
C SER A 67 1.00 -1.73 -11.10
N PHE A 68 2.18 -1.35 -10.61
CA PHE A 68 2.62 0.03 -10.32
C PHE A 68 4.16 0.06 -10.14
N SER A 69 4.76 1.24 -10.01
CA SER A 69 6.22 1.39 -9.87
C SER A 69 6.62 2.50 -8.90
N VAL A 70 7.92 2.66 -8.63
CA VAL A 70 8.46 3.81 -7.89
C VAL A 70 8.35 5.14 -8.66
N LYS A 71 8.05 5.11 -9.97
CA LYS A 71 7.74 6.29 -10.81
C LYS A 71 6.23 6.58 -10.89
N ASP A 72 5.39 5.59 -10.65
CA ASP A 72 3.92 5.68 -10.60
C ASP A 72 3.33 5.13 -9.28
N PRO A 73 3.67 5.71 -8.10
CA PRO A 73 3.16 5.28 -6.79
C PRO A 73 1.73 5.78 -6.49
N SER A 74 1.13 6.53 -7.42
CA SER A 74 -0.19 7.15 -7.34
C SER A 74 -1.34 6.26 -6.81
N PRO A 75 -1.38 4.92 -7.04
CA PRO A 75 -2.45 4.08 -6.49
C PRO A 75 -2.56 4.09 -4.96
N LEU A 76 -1.46 4.29 -4.22
CA LEU A 76 -1.48 4.45 -2.76
C LEU A 76 -2.20 5.75 -2.37
N TYR A 77 -1.79 6.86 -3.00
CA TYR A 77 -2.35 8.17 -2.70
C TYR A 77 -3.85 8.24 -3.08
N ASP A 78 -4.28 7.55 -4.14
CA ASP A 78 -5.70 7.42 -4.49
C ASP A 78 -6.51 6.57 -3.50
N MET A 79 -5.87 5.58 -2.88
CA MET A 79 -6.40 4.79 -1.75
C MET A 79 -6.55 5.66 -0.49
N LEU A 80 -5.65 6.62 -0.26
CA LEU A 80 -5.56 7.43 0.97
C LEU A 80 -6.35 8.75 0.92
N ARG A 81 -6.39 9.45 -0.23
CA ARG A 81 -7.17 10.69 -0.46
C ARG A 81 -8.67 10.54 -0.19
N LYS A 82 -9.14 9.30 -0.32
CA LYS A 82 -10.52 8.85 -0.04
C LYS A 82 -10.84 8.84 1.45
N ASN A 83 -9.84 8.67 2.33
CA ASN A 83 -10.02 8.75 3.79
C ASN A 83 -9.36 9.97 4.46
N LEU A 84 -8.02 10.06 4.43
CA LEU A 84 -7.25 11.23 4.85
C LEU A 84 -7.51 12.40 3.88
N VAL A 85 -7.63 13.63 4.39
CA VAL A 85 -7.68 14.85 3.55
C VAL A 85 -6.26 15.16 3.04
N THR A 86 -5.81 14.37 2.06
CA THR A 86 -4.47 14.43 1.45
C THR A 86 -4.51 14.49 -0.08
N LEU A 87 -3.34 14.73 -0.66
CA LEU A 87 -3.12 14.97 -2.10
C LEU A 87 -2.91 13.66 -2.87
N ALA A 88 -3.34 13.65 -4.14
CA ALA A 88 -3.13 12.57 -5.11
C ALA A 88 -3.07 13.11 -6.55
N THR A 89 -2.77 12.23 -7.52
CA THR A 89 -2.58 12.58 -8.93
C THR A 89 -2.86 11.43 -9.91
N 49H B . 11.90 2.92 -2.55
CG1 49H B . 8.94 1.94 -1.33
CG2 49H B . 10.15 4.58 -1.78
CG3 49H B . 12.48 0.85 -3.68
CD1 49H B . 8.60 1.23 -2.49
CD2 49H B . 7.93 2.48 -0.53
CD3 49H B . 9.48 4.61 -3.00
CD4 49H B . 9.98 5.63 -0.87
CD5 49H B . 13.29 1.52 -4.61
CD6 49H B . 12.19 -0.50 -3.92
CE1 49H B . 7.26 1.08 -2.84
CE2 49H B . 6.59 2.32 -0.89
CE3 49H B . 8.64 5.68 -3.31
CE4 49H B . 9.17 6.72 -1.19
CE5 49H B . 13.86 0.86 -5.69
CE6 49H B . 12.79 -1.16 -5.00
CZ1 49H B . 6.25 1.62 -2.04
CZ2 49H B . 8.50 6.74 -2.42
CZ3 49H B . 13.63 -0.49 -5.87
CL1 49H B . 4.60 1.43 -2.48
CL2 49H B . 7.80 5.71 -4.81
CM1 49H B . 15.41 -0.79 -7.56
CM2 49H B . 9.55 -2.02 -4.64
CM3 49H B . 9.80 -2.86 -2.27
C1 49H B . 14.33 -2.29 0.63
N1 49H B . 15.30 -1.36 0.65
O1 49H B . 14.58 -3.37 1.12
C2 49H B . 15.16 -0.01 0.10
N2 49H B . 12.79 -0.55 -0.53
C3 49H B . 14.04 0.10 -0.96
N3 49H B . 11.29 1.07 -1.38
O3 49H B . 14.19 -1.21 -6.91
C4 49H B . 12.97 -1.92 0.05
C5 49H B . 11.54 0.01 -0.57
O5 49H B . 10.65 -0.42 0.14
C6 49H B . 11.95 1.64 -2.51
O6 49H B . 11.28 -1.17 -3.13
C7 49H B . 11.08 3.41 -1.42
C8 49H B . 10.40 2.12 -0.89
C9 49H B . 10.54 -2.37 -3.52
HD1 49H B . 9.37 0.81 -3.12
HD2 49H B . 8.17 3.03 0.38
HD3 49H B . 9.59 3.80 -3.71
HD4 49H B . 10.49 5.61 0.09
HD5 49H B . 13.52 2.58 -4.47
HE1 49H B . 7.00 0.53 -3.75
HE2 49H B . 5.81 2.77 -0.27
HE4 49H B . 9.05 7.53 -0.48
HE5 49H B . 14.50 1.42 -6.37
HE6 49H B . 12.59 -2.22 -5.19
HZ2 49H B . 7.85 7.58 -2.67
HM11 49H B . 15.71 -1.56 -8.29
HM12 49H B . 15.25 0.16 -8.09
HM13 49H B . 16.20 -0.68 -6.82
HM21 49H B . 9.04 -2.93 -4.99
HM22 49H B . 8.79 -1.31 -4.29
HM23 49H B . 10.06 -1.58 -5.50
HM31 49H B . 10.50 -2.97 -1.44
HM32 49H B . 9.03 -2.15 -1.97
HM33 49H B . 9.35 -3.83 -2.45
HN1 49H B . 16.18 -1.63 1.05
H21 49H B . 14.92 0.67 0.92
H22 49H B . 16.10 0.32 -0.34
H31 49H B . 13.90 1.16 -1.15
H32 49H B . 14.38 -0.38 -1.89
H41 49H B . 12.79 -2.65 -0.74
H42 49H B . 12.26 -2.08 0.86
H7 49H B . 11.78 3.76 -0.65
H8 49H B . 10.45 2.16 0.21
H9 49H B . 11.25 -3.14 -3.84
N GLN A 1 -8.90 9.68 18.32
CA GLN A 1 -9.07 9.96 16.89
C GLN A 1 -7.86 10.72 16.30
N ILE A 2 -7.50 10.40 15.04
CA ILE A 2 -6.35 10.97 14.32
C ILE A 2 -6.68 11.34 12.87
N ASN A 3 -5.88 12.24 12.29
CA ASN A 3 -6.11 12.86 10.98
C ASN A 3 -5.44 12.08 9.84
N GLN A 4 -5.78 10.79 9.76
CA GLN A 4 -5.18 9.72 8.95
C GLN A 4 -6.14 8.51 8.89
N VAL A 5 -5.71 7.40 8.29
CA VAL A 5 -6.54 6.23 7.93
C VAL A 5 -6.62 5.21 9.08
N ARG A 6 -7.48 4.18 8.92
CA ARG A 6 -7.65 2.93 9.69
C ARG A 6 -8.44 1.92 8.81
N PRO A 7 -8.19 0.59 8.88
CA PRO A 7 -8.87 -0.40 8.04
C PRO A 7 -9.95 -1.23 8.78
N LYS A 8 -10.69 -2.03 8.02
CA LYS A 8 -11.59 -3.08 8.50
C LYS A 8 -10.76 -4.36 8.68
N LEU A 9 -11.20 -5.33 9.50
CA LEU A 9 -10.44 -6.54 9.85
C LEU A 9 -9.82 -7.29 8.64
N PRO A 10 -10.54 -7.55 7.52
CA PRO A 10 -9.96 -8.21 6.34
C PRO A 10 -8.87 -7.40 5.62
N LEU A 11 -8.89 -6.06 5.74
CA LEU A 11 -7.89 -5.16 5.14
C LEU A 11 -6.69 -4.95 6.07
N LEU A 12 -6.92 -4.88 7.38
CA LEU A 12 -5.90 -4.89 8.44
C LEU A 12 -5.08 -6.19 8.42
N LYS A 13 -5.69 -7.32 8.03
CA LYS A 13 -5.04 -8.63 7.84
C LYS A 13 -3.87 -8.56 6.83
N ILE A 14 -4.05 -7.78 5.78
CA ILE A 14 -3.12 -7.60 4.65
C ILE A 14 -1.85 -6.91 5.15
N LEU A 15 -2.00 -5.78 5.85
CA LEU A 15 -0.88 -5.07 6.45
C LEU A 15 -0.27 -5.83 7.65
N HIS A 16 -1.06 -6.61 8.41
CA HIS A 16 -0.54 -7.55 9.42
C HIS A 16 0.36 -8.65 8.80
N ALA A 17 0.10 -9.10 7.58
CA ALA A 17 0.99 -10.01 6.85
C ALA A 17 2.41 -9.42 6.63
N ALA A 18 2.54 -8.09 6.66
CA ALA A 18 3.80 -7.35 6.61
C ALA A 18 4.18 -6.72 7.97
N GLY A 19 3.69 -7.28 9.09
CA GLY A 19 4.09 -6.91 10.45
C GLY A 19 3.54 -5.57 10.96
N ALA A 20 2.56 -4.99 10.29
CA ALA A 20 1.99 -3.68 10.62
C ALA A 20 0.92 -3.74 11.74
N GLN A 21 0.23 -2.61 11.90
CA GLN A 21 -0.99 -2.43 12.72
C GLN A 21 -2.15 -1.87 11.87
N GLY A 22 -2.34 -2.45 10.68
CA GLY A 22 -3.35 -2.05 9.70
C GLY A 22 -2.93 -0.82 8.89
N GLU A 23 -3.70 0.25 8.98
CA GLU A 23 -3.48 1.55 8.34
C GLU A 23 -3.75 2.69 9.34
N MET A 24 -3.79 2.40 10.64
CA MET A 24 -4.24 3.30 11.72
C MET A 24 -3.18 4.37 12.09
N PHE A 25 -2.70 5.05 11.04
CA PHE A 25 -1.55 5.96 11.03
C PHE A 25 -1.38 6.68 9.67
N THR A 26 -0.48 7.66 9.60
CA THR A 26 -0.28 8.60 8.47
C THR A 26 0.27 7.92 7.19
N VAL A 27 0.25 8.67 6.07
CA VAL A 27 0.75 8.27 4.73
C VAL A 27 2.15 7.65 4.79
N LYS A 28 3.05 8.27 5.57
CA LYS A 28 4.45 7.84 5.68
C LYS A 28 4.60 6.49 6.38
N GLU A 29 3.70 6.17 7.30
CA GLU A 29 3.67 4.88 7.99
C GLU A 29 3.01 3.81 7.11
N VAL A 30 1.87 4.08 6.44
CA VAL A 30 1.28 3.09 5.51
C VAL A 30 2.25 2.68 4.41
N MET A 31 2.90 3.65 3.79
CA MET A 31 3.83 3.40 2.67
C MET A 31 5.12 2.70 3.13
N HIS A 32 5.50 2.82 4.41
CA HIS A 32 6.59 2.05 5.04
C HIS A 32 6.22 0.56 5.12
N TYR A 33 5.12 0.21 5.81
CA TYR A 33 4.58 -1.15 5.89
C TYR A 33 4.30 -1.78 4.51
N LEU A 34 3.81 -0.99 3.54
CA LEU A 34 3.55 -1.44 2.17
C LEU A 34 4.85 -1.67 1.39
N GLY A 35 5.88 -0.84 1.56
CA GLY A 35 7.23 -1.06 1.02
C GLY A 35 7.84 -2.40 1.47
N GLN A 36 7.77 -2.70 2.78
CA GLN A 36 8.21 -4.01 3.29
C GLN A 36 7.28 -5.16 2.88
N TYR A 37 5.97 -4.94 2.70
CA TYR A 37 5.07 -5.95 2.08
C TYR A 37 5.59 -6.35 0.70
N ILE A 38 5.88 -5.38 -0.18
CA ILE A 38 6.44 -5.62 -1.52
C ILE A 38 7.77 -6.37 -1.42
N MET A 39 8.66 -5.97 -0.51
CA MET A 39 9.97 -6.62 -0.35
C MET A 39 9.88 -8.06 0.20
N VAL A 40 8.86 -8.38 1.02
CA VAL A 40 8.57 -9.75 1.49
C VAL A 40 7.94 -10.60 0.39
N LYS A 41 6.87 -10.11 -0.25
CA LYS A 41 6.20 -10.78 -1.39
C LYS A 41 7.07 -10.85 -2.65
N GLN A 42 8.14 -10.05 -2.72
CA GLN A 42 9.16 -9.98 -3.77
C GLN A 42 8.58 -10.02 -5.20
N LEU A 43 7.50 -9.26 -5.38
CA LEU A 43 6.63 -9.27 -6.56
C LEU A 43 6.93 -8.14 -7.56
N TYR A 44 8.16 -7.61 -7.51
CA TYR A 44 8.73 -6.68 -8.48
C TYR A 44 9.39 -7.43 -9.65
N ASP A 45 9.66 -6.75 -10.77
CA ASP A 45 10.30 -7.37 -11.93
C ASP A 45 11.82 -7.60 -11.69
N GLN A 46 12.30 -8.79 -12.05
CA GLN A 46 13.72 -9.16 -12.09
C GLN A 46 14.58 -8.21 -12.93
N GLN A 47 14.03 -7.69 -14.04
CA GLN A 47 14.70 -6.74 -14.95
C GLN A 47 14.63 -5.30 -14.46
N GLU A 48 13.62 -4.95 -13.65
CA GLU A 48 13.40 -3.60 -13.12
C GLU A 48 12.65 -3.65 -11.78
N GLN A 49 13.44 -3.63 -10.70
CA GLN A 49 12.98 -3.58 -9.31
C GLN A 49 12.13 -2.32 -9.02
N HIS A 50 12.22 -1.31 -9.89
CA HIS A 50 11.39 -0.10 -9.82
C HIS A 50 9.89 -0.38 -10.07
N MET A 51 9.57 -1.43 -10.83
CA MET A 51 8.22 -1.83 -11.24
C MET A 51 7.67 -2.94 -10.34
N VAL A 52 6.43 -2.80 -9.86
CA VAL A 52 5.81 -3.65 -8.84
C VAL A 52 4.48 -4.22 -9.34
N TYR A 53 4.29 -5.54 -9.17
CA TYR A 53 3.05 -6.26 -9.43
C TYR A 53 2.36 -6.71 -8.12
N CYS A 54 1.09 -7.07 -8.22
CA CYS A 54 0.22 -7.59 -7.14
C CYS A 54 -0.78 -8.63 -7.66
N GLY A 55 -0.40 -9.36 -8.71
CA GLY A 55 -1.33 -10.23 -9.46
C GLY A 55 -2.05 -11.26 -8.59
N GLY A 56 -3.38 -11.10 -8.48
CA GLY A 56 -4.27 -11.96 -7.69
C GLY A 56 -4.11 -11.84 -6.17
N ASP A 57 -3.38 -10.85 -5.63
CA ASP A 57 -3.13 -10.73 -4.18
C ASP A 57 -4.07 -9.71 -3.51
N LEU A 58 -4.22 -9.85 -2.20
CA LEU A 58 -5.06 -8.99 -1.37
C LEU A 58 -4.58 -7.53 -1.41
N LEU A 59 -3.29 -7.27 -1.64
CA LEU A 59 -2.77 -5.92 -1.88
C LEU A 59 -3.27 -5.30 -3.20
N GLY A 60 -3.38 -6.12 -4.25
CA GLY A 60 -3.99 -5.72 -5.53
C GLY A 60 -5.49 -5.44 -5.38
N GLU A 61 -6.20 -6.25 -4.58
CA GLU A 61 -7.59 -6.01 -4.22
C GLU A 61 -7.76 -4.73 -3.37
N LEU A 62 -6.81 -4.43 -2.46
CA LEU A 62 -6.81 -3.23 -1.63
C LEU A 62 -6.59 -1.94 -2.45
N LEU A 63 -5.66 -1.96 -3.41
CA LEU A 63 -5.36 -0.81 -4.29
C LEU A 63 -6.33 -0.67 -5.48
N GLY A 64 -7.02 -1.75 -5.88
CA GLY A 64 -7.94 -1.79 -7.01
C GLY A 64 -7.27 -2.03 -8.38
N ARG A 65 -5.94 -2.18 -8.40
CA ARG A 65 -5.13 -2.62 -9.55
C ARG A 65 -3.92 -3.45 -9.12
N GLN A 66 -3.45 -4.28 -10.05
CA GLN A 66 -2.41 -5.29 -9.81
C GLN A 66 -1.01 -4.85 -10.26
N SER A 67 -0.84 -3.55 -10.50
CA SER A 67 0.49 -2.96 -10.72
C SER A 67 0.63 -1.48 -10.34
N PHE A 68 1.86 -1.07 -10.01
CA PHE A 68 2.31 0.32 -9.79
C PHE A 68 3.86 0.36 -9.82
N SER A 69 4.47 1.53 -9.65
CA SER A 69 5.94 1.66 -9.61
C SER A 69 6.42 2.75 -8.64
N VAL A 70 7.74 2.82 -8.40
CA VAL A 70 8.34 3.94 -7.64
C VAL A 70 8.40 5.26 -8.44
N LYS A 71 8.05 5.24 -9.73
CA LYS A 71 7.86 6.45 -10.57
C LYS A 71 6.38 6.88 -10.63
N ASP A 72 5.45 5.93 -10.48
CA ASP A 72 3.99 6.14 -10.45
C ASP A 72 3.35 5.47 -9.21
N PRO A 73 3.58 6.01 -7.99
CA PRO A 73 2.96 5.52 -6.74
C PRO A 73 1.51 5.99 -6.56
N SER A 74 0.95 6.72 -7.52
CA SER A 74 -0.39 7.32 -7.53
C SER A 74 -1.54 6.41 -7.05
N PRO A 75 -1.55 5.09 -7.30
CA PRO A 75 -2.60 4.19 -6.79
C PRO A 75 -2.71 4.12 -5.25
N LEU A 76 -1.62 4.38 -4.51
CA LEU A 76 -1.65 4.52 -3.05
C LEU A 76 -2.30 5.84 -2.64
N TYR A 77 -1.92 6.93 -3.31
CA TYR A 77 -2.45 8.25 -3.02
C TYR A 77 -3.94 8.38 -3.39
N ASP A 78 -4.40 7.67 -4.43
CA ASP A 78 -5.84 7.57 -4.75
C ASP A 78 -6.64 6.79 -3.69
N MET A 79 -5.99 5.82 -3.06
CA MET A 79 -6.48 5.10 -1.88
C MET A 79 -6.58 6.02 -0.64
N LEU A 80 -5.62 6.96 -0.48
CA LEU A 80 -5.52 7.85 0.68
C LEU A 80 -6.35 9.14 0.57
N ARG A 81 -6.42 9.78 -0.62
CA ARG A 81 -7.16 11.04 -0.87
C ARG A 81 -8.65 10.95 -0.54
N LYS A 82 -9.19 9.74 -0.65
CA LYS A 82 -10.56 9.35 -0.31
C LYS A 82 -10.82 9.34 1.21
N ASN A 83 -9.78 9.12 2.02
CA ASN A 83 -9.87 9.06 3.49
C ASN A 83 -9.34 10.31 4.23
N LEU A 84 -8.21 10.89 3.82
CA LEU A 84 -7.71 12.19 4.30
C LEU A 84 -7.37 13.13 3.13
N VAL A 85 -7.55 14.45 3.32
CA VAL A 85 -7.08 15.48 2.38
C VAL A 85 -5.56 15.63 2.55
N THR A 86 -4.79 15.26 1.52
CA THR A 86 -3.32 15.22 1.56
C THR A 86 -2.68 15.43 0.18
N LEU A 87 -1.35 15.55 0.17
CA LEU A 87 -0.52 15.72 -1.03
C LEU A 87 -0.22 14.37 -1.72
N ALA A 88 0.12 14.42 -3.01
CA ALA A 88 0.39 13.25 -3.85
C ALA A 88 1.46 13.50 -4.92
N THR A 89 1.91 12.42 -5.57
CA THR A 89 2.98 12.46 -6.59
C THR A 89 2.92 11.29 -7.58
N 49H B . 11.79 3.76 -2.50
CG1 49H B . 8.96 2.54 -1.32
CG2 49H B . 9.93 5.30 -1.75
CG3 49H B . 12.55 1.72 -3.54
CD1 49H B . 8.75 1.81 -2.48
CD2 49H B . 7.86 2.98 -0.58
CD3 49H B . 9.23 5.24 -2.95
CD4 49H B . 9.71 6.37 -0.88
CD5 49H B . 13.23 2.43 -4.54
CD6 49H B . 12.42 0.32 -3.69
CE1 49H B . 7.45 1.54 -2.92
CE2 49H B . 6.56 2.71 -1.02
CE3 49H B . 8.33 6.24 -3.29
CE4 49H B . 8.81 7.39 -1.23
CE5 49H B . 13.83 1.78 -5.62
CE6 49H B . 13.05 -0.33 -4.75
CZ1 49H B . 6.36 2.00 -2.20
CZ2 49H B . 8.12 7.32 -2.43
CZ3 49H B . 13.76 0.40 -5.71
CL1 49H B . 4.76 1.69 -2.77
CL2 49H B . 7.46 6.15 -4.78
CM1 49H B . 15.68 -0.85 -6.49
CM2 49H B . 9.97 -1.47 -4.29
CM3 49H B . 10.25 -2.13 -1.86
C1 49H B . 14.98 -0.76 0.90
N1 49H B . 15.85 0.22 0.68
O1 49H B . 15.41 -1.80 1.38
C2 49H B . 15.48 1.52 0.13
N2 49H B . 13.11 0.67 -0.24
C3 49H B . 14.25 1.45 -0.80
N3 49H B . 11.39 1.93 -1.24
O3 49H B . 14.39 -0.25 -6.74
C4 49H B . 13.51 -0.54 0.57
C5 49H B . 11.79 0.99 -0.35
O5 49H B . 10.98 0.48 0.39
C6 49H B . 11.97 2.50 -2.40
O6 49H B . 11.63 -0.40 -2.82
C7 49H B . 10.95 4.23 -1.37
C8 49H B . 10.37 2.89 -0.81
C9 49H B . 10.98 -1.66 -3.14
HD1 49H B . 9.58 1.45 -3.08
HD2 49H B . 7.99 3.55 0.34
HD3 49H B . 9.39 4.41 -3.64
HD4 49H B . 10.25 6.44 0.06
HD5 49H B . 13.33 3.51 -4.48
HE1 49H B . 7.29 0.98 -3.84
HE2 49H B . 5.71 3.07 -0.46
HE4 49H B . 8.65 8.24 -0.55
HE5 49H B . 14.37 2.34 -6.36
HE6 49H B . 12.99 -1.40 -4.88
HZ2 49H B . 7.42 8.11 -2.71
HM11 49H B . 15.58 -1.65 -5.75
HM12 49H B . 16.08 -1.25 -7.43
HM13 49H B . 16.37 -0.08 -6.10
HM21 49H B . 9.50 -2.43 -4.54
HM22 49H B . 9.18 -0.77 -4.01
HM23 49H B . 10.45 -1.10 -5.19
HM31 49H B . 9.49 -1.41 -1.57
HM32 49H B . 9.78 -3.10 -2.02
HM33 49H B . 10.97 -2.23 -1.04
HN1 49H B . 16.81 0.04 0.90
H21 49H B . 15.24 2.19 0.95
H22 49H B . 16.32 1.95 -0.44
H31 49H B . 13.95 2.47 -0.99
H32 49H B . 14.55 0.97 -1.75
H41 49H B . 13.17 -1.43 0.04
H42 49H B . 13.00 -0.49 1.53
H7 49H B . 11.62 4.64 -0.61
H8 49H B . 10.35 2.96 0.28
H9 49H B . 11.73 -2.41 -3.41
N GLN A 1 -9.46 11.14 18.29
CA GLN A 1 -8.76 10.49 17.17
C GLN A 1 -7.75 11.43 16.48
N ILE A 2 -6.74 10.84 15.81
CA ILE A 2 -5.73 11.57 15.02
C ILE A 2 -6.21 11.89 13.61
N ASN A 3 -5.47 12.76 12.91
CA ASN A 3 -5.78 13.28 11.58
C ASN A 3 -5.43 12.31 10.43
N GLN A 4 -5.55 11.02 10.70
CA GLN A 4 -5.06 9.87 9.94
C GLN A 4 -6.16 8.85 9.60
N VAL A 5 -5.74 7.76 8.93
CA VAL A 5 -6.59 6.64 8.50
C VAL A 5 -6.59 5.55 9.58
N ARG A 6 -7.46 4.56 9.36
CA ARG A 6 -7.62 3.25 10.03
C ARG A 6 -8.41 2.31 9.09
N PRO A 7 -8.09 0.99 9.01
CA PRO A 7 -8.71 0.05 8.08
C PRO A 7 -9.80 -0.82 8.72
N LYS A 8 -10.55 -1.54 7.86
CA LYS A 8 -11.49 -2.62 8.25
C LYS A 8 -10.71 -3.92 8.46
N LEU A 9 -11.25 -4.91 9.17
CA LEU A 9 -10.56 -6.16 9.52
C LEU A 9 -9.85 -6.89 8.37
N PRO A 10 -10.44 -7.11 7.17
CA PRO A 10 -9.74 -7.75 6.06
C PRO A 10 -8.62 -6.88 5.46
N LEU A 11 -8.73 -5.54 5.54
CA LEU A 11 -7.67 -4.61 5.10
C LEU A 11 -6.52 -4.53 6.12
N LEU A 12 -6.84 -4.61 7.42
CA LEU A 12 -5.87 -4.76 8.51
C LEU A 12 -5.08 -6.07 8.37
N LYS A 13 -5.71 -7.15 7.87
CA LYS A 13 -5.10 -8.47 7.63
C LYS A 13 -3.91 -8.41 6.65
N ILE A 14 -4.10 -7.65 5.56
CA ILE A 14 -3.10 -7.42 4.50
C ILE A 14 -1.84 -6.80 5.12
N LEU A 15 -2.00 -5.69 5.86
CA LEU A 15 -0.88 -5.02 6.50
C LEU A 15 -0.29 -5.80 7.69
N HIS A 16 -1.09 -6.60 8.41
CA HIS A 16 -0.59 -7.58 9.40
C HIS A 16 0.30 -8.65 8.77
N ALA A 17 0.05 -9.07 7.52
CA ALA A 17 0.96 -9.98 6.80
C ALA A 17 2.38 -9.41 6.60
N ALA A 18 2.54 -8.08 6.68
CA ALA A 18 3.82 -7.37 6.68
C ALA A 18 4.19 -6.76 8.05
N GLY A 19 3.67 -7.31 9.15
CA GLY A 19 4.05 -6.96 10.53
C GLY A 19 3.56 -5.59 11.02
N ALA A 20 2.60 -4.96 10.34
CA ALA A 20 2.06 -3.64 10.66
C ALA A 20 0.97 -3.69 11.75
N GLN A 21 0.26 -2.57 11.90
CA GLN A 21 -0.97 -2.40 12.69
C GLN A 21 -2.11 -1.82 11.83
N GLY A 22 -2.30 -2.42 10.65
CA GLY A 22 -3.28 -2.01 9.64
C GLY A 22 -2.87 -0.73 8.90
N GLU A 23 -3.66 0.33 9.07
CA GLU A 23 -3.51 1.65 8.45
C GLU A 23 -3.83 2.76 9.46
N MET A 24 -3.79 2.46 10.75
CA MET A 24 -4.20 3.35 11.86
C MET A 24 -3.15 4.44 12.19
N PHE A 25 -2.66 5.09 11.13
CA PHE A 25 -1.50 6.01 11.13
C PHE A 25 -1.32 6.78 9.81
N THR A 26 -0.34 7.69 9.79
CA THR A 26 -0.03 8.66 8.71
C THR A 26 0.44 8.01 7.40
N VAL A 27 0.48 8.81 6.33
CA VAL A 27 0.88 8.42 4.96
C VAL A 27 2.29 7.79 4.94
N LYS A 28 3.22 8.38 5.69
CA LYS A 28 4.60 7.88 5.81
C LYS A 28 4.70 6.50 6.48
N GLU A 29 3.77 6.19 7.39
CA GLU A 29 3.71 4.88 8.05
C GLU A 29 3.05 3.84 7.15
N VAL A 30 1.89 4.12 6.52
CA VAL A 30 1.28 3.17 5.55
C VAL A 30 2.23 2.80 4.42
N MET A 31 2.92 3.79 3.86
CA MET A 31 3.84 3.56 2.75
C MET A 31 5.13 2.82 3.17
N HIS A 32 5.56 2.97 4.43
CA HIS A 32 6.64 2.18 5.04
C HIS A 32 6.26 0.68 5.08
N TYR A 33 5.17 0.33 5.76
CA TYR A 33 4.61 -1.02 5.80
C TYR A 33 4.33 -1.61 4.40
N LEU A 34 3.89 -0.82 3.43
CA LEU A 34 3.70 -1.29 2.05
C LEU A 34 5.03 -1.57 1.31
N GLY A 35 6.07 -0.75 1.50
CA GLY A 35 7.41 -1.02 0.96
C GLY A 35 7.94 -2.39 1.42
N GLN A 36 7.84 -2.69 2.72
CA GLN A 36 8.21 -4.00 3.24
C GLN A 36 7.23 -5.12 2.86
N TYR A 37 5.92 -4.86 2.70
CA TYR A 37 4.97 -5.85 2.12
C TYR A 37 5.43 -6.28 0.72
N ILE A 38 5.71 -5.33 -0.18
CA ILE A 38 6.23 -5.61 -1.53
C ILE A 38 7.55 -6.39 -1.46
N MET A 39 8.47 -5.99 -0.57
CA MET A 39 9.75 -6.68 -0.40
C MET A 39 9.61 -8.11 0.17
N VAL A 40 8.61 -8.38 1.01
CA VAL A 40 8.27 -9.73 1.50
C VAL A 40 7.59 -10.57 0.42
N LYS A 41 6.56 -10.03 -0.25
CA LYS A 41 5.89 -10.70 -1.38
C LYS A 41 6.81 -10.85 -2.61
N GLN A 42 7.92 -10.11 -2.65
CA GLN A 42 8.99 -10.10 -3.66
C GLN A 42 8.45 -10.13 -5.11
N LEU A 43 7.40 -9.32 -5.32
CA LEU A 43 6.55 -9.32 -6.52
C LEU A 43 6.91 -8.18 -7.50
N TYR A 44 8.14 -7.67 -7.40
CA TYR A 44 8.74 -6.69 -8.33
C TYR A 44 9.44 -7.38 -9.50
N ASP A 45 9.77 -6.62 -10.55
CA ASP A 45 10.48 -7.16 -11.73
C ASP A 45 11.94 -7.49 -11.42
N GLN A 46 12.43 -8.63 -11.93
CA GLN A 46 13.83 -9.06 -11.87
C GLN A 46 14.83 -7.99 -12.36
N GLN A 47 14.46 -7.25 -13.42
CA GLN A 47 15.34 -6.30 -14.11
C GLN A 47 15.13 -4.84 -13.67
N GLU A 48 14.01 -4.54 -13.01
CA GLU A 48 13.71 -3.24 -12.42
C GLU A 48 12.89 -3.43 -11.14
N GLN A 49 13.62 -3.46 -10.01
CA GLN A 49 13.01 -3.62 -8.68
C GLN A 49 12.11 -2.42 -8.32
N HIS A 50 12.20 -1.32 -9.06
CA HIS A 50 11.33 -0.16 -8.90
C HIS A 50 9.89 -0.40 -9.44
N MET A 51 9.71 -1.41 -10.31
CA MET A 51 8.44 -1.79 -10.91
C MET A 51 7.82 -2.95 -10.13
N VAL A 52 6.55 -2.81 -9.73
CA VAL A 52 5.84 -3.69 -8.80
C VAL A 52 4.59 -4.30 -9.44
N TYR A 53 4.42 -5.60 -9.32
CA TYR A 53 3.21 -6.34 -9.67
C TYR A 53 2.42 -6.74 -8.41
N CYS A 54 1.14 -7.07 -8.59
CA CYS A 54 0.20 -7.50 -7.55
C CYS A 54 -0.81 -8.54 -8.08
N GLY A 55 -0.41 -9.34 -9.07
CA GLY A 55 -1.33 -10.25 -9.77
C GLY A 55 -1.96 -11.28 -8.82
N GLY A 56 -3.27 -11.19 -8.63
CA GLY A 56 -4.05 -12.01 -7.69
C GLY A 56 -3.81 -11.69 -6.20
N ASP A 57 -3.16 -10.57 -5.84
CA ASP A 57 -2.86 -10.21 -4.46
C ASP A 57 -3.92 -9.24 -3.90
N LEU A 58 -4.20 -9.37 -2.60
CA LEU A 58 -5.10 -8.47 -1.88
C LEU A 58 -4.67 -7.00 -1.97
N LEU A 59 -3.37 -6.72 -2.15
CA LEU A 59 -2.86 -5.38 -2.44
C LEU A 59 -3.32 -4.86 -3.81
N GLY A 60 -3.38 -5.71 -4.83
CA GLY A 60 -3.96 -5.36 -6.14
C GLY A 60 -5.47 -5.14 -6.04
N GLU A 61 -6.17 -5.95 -5.26
CA GLU A 61 -7.59 -5.77 -4.96
C GLU A 61 -7.85 -4.46 -4.19
N LEU A 62 -6.96 -4.06 -3.27
CA LEU A 62 -7.02 -2.83 -2.49
C LEU A 62 -6.75 -1.58 -3.35
N LEU A 63 -5.70 -1.62 -4.17
CA LEU A 63 -5.29 -0.50 -5.04
C LEU A 63 -6.18 -0.36 -6.30
N GLY A 64 -6.88 -1.42 -6.70
CA GLY A 64 -7.75 -1.45 -7.89
C GLY A 64 -7.01 -1.69 -9.22
N ARG A 65 -5.68 -1.87 -9.16
CA ARG A 65 -4.80 -2.28 -10.27
C ARG A 65 -3.67 -3.18 -9.79
N GLN A 66 -3.25 -4.09 -10.67
CA GLN A 66 -2.29 -5.17 -10.37
C GLN A 66 -0.85 -4.82 -10.75
N SER A 67 -0.57 -3.56 -11.07
CA SER A 67 0.79 -3.05 -11.25
C SER A 67 0.93 -1.55 -10.95
N PHE A 68 2.08 -1.15 -10.40
CA PHE A 68 2.50 0.23 -10.12
C PHE A 68 4.03 0.32 -9.97
N SER A 69 4.61 1.50 -9.78
CA SER A 69 6.06 1.65 -9.60
C SER A 69 6.44 2.79 -8.66
N VAL A 70 7.73 2.91 -8.35
CA VAL A 70 8.31 4.07 -7.64
C VAL A 70 8.19 5.37 -8.48
N LYS A 71 8.03 5.26 -9.82
CA LYS A 71 7.78 6.39 -10.75
C LYS A 71 6.29 6.72 -10.91
N ASP A 72 5.41 5.72 -10.78
CA ASP A 72 3.95 5.83 -10.80
C ASP A 72 3.30 5.33 -9.48
N PRO A 73 3.54 6.00 -8.33
CA PRO A 73 3.01 5.58 -7.01
C PRO A 73 1.57 6.06 -6.75
N SER A 74 0.96 6.79 -7.69
CA SER A 74 -0.37 7.41 -7.57
C SER A 74 -1.50 6.52 -7.01
N PRO A 75 -1.56 5.18 -7.27
CA PRO A 75 -2.60 4.32 -6.69
C PRO A 75 -2.62 4.30 -5.15
N LEU A 76 -1.46 4.45 -4.49
CA LEU A 76 -1.36 4.55 -3.02
C LEU A 76 -2.04 5.84 -2.53
N TYR A 77 -1.73 6.96 -3.16
CA TYR A 77 -2.33 8.24 -2.79
C TYR A 77 -3.82 8.30 -3.16
N ASP A 78 -4.27 7.62 -4.22
CA ASP A 78 -5.69 7.50 -4.57
C ASP A 78 -6.48 6.61 -3.58
N MET A 79 -5.81 5.59 -3.01
CA MET A 79 -6.33 4.79 -1.90
C MET A 79 -6.48 5.66 -0.64
N LEU A 80 -5.53 6.58 -0.38
CA LEU A 80 -5.50 7.40 0.84
C LEU A 80 -6.40 8.63 0.78
N ARG A 81 -6.43 9.36 -0.35
CA ARG A 81 -7.24 10.60 -0.51
C ARG A 81 -8.73 10.40 -0.24
N LYS A 82 -9.20 9.17 -0.48
CA LYS A 82 -10.56 8.69 -0.23
C LYS A 82 -10.86 8.51 1.27
N ASN A 83 -9.84 8.28 2.11
CA ASN A 83 -9.95 8.22 3.57
C ASN A 83 -9.58 9.57 4.26
N LEU A 84 -8.30 9.81 4.60
CA LEU A 84 -7.86 11.08 5.19
C LEU A 84 -7.63 12.17 4.11
N VAL A 85 -7.83 13.44 4.47
CA VAL A 85 -7.48 14.59 3.59
C VAL A 85 -5.96 14.80 3.65
N THR A 86 -5.27 14.55 2.54
CA THR A 86 -3.79 14.55 2.47
C THR A 86 -3.26 14.84 1.05
N LEU A 87 -1.94 14.80 0.90
CA LEU A 87 -1.19 15.06 -0.34
C LEU A 87 -1.38 13.95 -1.38
N ALA A 88 -1.15 14.29 -2.66
CA ALA A 88 -1.19 13.36 -3.80
C ALA A 88 -0.25 13.79 -4.94
N THR A 89 -0.17 12.97 -5.98
CA THR A 89 0.76 13.15 -7.11
C THR A 89 0.30 12.51 -8.42
N 49H B . 11.73 3.58 -2.40
CG1 49H B . 8.82 2.43 -1.15
CG2 49H B . 9.91 5.14 -1.60
CG3 49H B . 12.39 1.58 -3.57
CD1 49H B . 8.49 1.68 -2.29
CD2 49H B . 7.80 2.95 -0.35
CD3 49H B . 9.15 5.10 -2.76
CD4 49H B . 9.82 6.26 -0.75
CD5 49H B . 13.18 2.31 -4.48
CD6 49H B . 12.18 0.21 -3.84
CE1 49H B . 7.15 1.43 -2.61
CE2 49H B . 6.47 2.72 -0.69
CE3 49H B . 8.29 6.15 -3.08
CE4 49H B . 8.98 7.32 -1.08
CE5 49H B . 13.78 1.70 -5.58
CE6 49H B . 12.80 -0.40 -4.94
CZ1 49H B . 6.14 1.96 -1.80
CZ2 49H B . 8.22 7.27 -2.25
CZ3 49H B . 13.61 0.34 -5.79
CL1 49H B . 4.47 1.66 -2.17
CL2 49H B . 7.33 6.08 -4.51
CM1 49H B . 15.31 0.24 -7.60
CM2 49H B . 9.61 -1.38 -4.61
CM3 49H B . 9.87 -2.28 -2.25
C1 49H B . 14.45 -1.70 0.41
N1 49H B . 15.45 -0.82 0.30
O1 49H B . 14.74 -2.85 0.67
C2 49H B . 15.23 0.60 -0.02
N2 49H B . 12.79 0.12 -0.43
C3 49H B . 14.00 0.81 -0.92
N3 49H B . 11.21 1.68 -1.26
O3 49H B . 14.20 -0.31 -6.85
C4 49H B . 13.03 -1.21 0.21
C5 49H B . 11.52 0.61 -0.48
O5 49H B . 10.65 0.13 0.22
C6 49H B . 11.85 2.30 -2.37
O6 49H B . 11.30 -0.53 -3.07
C7 49H B . 10.89 4.02 -1.25
C8 49H B . 10.28 2.69 -0.74
C9 49H B . 10.61 -1.72 -3.48
HD1 49H B . 9.27 1.26 -2.92
HD2 49H B . 8.04 3.53 0.53
HD3 49H B . 9.21 4.25 -3.43
HD4 49H B . 10.41 6.30 0.15
HD5 49H B . 13.34 3.38 -4.32
HE1 49H B . 6.90 0.85 -3.48
HE2 49H B . 5.68 3.14 -0.06
HE4 49H B . 8.91 8.18 -0.42
HE5 49H B . 14.39 2.31 -6.24
HE6 49H B . 12.67 -1.44 -5.15
HZ2 49H B . 7.56 8.09 -2.51
HM11 49H B . 15.65 -0.49 -8.34
HM12 49H B . 15.01 1.15 -8.11
HM13 49H B . 16.13 0.46 -6.91
HM21 49H B . 8.83 -0.71 -4.25
HM22 49H B . 10.11 -0.90 -5.45
HM23 49H B . 9.13 -2.29 -4.98
HM31 49H B . 9.11 -1.57 -1.91
HM32 49H B . 9.38 -3.21 -2.50
HM33 49H B . 10.56 -2.46 -1.44
HN1 49H B . 16.39 -1.15 0.43
H21 49H B . 15.10 1.14 0.92
H22 49H B . 16.13 1.00 -0.53
H31 49H B . 13.84 1.90 -0.95
H32 49H B . 14.24 0.46 -1.92
H41 49H B . 12.53 -1.98 -0.39
H42 49H B . 12.58 -1.21 1.21
H7 49H B . 11.58 4.37 -0.48
H8 49H B . 10.33 2.70 0.35
H9 49H B . 11.33 -2.47 -3.83
N GLN A 1 -10.74 10.78 17.28
CA GLN A 1 -9.75 9.93 16.62
C GLN A 1 -8.61 10.73 15.95
N ILE A 2 -7.52 10.04 15.58
CA ILE A 2 -6.35 10.63 14.90
C ILE A 2 -6.65 11.14 13.48
N ASN A 3 -5.82 12.09 13.02
CA ASN A 3 -6.00 12.84 11.77
C ASN A 3 -5.35 12.14 10.56
N GLN A 4 -5.72 10.87 10.40
CA GLN A 4 -5.15 9.84 9.51
C GLN A 4 -6.16 8.68 9.38
N VAL A 5 -5.73 7.49 8.97
CA VAL A 5 -6.59 6.36 8.57
C VAL A 5 -6.63 5.30 9.70
N ARG A 6 -7.49 4.29 9.51
CA ARG A 6 -7.65 3.01 10.23
C ARG A 6 -8.46 2.07 9.31
N PRO A 7 -8.12 0.77 9.18
CA PRO A 7 -8.71 -0.12 8.17
C PRO A 7 -9.79 -1.07 8.73
N LYS A 8 -10.51 -1.71 7.80
CA LYS A 8 -11.41 -2.86 8.07
C LYS A 8 -10.57 -4.14 8.15
N LEU A 9 -11.05 -5.20 8.77
CA LEU A 9 -10.25 -6.44 9.00
C LEU A 9 -9.60 -7.03 7.73
N PRO A 10 -10.25 -7.07 6.54
CA PRO A 10 -9.61 -7.54 5.31
C PRO A 10 -8.45 -6.67 4.82
N LEU A 11 -8.49 -5.37 5.10
CA LEU A 11 -7.42 -4.41 4.76
C LEU A 11 -6.29 -4.44 5.81
N LEU A 12 -6.64 -4.64 7.08
CA LEU A 12 -5.69 -4.80 8.20
C LEU A 12 -4.81 -6.03 8.00
N LYS A 13 -5.36 -7.18 7.61
CA LYS A 13 -4.61 -8.44 7.60
C LYS A 13 -3.53 -8.54 6.50
N ILE A 14 -3.73 -7.79 5.40
CA ILE A 14 -2.70 -7.57 4.36
C ILE A 14 -1.46 -6.94 5.01
N LEU A 15 -1.67 -5.82 5.70
CA LEU A 15 -0.60 -5.06 6.36
C LEU A 15 -0.04 -5.80 7.60
N HIS A 16 -0.86 -6.59 8.29
CA HIS A 16 -0.44 -7.48 9.39
C HIS A 16 0.49 -8.60 8.94
N ALA A 17 0.30 -9.14 7.72
CA ALA A 17 1.24 -10.08 7.11
C ALA A 17 2.66 -9.48 6.91
N ALA A 18 2.76 -8.15 6.85
CA ALA A 18 4.01 -7.38 6.83
C ALA A 18 4.36 -6.73 8.19
N GLY A 19 3.84 -7.26 9.30
CA GLY A 19 4.19 -6.86 10.67
C GLY A 19 3.64 -5.50 11.13
N ALA A 20 2.66 -4.94 10.43
CA ALA A 20 2.06 -3.65 10.73
C ALA A 20 0.99 -3.72 11.85
N GLN A 21 0.19 -2.65 11.95
CA GLN A 21 -1.05 -2.54 12.74
C GLN A 21 -2.17 -1.97 11.85
N GLY A 22 -2.30 -2.57 10.66
CA GLY A 22 -3.25 -2.17 9.62
C GLY A 22 -2.86 -0.86 8.93
N GLU A 23 -3.66 0.17 9.16
CA GLU A 23 -3.55 1.53 8.58
C GLU A 23 -3.83 2.61 9.62
N MET A 24 -3.80 2.28 10.92
CA MET A 24 -4.19 3.16 12.05
C MET A 24 -3.13 4.23 12.37
N PHE A 25 -2.69 4.93 11.33
CA PHE A 25 -1.54 5.85 11.28
C PHE A 25 -1.45 6.60 9.94
N THR A 26 -0.54 7.59 9.86
CA THR A 26 -0.36 8.56 8.75
C THR A 26 0.17 7.93 7.44
N VAL A 27 0.10 8.71 6.35
CA VAL A 27 0.53 8.34 4.97
C VAL A 27 1.95 7.75 4.94
N LYS A 28 2.87 8.36 5.68
CA LYS A 28 4.27 7.92 5.77
C LYS A 28 4.46 6.56 6.44
N GLU A 29 3.58 6.21 7.38
CA GLU A 29 3.59 4.90 8.04
C GLU A 29 2.91 3.83 7.16
N VAL A 30 1.72 4.10 6.57
CA VAL A 30 1.09 3.14 5.64
C VAL A 30 1.99 2.76 4.47
N MET A 31 2.63 3.76 3.87
CA MET A 31 3.52 3.54 2.72
C MET A 31 4.80 2.78 3.09
N HIS A 32 5.28 2.92 4.34
CA HIS A 32 6.38 2.15 4.92
C HIS A 32 6.02 0.65 5.00
N TYR A 33 4.94 0.30 5.71
CA TYR A 33 4.40 -1.05 5.77
C TYR A 33 4.06 -1.66 4.40
N LEU A 34 3.56 -0.86 3.45
CA LEU A 34 3.26 -1.32 2.07
C LEU A 34 4.56 -1.61 1.29
N GLY A 35 5.59 -0.77 1.40
CA GLY A 35 6.91 -1.02 0.81
C GLY A 35 7.54 -2.33 1.29
N GLN A 36 7.54 -2.58 2.61
CA GLN A 36 8.04 -3.85 3.15
C GLN A 36 7.13 -5.05 2.83
N TYR A 37 5.80 -4.86 2.72
CA TYR A 37 4.90 -5.90 2.19
C TYR A 37 5.31 -6.33 0.78
N ILE A 38 5.49 -5.38 -0.16
CA ILE A 38 5.98 -5.67 -1.52
C ILE A 38 7.29 -6.45 -1.44
N MET A 39 8.23 -6.01 -0.59
CA MET A 39 9.54 -6.65 -0.47
C MET A 39 9.53 -8.06 0.15
N VAL A 40 8.63 -8.36 1.10
CA VAL A 40 8.45 -9.71 1.69
C VAL A 40 7.68 -10.63 0.75
N LYS A 41 6.55 -10.14 0.20
CA LYS A 41 5.80 -10.81 -0.87
C LYS A 41 6.58 -10.88 -2.20
N GLN A 42 7.69 -10.15 -2.31
CA GLN A 42 8.62 -10.02 -3.43
C GLN A 42 7.93 -9.80 -4.78
N LEU A 43 6.95 -8.89 -4.76
CA LEU A 43 6.03 -8.61 -5.86
C LEU A 43 6.62 -7.59 -6.84
N TYR A 44 7.79 -7.88 -7.42
CA TYR A 44 8.53 -6.98 -8.31
C TYR A 44 9.23 -7.73 -9.46
N ASP A 45 9.65 -7.00 -10.49
CA ASP A 45 10.41 -7.58 -11.61
C ASP A 45 11.85 -7.93 -11.20
N GLN A 46 12.32 -9.12 -11.60
CA GLN A 46 13.71 -9.57 -11.48
C GLN A 46 14.74 -8.54 -11.99
N GLN A 47 14.42 -7.88 -13.12
CA GLN A 47 15.30 -6.95 -13.84
C GLN A 47 15.17 -5.51 -13.35
N GLU A 48 14.08 -5.16 -12.66
CA GLU A 48 13.81 -3.83 -12.12
C GLU A 48 12.91 -3.89 -10.88
N GLN A 49 13.55 -3.92 -9.71
CA GLN A 49 12.88 -3.86 -8.39
C GLN A 49 12.03 -2.59 -8.20
N HIS A 50 12.26 -1.55 -9.02
CA HIS A 50 11.47 -0.33 -9.02
C HIS A 50 10.02 -0.54 -9.51
N MET A 51 9.77 -1.62 -10.27
CA MET A 51 8.49 -1.98 -10.89
C MET A 51 7.82 -3.12 -10.11
N VAL A 52 6.59 -2.89 -9.67
CA VAL A 52 5.79 -3.79 -8.82
C VAL A 52 4.82 -4.60 -9.68
N TYR A 53 4.68 -5.89 -9.37
CA TYR A 53 3.80 -6.87 -10.00
C TYR A 53 3.09 -7.71 -8.92
N CYS A 54 1.88 -7.27 -8.57
CA CYS A 54 0.96 -7.82 -7.57
C CYS A 54 0.01 -8.89 -8.14
N GLY A 55 0.44 -9.65 -9.15
CA GLY A 55 -0.44 -10.56 -9.89
C GLY A 55 -1.09 -11.61 -8.99
N GLY A 56 -2.43 -11.56 -8.89
CA GLY A 56 -3.24 -12.43 -8.04
C GLY A 56 -3.17 -12.14 -6.53
N ASP A 57 -2.58 -11.02 -6.08
CA ASP A 57 -2.41 -10.72 -4.66
C ASP A 57 -3.56 -9.82 -4.14
N LEU A 58 -3.89 -10.00 -2.86
CA LEU A 58 -4.90 -9.21 -2.15
C LEU A 58 -4.56 -7.71 -2.17
N LEU A 59 -3.27 -7.35 -2.25
CA LEU A 59 -2.82 -5.97 -2.46
C LEU A 59 -3.22 -5.41 -3.83
N GLY A 60 -3.08 -6.18 -4.92
CA GLY A 60 -3.56 -5.78 -6.24
C GLY A 60 -5.08 -5.66 -6.29
N GLU A 61 -5.79 -6.55 -5.61
CA GLU A 61 -7.24 -6.49 -5.47
C GLU A 61 -7.68 -5.25 -4.67
N LEU A 62 -6.94 -4.86 -3.62
CA LEU A 62 -7.18 -3.65 -2.83
C LEU A 62 -6.90 -2.36 -3.64
N LEU A 63 -5.74 -2.29 -4.31
CA LEU A 63 -5.33 -1.12 -5.09
C LEU A 63 -6.13 -0.98 -6.41
N GLY A 64 -6.75 -2.06 -6.90
CA GLY A 64 -7.56 -2.08 -8.12
C GLY A 64 -6.74 -2.25 -9.41
N ARG A 65 -5.41 -2.35 -9.27
CA ARG A 65 -4.44 -2.68 -10.34
C ARG A 65 -3.28 -3.49 -9.80
N GLN A 66 -2.80 -4.41 -10.64
CA GLN A 66 -1.77 -5.39 -10.28
C GLN A 66 -0.35 -4.94 -10.66
N SER A 67 -0.19 -3.74 -11.19
CA SER A 67 1.15 -3.17 -11.42
C SER A 67 1.22 -1.64 -11.27
N PHE A 68 2.31 -1.17 -10.67
CA PHE A 68 2.67 0.23 -10.43
C PHE A 68 4.19 0.32 -10.16
N SER A 69 4.74 1.52 -9.98
CA SER A 69 6.18 1.71 -9.72
C SER A 69 6.44 2.86 -8.77
N VAL A 70 7.71 3.05 -8.38
CA VAL A 70 8.14 4.26 -7.63
C VAL A 70 8.13 5.55 -8.49
N LYS A 71 7.94 5.43 -9.81
CA LYS A 71 7.69 6.55 -10.75
C LYS A 71 6.19 6.82 -11.00
N ASP A 72 5.35 5.81 -10.80
CA ASP A 72 3.87 5.90 -10.83
C ASP A 72 3.23 5.39 -9.51
N PRO A 73 3.51 6.02 -8.35
CA PRO A 73 3.05 5.57 -7.03
C PRO A 73 1.57 5.90 -6.73
N SER A 74 0.85 6.51 -7.67
CA SER A 74 -0.52 7.01 -7.52
C SER A 74 -1.54 6.06 -6.86
N PRO A 75 -1.52 4.72 -7.01
CA PRO A 75 -2.52 3.85 -6.37
C PRO A 75 -2.54 3.93 -4.83
N LEU A 76 -1.38 4.15 -4.19
CA LEU A 76 -1.26 4.44 -2.75
C LEU A 76 -2.09 5.70 -2.39
N TYR A 77 -1.78 6.79 -3.06
CA TYR A 77 -2.38 8.08 -2.75
C TYR A 77 -3.87 8.13 -3.13
N ASP A 78 -4.31 7.40 -4.16
CA ASP A 78 -5.73 7.28 -4.51
C ASP A 78 -6.54 6.48 -3.47
N MET A 79 -5.90 5.51 -2.82
CA MET A 79 -6.43 4.81 -1.67
C MET A 79 -6.53 5.74 -0.44
N LEU A 80 -5.57 6.66 -0.25
CA LEU A 80 -5.47 7.52 0.94
C LEU A 80 -6.23 8.85 0.83
N ARG A 81 -6.36 9.45 -0.36
CA ARG A 81 -7.16 10.67 -0.64
C ARG A 81 -8.63 10.54 -0.26
N LYS A 82 -9.13 9.30 -0.34
CA LYS A 82 -10.46 8.86 0.09
C LYS A 82 -10.66 9.01 1.61
N ASN A 83 -9.59 8.93 2.41
CA ASN A 83 -9.64 9.19 3.85
C ASN A 83 -9.30 10.66 4.21
N LEU A 84 -8.06 11.11 3.97
CA LEU A 84 -7.61 12.49 4.21
C LEU A 84 -7.10 13.19 2.94
N VAL A 85 -7.27 14.52 2.85
CA VAL A 85 -6.68 15.33 1.77
C VAL A 85 -5.16 15.35 1.94
N THR A 86 -4.42 14.99 0.89
CA THR A 86 -2.95 14.93 0.86
C THR A 86 -2.37 15.24 -0.53
N LEU A 87 -1.04 15.25 -0.63
CA LEU A 87 -0.28 15.60 -1.83
C LEU A 87 -0.43 14.57 -2.96
N ALA A 88 -0.30 15.04 -4.21
CA ALA A 88 -0.36 14.25 -5.44
C ALA A 88 0.49 14.86 -6.56
N THR A 89 0.59 14.15 -7.69
CA THR A 89 1.46 14.52 -8.83
C THR A 89 1.01 13.95 -10.17
N 49H B . 11.62 3.71 -2.41
CG1 49H B . 8.65 2.65 -1.22
CG2 49H B . 9.82 5.32 -1.60
CG3 49H B . 12.22 1.70 -3.60
CD1 49H B . 8.31 2.06 -2.45
CD2 49H B . 7.62 3.06 -0.38
CD3 49H B . 9.14 5.37 -2.82
CD4 49H B . 9.65 6.35 -0.68
CD5 49H B . 13.08 2.38 -4.47
CD6 49H B . 11.90 0.36 -3.90
CE1 49H B . 6.98 1.88 -2.82
CE2 49H B . 6.28 2.88 -0.75
CE3 49H B . 8.30 6.44 -3.10
CE4 49H B . 8.81 7.43 -0.97
CE5 49H B . 13.69 1.73 -5.54
CE6 49H B . 12.53 -0.29 -4.96
CZ1 49H B . 5.96 2.29 -1.96
CZ2 49H B . 8.13 7.47 -2.18
CZ3 49H B . 13.45 0.38 -5.76
CL1 49H B . 4.31 2.08 -2.41
CL2 49H B . 7.44 6.47 -4.60
CM1 49H B . 15.19 0.18 -7.53
CM2 49H B . 9.27 -0.89 -4.94
CM3 49H B . 9.14 -1.76 -2.56
C1 49H B . 14.01 -1.84 0.17
N1 49H B . 15.03 -0.98 0.22
O1 49H B . 14.25 -3.02 0.37
C2 49H B . 14.90 0.47 -0.02
N2 49H B . 12.46 0.12 -0.58
C3 49H B . 13.74 0.79 -0.96
N3 49H B . 11.01 1.82 -1.32
O3 49H B . 14.05 -0.32 -6.78
C4 49H B . 12.61 -1.29 -0.13
C5 49H B . 11.23 0.71 -0.59
O5 49H B . 10.35 0.25 0.11
C6 49H B . 11.68 2.44 -2.41
O6 49H B . 10.90 -0.29 -3.21
C7 49H B . 10.77 4.16 -1.27
C8 49H B . 10.10 2.85 -0.79
C9 49H B . 10.08 -1.36 -3.71
HD1 49H B . 9.09 1.73 -3.13
HD2 49H B . 7.86 3.52 0.59
HD3 49H B . 9.28 4.57 -3.54
HD4 49H B . 10.17 6.33 0.27
HD5 49H B . 13.32 3.43 -4.29
HE1 49H B . 6.73 1.42 -3.77
HE2 49H B . 5.49 3.20 -0.07
HE4 49H B . 8.68 8.23 -0.25
HE5 49H B . 14.38 2.29 -6.17
HE6 49H B . 12.33 -1.33 -5.18
HZ2 49H B . 7.47 8.30 -2.41
HM11 49H B . 15.52 -0.59 -8.24
HM12 49H B . 14.90 1.08 -8.07
HM13 49H B . 16.01 0.41 -6.83
HM21 49H B . 9.92 -0.59 -5.75
HM22 49H B . 8.64 -1.71 -5.30
HM23 49H B . 8.62 -0.05 -4.68
HM31 49H B . 8.57 -2.64 -2.84
HM32 49H B . 9.71 -1.99 -1.66
HM33 49H B . 8.45 -0.95 -2.32
HN1 49H B . 15.95 -1.35 0.41
H21 49H B . 14.73 0.95 0.94
H22 49H B . 15.83 0.86 -0.44
H31 49H B . 13.62 1.87 -0.95
H32 49H B . 14.01 0.47 -1.98
H41 49H B . 12.19 -1.95 -0.88
H42 49H B . 12.06 -1.43 0.81
H7 49H B . 11.46 4.49 -0.48
H8 49H B . 10.15 2.84 0.31
H9 49H B . 10.71 -2.21 -3.98
N GLN A 1 -7.35 10.93 19.12
CA GLN A 1 -7.59 10.92 17.67
C GLN A 1 -6.61 11.81 16.89
N ILE A 2 -6.36 11.46 15.62
CA ILE A 2 -5.39 12.10 14.72
C ILE A 2 -5.94 12.28 13.30
N ASN A 3 -5.25 13.09 12.49
CA ASN A 3 -5.66 13.51 11.15
C ASN A 3 -5.34 12.48 10.04
N GLN A 4 -5.47 11.20 10.39
CA GLN A 4 -4.99 10.00 9.66
C GLN A 4 -6.10 8.97 9.40
N VAL A 5 -5.69 7.83 8.82
CA VAL A 5 -6.55 6.71 8.44
C VAL A 5 -6.61 5.70 9.60
N ARG A 6 -7.48 4.68 9.47
CA ARG A 6 -7.72 3.51 10.34
C ARG A 6 -8.53 2.48 9.51
N PRO A 7 -8.16 1.19 9.48
CA PRO A 7 -8.74 0.21 8.54
C PRO A 7 -9.88 -0.65 9.10
N LYS A 8 -10.47 -1.44 8.19
CA LYS A 8 -11.40 -2.55 8.45
C LYS A 8 -10.59 -3.86 8.38
N LEU A 9 -11.07 -4.96 8.94
CA LEU A 9 -10.29 -6.20 9.09
C LEU A 9 -9.63 -6.75 7.79
N PRO A 10 -10.27 -6.71 6.60
CA PRO A 10 -9.62 -7.14 5.34
C PRO A 10 -8.50 -6.20 4.88
N LEU A 11 -8.63 -4.89 5.16
CA LEU A 11 -7.61 -3.88 4.85
C LEU A 11 -6.44 -3.96 5.84
N LEU A 12 -6.72 -4.24 7.11
CA LEU A 12 -5.70 -4.53 8.13
C LEU A 12 -4.87 -5.76 7.74
N LYS A 13 -5.49 -6.81 7.20
CA LYS A 13 -4.85 -8.11 6.89
C LYS A 13 -3.60 -7.97 6.02
N ILE A 14 -3.68 -7.12 5.01
CA ILE A 14 -2.62 -6.85 4.02
C ILE A 14 -1.40 -6.22 4.72
N LEU A 15 -1.63 -5.17 5.52
CA LEU A 15 -0.57 -4.51 6.30
C LEU A 15 -0.03 -5.42 7.41
N HIS A 16 -0.90 -6.21 8.06
CA HIS A 16 -0.55 -7.08 9.20
C HIS A 16 0.30 -8.29 8.79
N ALA A 17 0.12 -8.80 7.57
CA ALA A 17 1.00 -9.82 6.98
C ALA A 17 2.48 -9.35 6.90
N ALA A 18 2.70 -8.04 6.89
CA ALA A 18 4.02 -7.39 6.95
C ALA A 18 4.35 -6.76 8.32
N GLY A 19 3.74 -7.24 9.41
CA GLY A 19 4.09 -6.88 10.79
C GLY A 19 3.65 -5.50 11.26
N ALA A 20 2.70 -4.86 10.56
CA ALA A 20 2.17 -3.54 10.87
C ALA A 20 1.12 -3.56 12.01
N GLN A 21 0.31 -2.49 12.10
CA GLN A 21 -0.89 -2.38 12.96
C GLN A 21 -2.07 -1.82 12.14
N GLY A 22 -2.31 -2.39 10.96
CA GLY A 22 -3.33 -1.94 10.03
C GLY A 22 -2.94 -0.65 9.31
N GLU A 23 -3.74 0.40 9.49
CA GLU A 23 -3.61 1.71 8.82
C GLU A 23 -3.93 2.89 9.75
N MET A 24 -3.90 2.67 11.08
CA MET A 24 -4.27 3.66 12.11
C MET A 24 -3.16 4.72 12.35
N PHE A 25 -2.65 5.26 11.24
CA PHE A 25 -1.46 6.12 11.15
C PHE A 25 -1.30 6.80 9.78
N THR A 26 -0.30 7.69 9.67
CA THR A 26 -0.01 8.61 8.55
C THR A 26 0.36 7.89 7.23
N VAL A 27 0.31 8.64 6.12
CA VAL A 27 0.62 8.17 4.75
C VAL A 27 2.02 7.55 4.64
N LYS A 28 3.01 8.19 5.29
CA LYS A 28 4.38 7.68 5.36
C LYS A 28 4.52 6.36 6.12
N GLU A 29 3.65 6.13 7.11
CA GLU A 29 3.65 4.88 7.89
C GLU A 29 2.97 3.75 7.12
N VAL A 30 1.78 3.96 6.54
CA VAL A 30 1.15 2.94 5.65
C VAL A 30 2.06 2.53 4.52
N MET A 31 2.68 3.50 3.84
CA MET A 31 3.57 3.18 2.71
C MET A 31 4.90 2.54 3.13
N HIS A 32 5.36 2.76 4.37
CA HIS A 32 6.50 2.04 4.96
C HIS A 32 6.17 0.54 5.10
N TYR A 33 5.13 0.21 5.86
CA TYR A 33 4.61 -1.15 6.04
C TYR A 33 4.25 -1.84 4.70
N LEU A 34 3.64 -1.12 3.77
CA LEU A 34 3.28 -1.62 2.44
C LEU A 34 4.51 -1.78 1.53
N GLY A 35 5.54 -0.94 1.68
CA GLY A 35 6.84 -1.11 1.03
C GLY A 35 7.56 -2.39 1.46
N GLN A 36 7.62 -2.66 2.77
CA GLN A 36 8.16 -3.94 3.27
C GLN A 36 7.26 -5.14 2.90
N TYR A 37 5.93 -4.96 2.80
CA TYR A 37 5.03 -5.99 2.22
C TYR A 37 5.43 -6.33 0.79
N ILE A 38 5.53 -5.35 -0.11
CA ILE A 38 5.98 -5.55 -1.51
C ILE A 38 7.32 -6.28 -1.52
N MET A 39 8.25 -5.89 -0.64
CA MET A 39 9.61 -6.44 -0.60
C MET A 39 9.66 -7.91 -0.09
N VAL A 40 8.80 -8.30 0.86
CA VAL A 40 8.68 -9.70 1.35
C VAL A 40 7.87 -10.56 0.37
N LYS A 41 6.71 -10.06 -0.08
CA LYS A 41 5.90 -10.65 -1.15
C LYS A 41 6.62 -10.64 -2.52
N GLN A 42 7.73 -9.90 -2.62
CA GLN A 42 8.65 -9.74 -3.76
C GLN A 42 7.92 -9.47 -5.08
N LEU A 43 6.96 -8.54 -5.01
CA LEU A 43 6.01 -8.22 -6.07
C LEU A 43 6.60 -7.21 -7.06
N TYR A 44 7.75 -7.52 -7.66
CA TYR A 44 8.51 -6.60 -8.52
C TYR A 44 9.22 -7.33 -9.68
N ASP A 45 9.70 -6.58 -10.66
CA ASP A 45 10.44 -7.15 -11.81
C ASP A 45 11.86 -7.62 -11.46
N GLN A 46 12.31 -8.66 -12.15
CA GLN A 46 13.60 -9.34 -11.94
C GLN A 46 14.79 -8.45 -12.36
N GLN A 47 14.61 -7.65 -13.42
CA GLN A 47 15.61 -6.73 -13.97
C GLN A 47 15.46 -5.30 -13.39
N GLU A 48 14.30 -4.95 -12.84
CA GLU A 48 14.07 -3.64 -12.22
C GLU A 48 13.10 -3.72 -11.02
N GLN A 49 13.68 -3.83 -9.82
CA GLN A 49 12.96 -3.81 -8.54
C GLN A 49 12.17 -2.50 -8.32
N HIS A 50 12.50 -1.45 -9.08
CA HIS A 50 11.78 -0.17 -9.07
C HIS A 50 10.34 -0.29 -9.63
N MET A 51 10.06 -1.33 -10.42
CA MET A 51 8.76 -1.61 -11.04
C MET A 51 8.03 -2.72 -10.29
N VAL A 52 6.77 -2.47 -9.91
CA VAL A 52 5.96 -3.31 -9.01
C VAL A 52 4.85 -4.03 -9.78
N TYR A 53 4.69 -5.32 -9.50
CA TYR A 53 3.76 -6.26 -10.13
C TYR A 53 3.10 -7.15 -9.05
N CYS A 54 1.89 -6.74 -8.65
CA CYS A 54 1.02 -7.31 -7.62
C CYS A 54 0.07 -8.40 -8.14
N GLY A 55 0.44 -9.10 -9.22
CA GLY A 55 -0.47 -10.01 -9.94
C GLY A 55 -1.03 -11.11 -9.06
N GLY A 56 -2.36 -11.14 -8.91
CA GLY A 56 -3.11 -12.08 -8.08
C GLY A 56 -3.05 -11.82 -6.56
N ASP A 57 -2.49 -10.69 -6.09
CA ASP A 57 -2.33 -10.39 -4.66
C ASP A 57 -3.49 -9.53 -4.12
N LEU A 58 -3.81 -9.72 -2.83
CA LEU A 58 -4.84 -8.96 -2.13
C LEU A 58 -4.54 -7.45 -2.14
N LEU A 59 -3.25 -7.08 -2.21
CA LEU A 59 -2.80 -5.69 -2.37
C LEU A 59 -3.27 -5.09 -3.71
N GLY A 60 -3.05 -5.79 -4.83
CA GLY A 60 -3.53 -5.35 -6.15
C GLY A 60 -5.06 -5.32 -6.24
N GLU A 61 -5.74 -6.28 -5.62
CA GLU A 61 -7.19 -6.32 -5.52
C GLU A 61 -7.75 -5.14 -4.70
N LEU A 62 -7.06 -4.72 -3.64
CA LEU A 62 -7.43 -3.56 -2.81
C LEU A 62 -7.17 -2.23 -3.54
N LEU A 63 -6.00 -2.07 -4.16
CA LEU A 63 -5.63 -0.90 -4.96
C LEU A 63 -6.51 -0.74 -6.21
N GLY A 64 -7.02 -1.84 -6.77
CA GLY A 64 -7.80 -1.87 -8.02
C GLY A 64 -6.93 -1.94 -9.29
N ARG A 65 -5.60 -1.99 -9.13
CA ARG A 65 -4.62 -2.27 -10.19
C ARG A 65 -3.42 -3.05 -9.66
N GLN A 66 -2.87 -3.88 -10.53
CA GLN A 66 -1.82 -4.85 -10.21
C GLN A 66 -0.41 -4.38 -10.60
N SER A 67 -0.26 -3.14 -11.07
CA SER A 67 1.07 -2.58 -11.33
C SER A 67 1.20 -1.07 -11.12
N PHE A 68 2.38 -0.66 -10.64
CA PHE A 68 2.84 0.70 -10.36
C PHE A 68 4.37 0.71 -10.21
N SER A 69 5.00 1.85 -9.90
CA SER A 69 6.45 1.94 -9.68
C SER A 69 6.80 2.81 -8.47
N VAL A 70 8.08 2.82 -8.07
CA VAL A 70 8.57 3.72 -7.01
C VAL A 70 8.63 5.19 -7.45
N LYS A 71 8.56 5.49 -8.76
CA LYS A 71 8.42 6.87 -9.28
C LYS A 71 6.97 7.29 -9.54
N ASP A 72 6.05 6.32 -9.67
CA ASP A 72 4.60 6.53 -9.82
C ASP A 72 3.76 5.65 -8.84
N PRO A 73 3.89 5.85 -7.51
CA PRO A 73 3.19 5.09 -6.47
C PRO A 73 1.72 5.51 -6.22
N SER A 74 1.13 6.30 -7.12
CA SER A 74 -0.20 6.91 -6.99
C SER A 74 -1.37 6.00 -6.60
N PRO A 75 -1.43 4.67 -6.89
CA PRO A 75 -2.53 3.82 -6.42
C PRO A 75 -2.67 3.74 -4.89
N LEU A 76 -1.57 3.92 -4.13
CA LEU A 76 -1.63 4.05 -2.67
C LEU A 76 -2.32 5.37 -2.28
N TYR A 77 -1.90 6.46 -2.89
CA TYR A 77 -2.44 7.79 -2.58
C TYR A 77 -3.91 7.92 -3.00
N ASP A 78 -4.35 7.22 -4.05
CA ASP A 78 -5.76 7.12 -4.46
C ASP A 78 -6.62 6.32 -3.46
N MET A 79 -6.01 5.34 -2.79
CA MET A 79 -6.57 4.61 -1.64
C MET A 79 -6.67 5.52 -0.40
N LEU A 80 -5.70 6.43 -0.20
CA LEU A 80 -5.59 7.26 1.01
C LEU A 80 -6.37 8.58 0.91
N ARG A 81 -6.44 9.23 -0.26
CA ARG A 81 -7.18 10.50 -0.51
C ARG A 81 -8.67 10.43 -0.21
N LYS A 82 -9.22 9.21 -0.33
CA LYS A 82 -10.60 8.83 0.03
C LYS A 82 -10.82 8.81 1.55
N ASN A 83 -9.75 8.58 2.32
CA ASN A 83 -9.77 8.51 3.79
C ASN A 83 -9.35 9.84 4.46
N LEU A 84 -8.07 10.25 4.40
CA LEU A 84 -7.62 11.57 4.86
C LEU A 84 -7.50 12.57 3.69
N VAL A 85 -7.52 13.88 3.99
CA VAL A 85 -7.26 14.92 3.00
C VAL A 85 -5.76 14.95 2.68
N THR A 86 -5.38 14.47 1.50
CA THR A 86 -3.99 14.47 1.00
C THR A 86 -3.91 14.55 -0.53
N LEU A 87 -2.68 14.69 -1.04
CA LEU A 87 -2.35 14.78 -2.47
C LEU A 87 -2.34 13.37 -3.12
N ALA A 88 -2.72 13.30 -4.41
CA ALA A 88 -2.69 12.05 -5.21
C ALA A 88 -2.42 12.25 -6.70
N THR A 89 -2.12 13.49 -7.06
CA THR A 89 -1.81 13.93 -8.42
C THR A 89 -2.80 13.41 -9.48
N 49H B . 11.72 3.36 -1.79
CG1 49H B . 8.66 2.53 -1.05
CG2 49H B . 10.10 5.15 -0.88
CG3 49H B . 12.27 1.33 -2.98
CD1 49H B . 8.51 2.75 -2.42
CD2 49H B . 7.52 2.23 -0.29
CD3 49H B . 10.04 5.78 -2.12
CD4 49H B . 9.45 5.72 0.22
CD5 49H B . 13.16 2.00 -3.82
CD6 49H B . 11.98 -0.01 -3.28
CE1 49H B . 7.25 2.68 -3.02
CE2 49H B . 6.26 2.14 -0.88
CE3 49H B . 9.35 6.99 -2.27
CE4 49H B . 8.76 6.93 0.08
CE5 49H B . 13.77 1.37 -4.89
CE6 49H B . 12.63 -0.65 -4.33
CZ1 49H B . 6.14 2.36 -2.26
CZ2 49H B . 8.71 7.55 -1.17
CZ3 49H B . 13.53 0.02 -5.15
CL1 49H B . 4.59 2.24 -3.01
CL2 49H B . 9.29 7.77 -3.80
CM1 49H B . 15.15 -0.09 -7.03
CM2 49H B . 8.71 -1.31 -2.09
CM3 49H B . 9.55 -1.56 -4.45
C1 49H B . 13.71 -2.01 1.36
N1 49H B . 14.81 -1.28 1.16
O1 49H B . 13.85 -3.14 1.79
C2 49H B . 14.77 0.10 0.68
N2 49H B . 12.29 -0.14 0.22
C3 49H B . 13.59 0.37 -0.26
N3 49H B . 10.91 1.51 -0.79
O3 49H B . 14.10 -0.66 -6.19
C4 49H B . 12.35 -1.40 1.04
C5 49H B . 11.07 0.46 0.05
O5 49H B . 10.13 0.09 0.74
C6 49H B . 11.69 2.09 -1.82
O6 49H B . 10.99 -0.73 -2.63
C7 49H B . 10.88 3.85 -0.66
C8 49H B . 10.02 2.60 -0.35
C9 49H B . 9.64 -0.72 -3.16
HD1 49H B . 9.37 3.00 -3.04
HD2 49H B . 7.61 2.06 0.78
HD3 49H B . 10.55 5.35 -2.99
HD4 49H B . 9.49 5.25 1.19
HD5 49H B . 13.40 3.06 -3.64
HE1 49H B . 7.14 2.85 -4.08
HE2 49H B . 5.39 1.90 -0.29
HE4 49H B . 8.26 7.38 0.93
HE5 49H B . 14.47 1.94 -5.51
HE6 49H B . 12.40 -1.69 -4.55
HZ2 49H B . 8.17 8.50 -1.28
HM11 49H B . 15.47 -0.84 -7.76
HM12 49H B . 14.76 0.78 -7.54
HM13 49H B . 15.99 0.18 -6.40
HM21 49H B . 9.05 -2.30 -1.79
HM22 49H B . 8.70 -0.66 -1.21
HM23 49H B . 7.69 -1.38 -2.48
HM31 49H B . 10.12 -1.09 -5.26
HM32 49H B . 9.94 -2.57 -4.29
HM33 49H B . 8.51 -1.64 -4.78
HN1 49H B . 15.70 -1.70 1.38
H21 49H B . 14.68 0.76 1.56
H22 49H B . 15.71 0.34 0.18
H31 49H B . 13.56 1.45 -0.39
H32 49H B . 13.81 -0.10 -1.23
H41 49H B . 11.78 -2.19 0.54
H42 49H B . 11.90 -1.21 2.01
H7 49H B . 11.54 4.00 0.20
H8 49H B . 9.87 2.56 0.73
H9 49H B . 9.35 0.32 -3.36
N GLN A 1 -10.40 11.33 17.35
CA GLN A 1 -9.44 10.50 16.61
C GLN A 1 -8.49 11.33 15.73
N ILE A 2 -7.35 10.76 15.36
CA ILE A 2 -6.31 11.41 14.54
C ILE A 2 -6.67 11.54 13.06
N ASN A 3 -5.94 12.43 12.37
CA ASN A 3 -6.22 12.90 11.01
C ASN A 3 -5.70 11.97 9.90
N GLN A 4 -5.78 10.66 10.13
CA GLN A 4 -5.15 9.58 9.38
C GLN A 4 -6.14 8.47 8.97
N VAL A 5 -5.63 7.38 8.37
CA VAL A 5 -6.44 6.23 7.94
C VAL A 5 -6.67 5.30 9.16
N ARG A 6 -7.53 4.28 9.00
CA ARG A 6 -7.84 3.17 9.94
C ARG A 6 -8.59 2.06 9.17
N PRO A 7 -8.23 0.76 9.25
CA PRO A 7 -8.83 -0.30 8.43
C PRO A 7 -9.83 -1.18 9.19
N LYS A 8 -10.48 -2.08 8.45
CA LYS A 8 -11.30 -3.20 8.96
C LYS A 8 -10.55 -4.52 8.75
N LEU A 9 -11.02 -5.62 9.36
CA LEU A 9 -10.33 -6.91 9.45
C LEU A 9 -9.63 -7.41 8.15
N PRO A 10 -10.29 -7.50 6.98
CA PRO A 10 -9.63 -7.96 5.73
C PRO A 10 -8.55 -7.00 5.21
N LEU A 11 -8.66 -5.69 5.49
CA LEU A 11 -7.65 -4.70 5.11
C LEU A 11 -6.50 -4.62 6.12
N LEU A 12 -6.80 -4.80 7.41
CA LEU A 12 -5.79 -4.97 8.47
C LEU A 12 -4.92 -6.21 8.21
N LYS A 13 -5.50 -7.29 7.65
CA LYS A 13 -4.80 -8.55 7.33
C LYS A 13 -3.60 -8.34 6.40
N ILE A 14 -3.77 -7.44 5.43
CA ILE A 14 -2.78 -7.09 4.40
C ILE A 14 -1.56 -6.47 5.08
N LEU A 15 -1.75 -5.42 5.88
CA LEU A 15 -0.65 -4.78 6.61
C LEU A 15 -0.10 -5.65 7.77
N HIS A 16 -0.91 -6.50 8.41
CA HIS A 16 -0.44 -7.52 9.36
C HIS A 16 0.50 -8.55 8.73
N ALA A 17 0.28 -8.94 7.46
CA ALA A 17 1.23 -9.79 6.72
C ALA A 17 2.61 -9.11 6.53
N ALA A 18 2.67 -7.78 6.64
CA ALA A 18 3.87 -6.96 6.65
C ALA A 18 4.29 -6.48 8.06
N GLY A 19 3.80 -7.14 9.13
CA GLY A 19 4.20 -6.87 10.52
C GLY A 19 3.69 -5.56 11.12
N ALA A 20 2.70 -4.91 10.50
CA ALA A 20 2.14 -3.64 10.93
C ALA A 20 1.08 -3.78 12.04
N GLN A 21 0.31 -2.71 12.28
CA GLN A 21 -0.89 -2.68 13.14
C GLN A 21 -2.07 -2.00 12.42
N GLY A 22 -2.43 -2.52 11.24
CA GLY A 22 -3.49 -2.01 10.40
C GLY A 22 -3.05 -0.79 9.58
N GLU A 23 -3.79 0.31 9.69
CA GLU A 23 -3.61 1.58 8.93
C GLU A 23 -3.88 2.80 9.81
N MET A 24 -4.00 2.62 11.13
CA MET A 24 -4.40 3.66 12.10
C MET A 24 -3.27 4.65 12.42
N PHE A 25 -2.74 5.25 11.36
CA PHE A 25 -1.52 6.08 11.34
C PHE A 25 -1.31 6.82 9.99
N THR A 26 -0.33 7.72 9.95
CA THR A 26 -0.06 8.70 8.87
C THR A 26 0.32 8.06 7.52
N VAL A 27 0.26 8.86 6.44
CA VAL A 27 0.61 8.48 5.06
C VAL A 27 1.99 7.81 4.96
N LYS A 28 2.98 8.41 5.64
CA LYS A 28 4.35 7.89 5.69
C LYS A 28 4.48 6.53 6.38
N GLU A 29 3.60 6.24 7.34
CA GLU A 29 3.57 4.95 8.04
C GLU A 29 2.85 3.89 7.19
N VAL A 30 1.68 4.16 6.61
CA VAL A 30 1.01 3.20 5.69
C VAL A 30 1.90 2.79 4.52
N MET A 31 2.54 3.78 3.88
CA MET A 31 3.43 3.51 2.74
C MET A 31 4.75 2.79 3.14
N HIS A 32 5.21 2.94 4.38
CA HIS A 32 6.34 2.20 4.96
C HIS A 32 6.01 0.69 5.06
N TYR A 33 4.93 0.35 5.78
CA TYR A 33 4.40 -1.02 5.85
C TYR A 33 4.08 -1.61 4.47
N LEU A 34 3.59 -0.82 3.52
CA LEU A 34 3.31 -1.27 2.15
C LEU A 34 4.61 -1.53 1.34
N GLY A 35 5.66 -0.71 1.51
CA GLY A 35 6.98 -0.97 0.93
C GLY A 35 7.57 -2.32 1.38
N GLN A 36 7.52 -2.60 2.69
CA GLN A 36 7.95 -3.90 3.22
C GLN A 36 6.98 -5.04 2.85
N TYR A 37 5.67 -4.81 2.70
CA TYR A 37 4.73 -5.79 2.13
C TYR A 37 5.18 -6.25 0.74
N ILE A 38 5.49 -5.32 -0.17
CA ILE A 38 6.04 -5.64 -1.51
C ILE A 38 7.34 -6.44 -1.35
N MET A 39 8.26 -6.00 -0.48
CA MET A 39 9.52 -6.71 -0.26
C MET A 39 9.39 -8.12 0.34
N VAL A 40 8.36 -8.39 1.15
CA VAL A 40 8.00 -9.71 1.67
C VAL A 40 7.36 -10.59 0.58
N LYS A 41 6.35 -10.07 -0.14
CA LYS A 41 5.73 -10.74 -1.30
C LYS A 41 6.71 -10.89 -2.49
N GLN A 42 7.83 -10.16 -2.47
CA GLN A 42 8.94 -10.16 -3.44
C GLN A 42 8.48 -10.19 -4.90
N LEU A 43 7.46 -9.38 -5.19
CA LEU A 43 6.69 -9.37 -6.43
C LEU A 43 7.07 -8.19 -7.36
N TYR A 44 8.34 -7.81 -7.34
CA TYR A 44 8.95 -6.81 -8.21
C TYR A 44 9.74 -7.46 -9.36
N ASP A 45 10.09 -6.68 -10.39
CA ASP A 45 10.87 -7.19 -11.53
C ASP A 45 12.32 -7.52 -11.14
N GLN A 46 12.85 -8.67 -11.58
CA GLN A 46 14.25 -9.03 -11.48
C GLN A 46 15.18 -7.94 -12.01
N GLN A 47 14.89 -7.37 -13.19
CA GLN A 47 15.77 -6.40 -13.87
C GLN A 47 15.62 -4.99 -13.30
N GLU A 48 14.57 -4.74 -12.51
CA GLU A 48 14.30 -3.44 -11.88
C GLU A 48 13.36 -3.57 -10.67
N GLN A 49 13.97 -3.59 -9.48
CA GLN A 49 13.26 -3.64 -8.19
C GLN A 49 12.32 -2.45 -7.98
N HIS A 50 12.49 -1.36 -8.75
CA HIS A 50 11.61 -0.19 -8.72
C HIS A 50 10.21 -0.45 -9.30
N MET A 51 10.05 -1.50 -10.14
CA MET A 51 8.80 -1.88 -10.80
C MET A 51 8.13 -3.02 -10.04
N VAL A 52 6.84 -2.89 -9.73
CA VAL A 52 6.08 -3.76 -8.83
C VAL A 52 4.84 -4.34 -9.52
N TYR A 53 4.56 -5.62 -9.24
CA TYR A 53 3.39 -6.38 -9.69
C TYR A 53 2.57 -6.89 -8.49
N CYS A 54 1.35 -7.34 -8.77
CA CYS A 54 0.39 -7.83 -7.76
C CYS A 54 -0.40 -9.07 -8.20
N GLY A 55 -0.66 -9.25 -9.50
CA GLY A 55 -1.59 -10.28 -9.99
C GLY A 55 -2.96 -10.18 -9.29
N GLY A 56 -3.41 -11.29 -8.70
CA GLY A 56 -4.66 -11.37 -7.92
C GLY A 56 -4.54 -10.98 -6.43
N ASP A 57 -3.47 -10.33 -5.98
CA ASP A 57 -3.23 -10.06 -4.56
C ASP A 57 -4.20 -9.00 -3.99
N LEU A 58 -4.48 -9.12 -2.70
CA LEU A 58 -5.28 -8.16 -1.94
C LEU A 58 -4.75 -6.73 -2.04
N LEU A 59 -3.43 -6.55 -2.28
CA LEU A 59 -2.83 -5.24 -2.55
C LEU A 59 -3.31 -4.64 -3.88
N GLY A 60 -3.37 -5.43 -4.96
CA GLY A 60 -3.94 -4.99 -6.23
C GLY A 60 -5.44 -4.70 -6.12
N GLU A 61 -6.18 -5.52 -5.35
CA GLU A 61 -7.59 -5.29 -5.05
C GLU A 61 -7.81 -3.99 -4.24
N LEU A 62 -6.91 -3.67 -3.29
CA LEU A 62 -6.95 -2.44 -2.50
C LEU A 62 -6.61 -1.19 -3.33
N LEU A 63 -5.55 -1.26 -4.13
CA LEU A 63 -5.09 -0.16 -5.00
C LEU A 63 -6.03 0.11 -6.18
N GLY A 64 -6.75 -0.91 -6.67
CA GLY A 64 -7.52 -0.84 -7.92
C GLY A 64 -6.64 -0.99 -9.19
N ARG A 65 -5.33 -1.14 -8.99
CA ARG A 65 -4.29 -1.44 -9.98
C ARG A 65 -3.37 -2.52 -9.44
N GLN A 66 -3.02 -3.47 -10.29
CA GLN A 66 -2.19 -4.62 -9.94
C GLN A 66 -0.74 -4.50 -10.44
N SER A 67 -0.33 -3.32 -10.91
CA SER A 67 1.07 -2.97 -11.21
C SER A 67 1.31 -1.47 -11.09
N PHE A 68 2.47 -1.08 -10.55
CA PHE A 68 2.89 0.29 -10.25
C PHE A 68 4.42 0.35 -10.05
N SER A 69 4.99 1.54 -9.87
CA SER A 69 6.45 1.70 -9.64
C SER A 69 6.80 2.81 -8.65
N VAL A 70 8.08 2.92 -8.30
CA VAL A 70 8.64 4.05 -7.53
C VAL A 70 8.52 5.40 -8.30
N LYS A 71 8.38 5.37 -9.63
CA LYS A 71 8.12 6.55 -10.47
C LYS A 71 6.62 6.81 -10.74
N ASP A 72 5.77 5.80 -10.55
CA ASP A 72 4.30 5.88 -10.66
C ASP A 72 3.58 5.29 -9.42
N PRO A 73 3.76 5.89 -8.22
CA PRO A 73 3.15 5.43 -6.96
C PRO A 73 1.68 5.90 -6.78
N SER A 74 1.14 6.68 -7.72
CA SER A 74 -0.17 7.35 -7.68
C SER A 74 -1.35 6.52 -7.14
N PRO A 75 -1.56 5.23 -7.48
CA PRO A 75 -2.72 4.48 -6.95
C PRO A 75 -2.70 4.29 -5.43
N LEU A 76 -1.54 4.36 -4.76
CA LEU A 76 -1.43 4.33 -3.29
C LEU A 76 -2.05 5.61 -2.69
N TYR A 77 -1.61 6.76 -3.20
CA TYR A 77 -2.14 8.06 -2.78
C TYR A 77 -3.63 8.19 -3.11
N ASP A 78 -4.09 7.67 -4.26
CA ASP A 78 -5.51 7.63 -4.61
C ASP A 78 -6.33 6.73 -3.67
N MET A 79 -5.72 5.66 -3.15
CA MET A 79 -6.28 4.81 -2.10
C MET A 79 -6.47 5.61 -0.80
N LEU A 80 -5.47 6.38 -0.34
CA LEU A 80 -5.54 7.06 0.97
C LEU A 80 -6.13 8.47 0.97
N ARG A 81 -6.15 9.19 -0.16
CA ARG A 81 -6.76 10.55 -0.26
C ARG A 81 -8.27 10.55 -0.02
N LYS A 82 -8.87 9.38 -0.27
CA LYS A 82 -10.26 9.02 0.02
C LYS A 82 -10.52 8.85 1.54
N ASN A 83 -9.49 8.52 2.32
CA ASN A 83 -9.58 8.31 3.77
C ASN A 83 -9.16 9.54 4.62
N LEU A 84 -8.04 10.23 4.32
CA LEU A 84 -7.67 11.50 4.96
C LEU A 84 -7.37 12.60 3.93
N VAL A 85 -7.49 13.87 4.37
CA VAL A 85 -7.30 15.04 3.50
C VAL A 85 -5.82 15.25 3.15
N THR A 86 -5.44 14.83 1.94
CA THR A 86 -4.07 14.94 1.41
C THR A 86 -4.03 15.04 -0.11
N LEU A 87 -2.82 15.22 -0.65
CA LEU A 87 -2.49 15.41 -2.08
C LEU A 87 -1.82 14.19 -2.72
N ALA A 88 -1.61 14.27 -4.04
CA ALA A 88 -0.80 13.33 -4.82
C ALA A 88 0.03 14.02 -5.91
N THR A 89 1.05 13.32 -6.42
CA THR A 89 2.02 13.87 -7.38
C THR A 89 2.78 12.80 -8.17
N 49H B . 11.75 3.69 -2.03
CG1 49H B . 8.74 2.52 -1.14
CG2 49H B . 9.85 5.23 -1.35
CG3 49H B . 12.44 1.71 -3.23
CD1 49H B . 8.56 1.99 -2.43
CD2 49H B . 7.60 2.85 -0.38
CD3 49H B . 9.24 5.26 -2.60
CD4 49H B . 9.61 6.28 -0.45
CD5 49H B . 13.32 2.43 -4.05
CD6 49H B . 12.15 0.38 -3.59
CE1 49H B . 7.29 1.82 -2.95
CE2 49H B . 6.33 2.69 -0.92
CE3 49H B . 8.38 6.29 -2.95
CE4 49H B . 8.77 7.33 -0.81
CE5 49H B . 13.96 1.83 -5.13
CE6 49H B . 12.80 -0.22 -4.66
CZ1 49H B . 6.17 2.17 -2.20
CZ2 49H B . 8.15 7.34 -2.06
CZ3 49H B . 13.72 0.49 -5.42
CL1 49H B . 4.60 1.97 -2.88
CL2 49H B . 7.57 6.28 -4.48
CM1 49H B . 15.47 0.37 -7.19
CM2 49H B . 9.59 -1.01 -4.70
CM3 49H B . 9.43 -1.85 -2.32
C1 49H B . 14.05 -1.91 0.58
N1 49H B . 15.09 -1.05 0.66
O1 49H B . 14.27 -3.09 0.80
C2 49H B . 14.97 0.38 0.41
N2 49H B . 12.54 0.06 -0.22
C3 49H B . 13.83 0.72 -0.55
N3 49H B . 11.12 1.77 -1.00
O3 49H B . 14.33 -0.17 -6.47
C4 49H B . 12.66 -1.35 0.25
C5 49H B . 11.31 0.64 -0.27
O5 49H B . 10.39 0.17 0.37
C6 49H B . 11.85 2.41 -2.04
O6 49H B . 11.14 -0.30 -2.92
C7 49H B . 10.80 4.10 -0.96
C8 49H B . 10.13 2.76 -0.56
C9 49H B . 10.39 -1.42 -3.44
HD1 49H B . 9.42 1.72 -3.03
HD2 49H B . 7.72 3.27 0.61
HD3 49H B . 9.42 4.46 -3.31
HD4 49H B . 10.09 6.28 0.52
HD5 49H B . 13.55 3.48 -3.83
HE1 49H B . 7.16 1.42 -3.97
HE2 49H B . 5.46 2.95 -0.33
HE4 49H B . 8.59 8.15 -0.11
HE5 49H B . 14.65 2.41 -5.73
HE6 49H B . 12.60 -1.25 -4.92
HZ2 49H B . 7.48 8.16 -2.33
HM11 49H B . 15.18 1.31 -7.69
HM12 49H B . 16.28 0.56 -6.48
HM13 49H B . 15.79 -0.36 -7.94
HM21 49H B . 9.05 -1.87 -5.09
HM22 49H B . 8.88 -0.22 -4.47
HM23 49H B . 10.25 -0.65 -5.49
HM31 49H B . 8.69 -1.07 -2.11
HM32 49H B . 8.90 -2.76 -2.62
HM33 49H B . 9.97 -2.07 -1.41
HN1 49H B . 15.98 -1.44 0.88
H21 49H B . 14.77 0.87 1.38
H22 49H B . 15.92 0.76 0.02
H31 49H B . 13.72 1.81 -0.53
H32 49H B . 14.13 0.42 -1.56
H41 49H B . 12.26 -2.01 -0.53
H42 49H B . 12.08 -1.48 1.16
H7 49H B . 11.41 4.44 -0.11
H8 49H B . 10.06 2.73 0.54
H9 49H B . 11.07 -2.24 -3.68
N GLN A 1 -8.47 11.68 18.49
CA GLN A 1 -8.31 11.17 17.13
C GLN A 1 -7.13 11.79 16.37
N ILE A 2 -6.74 11.19 15.24
CA ILE A 2 -5.61 11.61 14.39
C ILE A 2 -6.03 11.88 12.93
N ASN A 3 -5.28 12.77 12.24
CA ASN A 3 -5.57 13.20 10.87
C ASN A 3 -4.87 12.32 9.81
N GLN A 4 -5.23 11.04 9.82
CA GLN A 4 -4.64 9.91 9.07
C GLN A 4 -5.63 8.72 9.06
N VAL A 5 -5.25 7.57 8.49
CA VAL A 5 -6.17 6.45 8.21
C VAL A 5 -6.38 5.56 9.45
N ARG A 6 -7.32 4.61 9.36
CA ARG A 6 -7.65 3.52 10.31
C ARG A 6 -8.47 2.46 9.53
N PRO A 7 -8.18 1.14 9.66
CA PRO A 7 -8.75 0.10 8.79
C PRO A 7 -9.94 -0.65 9.41
N LYS A 8 -10.45 -1.62 8.63
CA LYS A 8 -11.40 -2.67 9.03
C LYS A 8 -10.75 -4.03 8.77
N LEU A 9 -11.31 -5.11 9.32
CA LEU A 9 -10.73 -6.47 9.37
C LEU A 9 -9.97 -6.94 8.10
N PRO A 10 -10.57 -6.99 6.89
CA PRO A 10 -9.87 -7.46 5.68
C PRO A 10 -8.75 -6.53 5.19
N LEU A 11 -8.82 -5.23 5.51
CA LEU A 11 -7.80 -4.25 5.14
C LEU A 11 -6.62 -4.27 6.12
N LEU A 12 -6.91 -4.44 7.41
CA LEU A 12 -5.92 -4.68 8.48
C LEU A 12 -5.13 -5.98 8.22
N LYS A 13 -5.75 -6.98 7.59
CA LYS A 13 -5.14 -8.29 7.27
C LYS A 13 -3.89 -8.16 6.38
N ILE A 14 -3.94 -7.22 5.43
CA ILE A 14 -2.88 -6.95 4.44
C ILE A 14 -1.69 -6.26 5.10
N LEU A 15 -1.97 -5.28 5.98
CA LEU A 15 -0.93 -4.64 6.79
C LEU A 15 -0.39 -5.60 7.88
N HIS A 16 -1.18 -6.53 8.42
CA HIS A 16 -0.68 -7.62 9.29
C HIS A 16 0.25 -8.58 8.55
N ALA A 17 -0.03 -8.90 7.27
CA ALA A 17 0.91 -9.62 6.41
C ALA A 17 2.21 -8.82 6.14
N ALA A 18 2.17 -7.49 6.28
CA ALA A 18 3.33 -6.61 6.27
C ALA A 18 4.04 -6.47 7.64
N GLY A 19 3.59 -7.18 8.68
CA GLY A 19 4.11 -7.09 10.05
C GLY A 19 3.70 -5.81 10.81
N ALA A 20 2.67 -5.10 10.35
CA ALA A 20 2.18 -3.84 10.92
C ALA A 20 1.10 -4.05 12.00
N GLN A 21 0.41 -2.96 12.36
CA GLN A 21 -0.80 -2.94 13.21
C GLN A 21 -1.93 -2.14 12.53
N GLY A 22 -2.43 -2.65 11.41
CA GLY A 22 -3.50 -2.03 10.64
C GLY A 22 -3.03 -0.83 9.82
N GLU A 23 -3.83 0.24 9.80
CA GLU A 23 -3.59 1.50 9.08
C GLU A 23 -3.83 2.73 9.96
N MET A 24 -3.85 2.56 11.29
CA MET A 24 -4.20 3.60 12.27
C MET A 24 -3.05 4.58 12.54
N PHE A 25 -2.51 5.14 11.44
CA PHE A 25 -1.29 5.95 11.38
C PHE A 25 -1.10 6.65 10.01
N THR A 26 -0.12 7.57 9.95
CA THR A 26 0.14 8.52 8.84
C THR A 26 0.58 7.86 7.53
N VAL A 27 0.53 8.65 6.44
CA VAL A 27 0.93 8.26 5.06
C VAL A 27 2.32 7.63 5.01
N LYS A 28 3.28 8.23 5.72
CA LYS A 28 4.66 7.72 5.79
C LYS A 28 4.78 6.36 6.49
N GLU A 29 3.88 6.06 7.43
CA GLU A 29 3.84 4.77 8.11
C GLU A 29 3.16 3.71 7.23
N VAL A 30 1.97 3.96 6.64
CA VAL A 30 1.35 3.00 5.69
C VAL A 30 2.28 2.64 4.54
N MET A 31 2.94 3.63 3.95
CA MET A 31 3.85 3.39 2.82
C MET A 31 5.17 2.69 3.23
N HIS A 32 5.60 2.84 4.48
CA HIS A 32 6.71 2.07 5.08
C HIS A 32 6.36 0.58 5.14
N TYR A 33 5.25 0.23 5.79
CA TYR A 33 4.70 -1.12 5.83
C TYR A 33 4.44 -1.69 4.41
N LEU A 34 3.89 -0.92 3.48
CA LEU A 34 3.72 -1.37 2.08
C LEU A 34 5.06 -1.62 1.37
N GLY A 35 6.09 -0.82 1.62
CA GLY A 35 7.45 -1.06 1.09
C GLY A 35 8.02 -2.43 1.54
N GLN A 36 7.92 -2.75 2.83
CA GLN A 36 8.33 -4.06 3.34
C GLN A 36 7.38 -5.20 2.92
N TYR A 37 6.07 -4.95 2.75
CA TYR A 37 5.15 -5.92 2.14
C TYR A 37 5.64 -6.30 0.73
N ILE A 38 5.89 -5.33 -0.14
CA ILE A 38 6.39 -5.56 -1.52
C ILE A 38 7.72 -6.33 -1.46
N MET A 39 8.62 -5.96 -0.54
CA MET A 39 9.91 -6.64 -0.39
C MET A 39 9.79 -8.10 0.09
N VAL A 40 8.77 -8.43 0.91
CA VAL A 40 8.48 -9.81 1.36
C VAL A 40 7.75 -10.62 0.26
N LYS A 41 6.69 -10.05 -0.30
CA LYS A 41 5.90 -10.64 -1.41
C LYS A 41 6.69 -10.73 -2.73
N GLN A 42 7.81 -9.99 -2.82
CA GLN A 42 8.81 -10.00 -3.89
C GLN A 42 8.23 -9.94 -5.31
N LEU A 43 7.22 -9.08 -5.49
CA LEU A 43 6.47 -8.91 -6.74
C LEU A 43 7.16 -7.96 -7.74
N TYR A 44 8.36 -7.45 -7.44
CA TYR A 44 9.12 -6.55 -8.32
C TYR A 44 9.83 -7.26 -9.48
N ASP A 45 10.27 -6.50 -10.48
CA ASP A 45 11.02 -7.03 -11.61
C ASP A 45 12.46 -7.41 -11.23
N GLN A 46 12.94 -8.54 -11.74
CA GLN A 46 14.34 -9.00 -11.64
C GLN A 46 15.36 -7.94 -12.12
N GLN A 47 15.03 -7.25 -13.22
CA GLN A 47 15.93 -6.30 -13.90
C GLN A 47 15.82 -4.88 -13.36
N GLU A 48 14.71 -4.55 -12.68
CA GLU A 48 14.45 -3.22 -12.10
C GLU A 48 13.53 -3.32 -10.89
N GLN A 49 14.13 -3.33 -9.69
CA GLN A 49 13.42 -3.35 -8.41
C GLN A 49 12.54 -2.09 -8.21
N HIS A 50 12.75 -1.05 -9.01
CA HIS A 50 11.93 0.16 -9.03
C HIS A 50 10.48 -0.10 -9.53
N MET A 51 10.27 -1.20 -10.27
CA MET A 51 9.00 -1.61 -10.88
C MET A 51 8.36 -2.77 -10.09
N VAL A 52 7.05 -2.71 -9.85
CA VAL A 52 6.30 -3.61 -8.96
C VAL A 52 5.05 -4.15 -9.66
N TYR A 53 4.83 -5.46 -9.60
CA TYR A 53 3.59 -6.14 -10.03
C TYR A 53 2.69 -6.47 -8.81
N CYS A 54 1.46 -6.90 -9.06
CA CYS A 54 0.47 -7.27 -8.03
C CYS A 54 -0.62 -8.24 -8.53
N GLY A 55 -0.32 -9.02 -9.58
CA GLY A 55 -1.34 -9.84 -10.27
C GLY A 55 -1.99 -10.86 -9.34
N GLY A 56 -3.28 -10.68 -9.07
CA GLY A 56 -4.07 -11.50 -8.16
C GLY A 56 -3.76 -11.34 -6.66
N ASP A 57 -3.00 -10.32 -6.22
CA ASP A 57 -2.67 -10.11 -4.82
C ASP A 57 -3.69 -9.18 -4.14
N LEU A 58 -3.91 -9.41 -2.84
CA LEU A 58 -4.75 -8.56 -2.00
C LEU A 58 -4.27 -7.10 -1.99
N LEU A 59 -2.97 -6.84 -2.19
CA LEU A 59 -2.43 -5.49 -2.39
C LEU A 59 -2.91 -4.85 -3.69
N GLY A 60 -2.99 -5.60 -4.80
CA GLY A 60 -3.58 -5.12 -6.06
C GLY A 60 -5.08 -4.87 -5.94
N GLU A 61 -5.81 -5.69 -5.18
CA GLU A 61 -7.20 -5.45 -4.84
C GLU A 61 -7.35 -4.18 -3.97
N LEU A 62 -6.45 -3.95 -3.00
CA LEU A 62 -6.44 -2.76 -2.14
C LEU A 62 -6.15 -1.46 -2.91
N LEU A 63 -5.15 -1.48 -3.81
CA LEU A 63 -4.73 -0.35 -4.63
C LEU A 63 -5.63 -0.12 -5.86
N GLY A 64 -6.36 -1.14 -6.32
CA GLY A 64 -7.12 -1.12 -7.57
C GLY A 64 -6.25 -1.26 -8.84
N ARG A 65 -4.95 -1.53 -8.68
CA ARG A 65 -3.95 -1.71 -9.75
C ARG A 65 -3.02 -2.88 -9.50
N GLN A 66 -2.76 -3.66 -10.55
CA GLN A 66 -1.89 -4.85 -10.52
C GLN A 66 -0.46 -4.57 -11.01
N SER A 67 -0.11 -3.31 -11.25
CA SER A 67 1.27 -2.86 -11.49
C SER A 67 1.45 -1.36 -11.19
N PHE A 68 2.59 -1.01 -10.59
CA PHE A 68 3.00 0.36 -10.22
C PHE A 68 4.52 0.44 -10.04
N SER A 69 5.07 1.63 -9.77
CA SER A 69 6.51 1.82 -9.59
C SER A 69 6.83 2.86 -8.51
N VAL A 70 8.11 3.02 -8.17
CA VAL A 70 8.57 4.07 -7.25
C VAL A 70 8.40 5.49 -7.85
N LYS A 71 8.30 5.63 -9.18
CA LYS A 71 7.99 6.91 -9.86
C LYS A 71 6.50 7.12 -10.18
N ASP A 72 5.70 6.05 -10.14
CA ASP A 72 4.23 6.07 -10.20
C ASP A 72 3.58 5.33 -9.00
N PRO A 73 3.74 5.84 -7.76
CA PRO A 73 3.09 5.31 -6.56
C PRO A 73 1.62 5.73 -6.42
N SER A 74 1.06 6.43 -7.42
CA SER A 74 -0.28 7.02 -7.48
C SER A 74 -1.43 6.18 -6.87
N PRO A 75 -1.58 4.86 -7.12
CA PRO A 75 -2.69 4.09 -6.53
C PRO A 75 -2.67 3.98 -5.00
N LEU A 76 -1.53 4.19 -4.34
CA LEU A 76 -1.44 4.28 -2.87
C LEU A 76 -2.16 5.55 -2.38
N TYR A 77 -1.84 6.69 -3.00
CA TYR A 77 -2.51 7.95 -2.72
C TYR A 77 -3.98 7.94 -3.15
N ASP A 78 -4.34 7.20 -4.20
CA ASP A 78 -5.74 6.96 -4.60
C ASP A 78 -6.53 6.14 -3.55
N MET A 79 -5.84 5.23 -2.85
CA MET A 79 -6.36 4.49 -1.70
C MET A 79 -6.52 5.41 -0.47
N LEU A 80 -5.66 6.41 -0.28
CA LEU A 80 -5.69 7.33 0.86
C LEU A 80 -6.56 8.57 0.68
N ARG A 81 -6.80 9.05 -0.56
CA ARG A 81 -7.61 10.27 -0.81
C ARG A 81 -9.07 10.16 -0.38
N LYS A 82 -9.57 8.93 -0.33
CA LYS A 82 -10.88 8.59 0.24
C LYS A 82 -10.92 8.84 1.76
N ASN A 83 -9.77 8.73 2.44
CA ASN A 83 -9.66 9.13 3.85
C ASN A 83 -9.32 10.63 4.01
N LEU A 84 -8.10 11.06 3.61
CA LEU A 84 -7.66 12.46 3.64
C LEU A 84 -7.03 12.93 2.32
N VAL A 85 -7.32 14.17 1.91
CA VAL A 85 -6.62 14.82 0.79
C VAL A 85 -5.23 15.26 1.29
N THR A 86 -4.16 14.85 0.60
CA THR A 86 -2.77 14.99 1.08
C THR A 86 -1.76 15.11 -0.07
N LEU A 87 -0.50 15.38 0.31
CA LEU A 87 0.65 15.54 -0.60
C LEU A 87 1.10 14.19 -1.20
N ALA A 88 1.62 14.22 -2.41
CA ALA A 88 2.13 13.06 -3.15
C ALA A 88 3.36 13.43 -4.02
N THR A 89 3.99 12.40 -4.60
CA THR A 89 5.26 12.55 -5.35
C THR A 89 5.52 11.45 -6.38
N 49H B . 11.93 3.95 -1.65
CG1 49H B . 8.82 2.85 -1.13
CG2 49H B . 10.10 5.48 -0.76
CG3 49H B . 12.55 2.18 -3.17
CD1 49H B . 8.69 2.70 -2.51
CD2 49H B . 7.65 2.91 -0.35
CD3 49H B . 9.85 6.01 -2.03
CD4 49H B . 9.57 6.13 0.36
CD5 49H B . 13.48 2.98 -3.83
CD6 49H B . 12.20 0.95 -3.76
CE1 49H B . 7.43 2.61 -3.11
CE2 49H B . 6.40 2.82 -0.95
CE3 49H B . 9.08 7.16 -2.18
CE4 49H B . 8.82 7.30 0.22
CE5 49H B . 14.09 2.56 -5.01
CE6 49H B . 12.84 0.53 -4.93
CZ1 49H B . 6.29 2.67 -2.33
CZ2 49H B . 8.57 7.81 -1.06
CZ3 49H B . 13.78 1.33 -5.55
CL1 49H B . 4.73 2.56 -3.07
CL2 49H B . 8.75 7.78 -3.75
CM1 49H B . 15.44 1.53 -7.41
CM2 49H B . 9.61 -0.11 -5.10
CM3 49H B . 9.44 -1.42 -2.94
C1 49H B . 14.88 -0.03 0.14
N1 49H B . 14.62 -1.08 0.93
O1 49H B . 16.03 0.38 0.09
C2 49H B . 13.30 -1.73 1.03
N2 49H B . 12.39 0.01 -0.51
C3 49H B . 12.44 -1.44 -0.21
N3 49H B . 11.14 1.93 -1.01
O3 49H B . 14.36 0.85 -6.72
C4 49H B . 13.75 0.61 -0.66
C5 49H B . 11.21 0.69 -0.48
O5 49H B . 10.23 0.20 0.08
C6 49H B . 11.95 2.69 -1.89
O6 49H B . 11.17 0.19 -3.25
C7 49H B . 10.96 4.23 -0.56
C8 49H B . 10.19 2.90 -0.44
C9 49H B . 10.39 -0.79 -3.96
HD1 49H B . 9.58 2.63 -3.14
HD2 49H B . 7.73 3.01 0.73
HD3 49H B . 10.26 5.52 -2.90
HD4 49H B . 9.75 5.74 1.36
HD5 49H B . 13.76 3.96 -3.43
HE1 49H B . 7.35 2.48 -4.19
HE2 49H B . 5.50 2.85 -0.34
HE4 49H B . 8.42 7.80 1.10
HE5 49H B . 14.82 3.22 -5.49
HE6 49H B . 12.61 -0.43 -5.38
HZ2 49H B . 7.97 8.72 -1.17
HM11 49H B . 16.29 1.64 -6.74
HM12 49H B . 15.74 0.93 -8.27
HM13 49H B . 15.09 2.51 -7.75
HM21 49H B . 9.01 -0.85 -5.62
HM22 49H B . 8.96 0.66 -4.72
HM23 49H B . 10.29 0.33 -5.83
HM31 49H B . 9.99 -1.90 -2.13
HM32 49H B . 8.78 -0.66 -2.51
HM33 49H B . 8.81 -2.18 -3.42
HN1 49H B . 15.39 -1.47 1.45
H21 49H B . 13.43 -2.80 1.14
H22 49H B . 12.79 -1.34 1.91
H31 49H B . 12.87 -1.94 -1.08
H32 49H B . 11.44 -1.86 -0.06
H41 49H B . 13.74 1.65 -0.33
H42 49H B . 14.05 0.55 -1.70
H7 49H B . 11.55 4.36 0.36
H8 49H B . 10.06 2.68 0.63
H9 49H B . 11.06 -1.57 -4.36
N GLN A 1 -7.98 9.60 16.35
CA GLN A 1 -8.14 11.00 16.73
C GLN A 1 -7.20 11.97 15.97
N ILE A 2 -6.72 11.53 14.81
CA ILE A 2 -5.75 12.20 13.93
C ILE A 2 -6.30 12.37 12.51
N ASN A 3 -5.60 13.16 11.67
CA ASN A 3 -5.99 13.46 10.28
C ASN A 3 -5.69 12.33 9.27
N GLN A 4 -5.69 11.09 9.75
CA GLN A 4 -5.19 9.85 9.11
C GLN A 4 -6.25 8.74 9.00
N VAL A 5 -5.82 7.57 8.51
CA VAL A 5 -6.67 6.39 8.29
C VAL A 5 -6.71 5.50 9.54
N ARG A 6 -7.58 4.47 9.52
CA ARG A 6 -7.80 3.37 10.48
C ARG A 6 -8.64 2.28 9.77
N PRO A 7 -8.27 0.99 9.82
CA PRO A 7 -8.89 -0.05 8.98
C PRO A 7 -9.95 -0.90 9.68
N LYS A 8 -10.57 -1.78 8.88
CA LYS A 8 -11.44 -2.90 9.30
C LYS A 8 -10.59 -4.18 9.18
N LEU A 9 -10.96 -5.28 9.84
CA LEU A 9 -10.19 -6.54 9.89
C LEU A 9 -9.63 -7.02 8.52
N PRO A 10 -10.39 -7.06 7.40
CA PRO A 10 -9.85 -7.50 6.11
C PRO A 10 -8.80 -6.55 5.50
N LEU A 11 -8.89 -5.25 5.81
CA LEU A 11 -7.92 -4.22 5.37
C LEU A 11 -6.68 -4.21 6.29
N LEU A 12 -6.87 -4.43 7.59
CA LEU A 12 -5.80 -4.66 8.56
C LEU A 12 -4.95 -5.87 8.14
N LYS A 13 -5.58 -6.94 7.65
CA LYS A 13 -4.93 -8.18 7.20
C LYS A 13 -3.79 -7.95 6.19
N ILE A 14 -3.99 -7.02 5.24
CA ILE A 14 -2.99 -6.68 4.21
C ILE A 14 -1.72 -6.13 4.87
N LEU A 15 -1.88 -5.14 5.76
CA LEU A 15 -0.77 -4.52 6.48
C LEU A 15 -0.17 -5.47 7.53
N HIS A 16 -0.97 -6.36 8.13
CA HIS A 16 -0.52 -7.35 9.13
C HIS A 16 0.34 -8.45 8.52
N ALA A 17 0.10 -8.83 7.25
CA ALA A 17 0.99 -9.71 6.48
C ALA A 17 2.42 -9.13 6.34
N ALA A 18 2.56 -7.81 6.51
CA ALA A 18 3.82 -7.07 6.51
C ALA A 18 4.23 -6.55 7.91
N GLY A 19 3.71 -7.15 8.99
CA GLY A 19 4.16 -6.89 10.37
C GLY A 19 3.74 -5.55 10.99
N ALA A 20 2.74 -4.88 10.41
CA ALA A 20 2.23 -3.58 10.86
C ALA A 20 1.26 -3.71 12.06
N GLN A 21 0.45 -2.67 12.29
CA GLN A 21 -0.69 -2.65 13.21
C GLN A 21 -1.91 -1.94 12.58
N GLY A 22 -2.35 -2.49 11.43
CA GLY A 22 -3.44 -1.96 10.63
C GLY A 22 -3.03 -0.78 9.77
N GLU A 23 -3.83 0.29 9.82
CA GLU A 23 -3.67 1.55 9.07
C GLU A 23 -3.98 2.77 9.94
N MET A 24 -3.95 2.63 11.28
CA MET A 24 -4.31 3.69 12.23
C MET A 24 -3.21 4.75 12.41
N PHE A 25 -2.72 5.27 11.28
CA PHE A 25 -1.53 6.13 11.16
C PHE A 25 -1.38 6.81 9.78
N THR A 26 -0.43 7.75 9.66
CA THR A 26 -0.19 8.65 8.50
C THR A 26 0.24 7.93 7.21
N VAL A 27 0.22 8.67 6.10
CA VAL A 27 0.60 8.25 4.72
C VAL A 27 2.00 7.62 4.70
N LYS A 28 2.94 8.24 5.42
CA LYS A 28 4.34 7.77 5.50
C LYS A 28 4.46 6.41 6.18
N GLU A 29 3.60 6.16 7.17
CA GLU A 29 3.61 4.91 7.92
C GLU A 29 2.92 3.79 7.12
N VAL A 30 1.75 4.04 6.51
CA VAL A 30 1.14 3.03 5.59
C VAL A 30 2.07 2.63 4.46
N MET A 31 2.70 3.61 3.80
CA MET A 31 3.59 3.33 2.67
C MET A 31 4.93 2.67 3.08
N HIS A 32 5.37 2.86 4.33
CA HIS A 32 6.51 2.14 4.92
C HIS A 32 6.19 0.63 5.04
N TYR A 33 5.14 0.27 5.76
CA TYR A 33 4.62 -1.09 5.88
C TYR A 33 4.31 -1.73 4.51
N LEU A 34 3.77 -0.97 3.55
CA LEU A 34 3.47 -1.44 2.19
C LEU A 34 4.75 -1.64 1.34
N GLY A 35 5.78 -0.81 1.51
CA GLY A 35 7.10 -1.02 0.93
C GLY A 35 7.73 -2.36 1.37
N GLN A 36 7.70 -2.65 2.68
CA GLN A 36 8.12 -3.95 3.19
C GLN A 36 7.17 -5.10 2.79
N TYR A 37 5.86 -4.87 2.63
CA TYR A 37 4.94 -5.86 2.02
C TYR A 37 5.45 -6.29 0.64
N ILE A 38 5.72 -5.33 -0.26
CA ILE A 38 6.27 -5.61 -1.61
C ILE A 38 7.60 -6.36 -1.50
N MET A 39 8.48 -5.95 -0.59
CA MET A 39 9.78 -6.59 -0.37
C MET A 39 9.66 -8.05 0.12
N VAL A 40 8.65 -8.38 0.94
CA VAL A 40 8.36 -9.75 1.41
C VAL A 40 7.66 -10.59 0.34
N LYS A 41 6.58 -10.05 -0.27
CA LYS A 41 5.85 -10.69 -1.39
C LYS A 41 6.70 -10.82 -2.66
N GLN A 42 7.82 -10.09 -2.73
CA GLN A 42 8.87 -10.14 -3.75
C GLN A 42 8.32 -10.12 -5.20
N LEU A 43 7.34 -9.23 -5.39
CA LEU A 43 6.50 -9.14 -6.59
C LEU A 43 7.02 -8.09 -7.61
N TYR A 44 8.24 -7.59 -7.42
CA TYR A 44 8.94 -6.67 -8.31
C TYR A 44 9.71 -7.41 -9.43
N ASP A 45 10.12 -6.69 -10.48
CA ASP A 45 10.86 -7.28 -11.60
C ASP A 45 12.31 -7.67 -11.24
N GLN A 46 12.78 -8.76 -11.85
CA GLN A 46 14.10 -9.37 -11.61
C GLN A 46 15.25 -8.47 -12.09
N GLN A 47 15.04 -7.72 -13.18
CA GLN A 47 16.00 -6.81 -13.78
C GLN A 47 15.81 -5.35 -13.31
N GLU A 48 14.62 -5.00 -12.80
CA GLU A 48 14.33 -3.65 -12.29
C GLU A 48 13.39 -3.68 -11.07
N GLN A 49 13.98 -3.69 -9.88
CA GLN A 49 13.28 -3.60 -8.57
C GLN A 49 12.40 -2.33 -8.45
N HIS A 50 12.71 -1.31 -9.27
CA HIS A 50 11.91 -0.10 -9.44
C HIS A 50 10.46 -0.38 -9.88
N MET A 51 10.23 -1.46 -10.65
CA MET A 51 8.93 -1.84 -11.19
C MET A 51 8.28 -2.94 -10.35
N VAL A 52 7.01 -2.74 -9.97
CA VAL A 52 6.25 -3.57 -9.03
C VAL A 52 4.98 -4.11 -9.68
N TYR A 53 4.78 -5.42 -9.63
CA TYR A 53 3.55 -6.10 -10.04
C TYR A 53 2.71 -6.52 -8.82
N CYS A 54 1.45 -6.89 -9.04
CA CYS A 54 0.48 -7.31 -8.02
C CYS A 54 -0.53 -8.35 -8.55
N GLY A 55 -0.16 -9.11 -9.59
CA GLY A 55 -1.09 -9.97 -10.32
C GLY A 55 -1.72 -11.04 -9.43
N GLY A 56 -3.04 -10.95 -9.24
CA GLY A 56 -3.83 -11.83 -8.37
C GLY A 56 -3.58 -11.66 -6.85
N ASP A 57 -2.87 -10.62 -6.39
CA ASP A 57 -2.59 -10.43 -4.96
C ASP A 57 -3.66 -9.57 -4.29
N LEU A 58 -3.88 -9.82 -3.00
CA LEU A 58 -4.81 -9.07 -2.16
C LEU A 58 -4.43 -7.57 -2.10
N LEU A 59 -3.14 -7.22 -2.28
CA LEU A 59 -2.68 -5.84 -2.46
C LEU A 59 -3.16 -5.22 -3.79
N GLY A 60 -3.17 -5.96 -4.89
CA GLY A 60 -3.75 -5.51 -6.16
C GLY A 60 -5.27 -5.31 -6.04
N GLU A 61 -5.95 -6.17 -5.28
CA GLU A 61 -7.36 -5.99 -4.94
C GLU A 61 -7.60 -4.75 -4.06
N LEU A 62 -6.69 -4.45 -3.10
CA LEU A 62 -6.76 -3.25 -2.26
C LEU A 62 -6.54 -1.96 -3.08
N LEU A 63 -5.51 -1.94 -3.94
CA LEU A 63 -5.11 -0.77 -4.74
C LEU A 63 -6.01 -0.55 -5.97
N GLY A 64 -6.67 -1.61 -6.47
CA GLY A 64 -7.42 -1.59 -7.73
C GLY A 64 -6.54 -1.70 -8.98
N ARG A 65 -5.23 -1.96 -8.81
CA ARG A 65 -4.23 -2.12 -9.88
C ARG A 65 -3.23 -3.23 -9.62
N GLN A 66 -2.81 -3.90 -10.69
CA GLN A 66 -1.85 -5.03 -10.64
C GLN A 66 -0.43 -4.65 -11.09
N SER A 67 -0.16 -3.36 -11.32
CA SER A 67 1.20 -2.83 -11.52
C SER A 67 1.35 -1.34 -11.20
N PHE A 68 2.52 -0.96 -10.67
CA PHE A 68 2.97 0.40 -10.36
C PHE A 68 4.51 0.43 -10.22
N SER A 69 5.11 1.58 -9.88
CA SER A 69 6.56 1.70 -9.70
C SER A 69 6.95 2.60 -8.53
N VAL A 70 8.24 2.61 -8.17
CA VAL A 70 8.81 3.56 -7.20
C VAL A 70 8.90 5.00 -7.75
N LYS A 71 8.70 5.19 -9.06
CA LYS A 71 8.56 6.51 -9.71
C LYS A 71 7.12 7.02 -9.72
N ASP A 72 6.15 6.10 -9.81
CA ASP A 72 4.70 6.36 -9.78
C ASP A 72 3.96 5.51 -8.72
N PRO A 73 4.13 5.80 -7.40
CA PRO A 73 3.42 5.15 -6.30
C PRO A 73 1.96 5.64 -6.13
N SER A 74 1.46 6.44 -7.07
CA SER A 74 0.14 7.11 -7.06
C SER A 74 -1.07 6.25 -6.66
N PRO A 75 -1.17 4.94 -6.97
CA PRO A 75 -2.30 4.11 -6.53
C PRO A 75 -2.47 4.04 -5.00
N LEU A 76 -1.39 4.15 -4.22
CA LEU A 76 -1.48 4.24 -2.75
C LEU A 76 -2.17 5.54 -2.33
N TYR A 77 -1.74 6.67 -2.92
CA TYR A 77 -2.30 7.97 -2.61
C TYR A 77 -3.77 8.07 -3.03
N ASP A 78 -4.18 7.40 -4.11
CA ASP A 78 -5.59 7.32 -4.50
C ASP A 78 -6.43 6.44 -3.56
N MET A 79 -5.82 5.41 -2.98
CA MET A 79 -6.38 4.59 -1.90
C MET A 79 -6.59 5.44 -0.63
N LEU A 80 -5.68 6.39 -0.35
CA LEU A 80 -5.66 7.20 0.87
C LEU A 80 -6.50 8.49 0.79
N ARG A 81 -6.48 9.22 -0.33
CA ARG A 81 -7.13 10.55 -0.51
C ARG A 81 -8.65 10.56 -0.29
N LYS A 82 -9.29 9.41 -0.52
CA LYS A 82 -10.71 9.14 -0.25
C LYS A 82 -11.01 8.87 1.23
N ASN A 83 -9.99 8.42 1.97
CA ASN A 83 -10.13 7.86 3.31
C ASN A 83 -9.62 8.79 4.45
N LEU A 84 -8.44 9.42 4.29
CA LEU A 84 -7.92 10.49 5.16
C LEU A 84 -7.99 11.88 4.49
N VAL A 85 -7.73 12.91 5.30
CA VAL A 85 -7.53 14.30 4.86
C VAL A 85 -6.06 14.74 4.83
N THR A 86 -5.23 14.04 5.60
CA THR A 86 -3.76 14.18 5.77
C THR A 86 -3.28 15.64 5.99
N LEU A 87 -1.97 15.88 5.91
CA LEU A 87 -1.34 17.18 6.10
C LEU A 87 -1.51 18.09 4.85
N ALA A 88 -1.57 19.40 5.07
CA ALA A 88 -1.74 20.42 4.03
C ALA A 88 -1.06 21.76 4.39
N THR A 89 -1.03 22.69 3.43
CA THR A 89 -0.33 23.98 3.55
C THR A 89 -0.88 25.07 2.62
N 49H B . 11.68 3.41 -1.79
CG1 49H B . 8.67 2.30 -1.11
CG2 49H B . 9.87 5.01 -0.97
CG3 49H B . 12.43 1.46 -3.02
CD1 49H B . 8.57 1.90 -2.45
CD2 49H B . 7.49 2.55 -0.39
CD3 49H B . 9.61 5.47 -2.26
CD4 49H B . 9.34 5.72 0.12
CD5 49H B . 13.24 2.24 -3.85
CD6 49H B . 12.25 0.10 -3.35
CE1 49H B . 7.32 1.78 -3.05
CE2 49H B . 6.25 2.43 -1.00
CE3 49H B . 8.87 6.62 -2.46
CE4 49H B . 8.61 6.88 -0.08
CE5 49H B . 13.89 1.70 -4.96
CE6 49H B . 12.92 -0.44 -4.45
CZ1 49H B . 6.16 2.05 -2.33
CZ2 49H B . 8.38 7.35 -1.37
CZ3 49H B . 13.73 0.35 -5.26
CL1 49H B . 4.62 1.91 -3.10
CL2 49H B . 8.57 7.21 -4.06
CM1 49H B . 15.21 0.46 -7.26
CM2 49H B . 9.78 -1.57 -4.29
CM3 49H B . 9.97 -2.51 -1.95
C1 49H B . 14.04 -1.67 1.54
N1 49H B . 14.96 -0.70 1.60
O1 49H B . 14.28 -2.72 2.10
C2 49H B . 14.81 0.63 0.99
N2 49H B . 12.52 -0.06 0.18
C3 49H B . 13.78 0.66 -0.15
N3 49H B . 11.02 1.47 -0.84
O3 49H B . 14.32 -0.25 -6.36
C4 49H B . 12.73 -1.39 0.82
C5 49H B . 11.25 0.42 -0.03
O5 49H B . 10.32 -0.10 0.55
C6 49H B . 11.78 2.13 -1.84
O6 49H B . 11.37 -0.69 -2.64
C7 49H B . 10.75 3.80 -0.70
C8 49H B . 10.02 2.46 -0.41
C9 49H B . 10.74 -1.90 -3.12
HD1 49H B . 9.46 1.68 -3.03
HD2 49H B . 7.55 2.86 0.65
HD3 49H B . 10.00 4.94 -3.12
HD4 49H B . 9.52 5.37 1.14
HD5 49H B . 13.40 3.30 -3.64
HE1 49H B . 7.25 1.48 -4.10
HE2 49H B . 5.35 2.63 -0.44
HE4 49H B . 8.21 7.44 0.78
HE5 49H B . 14.51 2.34 -5.57
HE6 49H B . 12.80 -1.48 -4.72
HZ2 49H B . 7.80 8.26 -1.53
HM11 49H B . 16.08 0.83 -6.70
HM12 49H B . 15.54 -0.23 -8.04
HM13 49H B . 14.68 1.29 -7.72
HM21 49H B . 9.27 -2.48 -4.63
HM22 49H B . 9.03 -0.84 -3.98
HM23 49H B . 10.33 -1.16 -5.14
HM31 49H B . 10.61 -2.65 -1.09
HM32 49H B . 9.15 -1.84 -1.65
HM33 49H B . 9.54 -3.47 -2.23
HN1 49H B . 15.81 -0.91 2.09
H21 49H B . 14.47 1.32 1.77
H22 49H B . 15.77 0.98 0.61
H31 49H B . 13.61 1.71 -0.36
H32 49H B . 14.22 0.19 -1.05
H41 49H B . 12.65 -2.16 0.04
H42 49H B . 11.95 -1.58 1.56
H7 49H B . 11.38 4.02 0.17
H8 49H B . 9.88 2.40 0.67
H9 49H B . 11.50 -2.62 -3.45
N GLN A 1 -10.40 11.94 17.06
CA GLN A 1 -9.68 10.99 16.22
C GLN A 1 -8.57 11.67 15.39
N ILE A 2 -7.48 10.94 15.12
CA ILE A 2 -6.34 11.41 14.31
C ILE A 2 -6.68 11.65 12.83
N ASN A 3 -5.88 12.53 12.19
CA ASN A 3 -6.11 13.05 10.84
C ASN A 3 -5.39 12.19 9.77
N GLN A 4 -5.73 10.91 9.75
CA GLN A 4 -5.08 9.80 9.03
C GLN A 4 -6.04 8.58 8.97
N VAL A 5 -5.60 7.47 8.37
CA VAL A 5 -6.47 6.31 8.05
C VAL A 5 -6.52 5.31 9.20
N ARG A 6 -7.42 4.30 9.09
CA ARG A 6 -7.63 3.15 10.01
C ARG A 6 -8.45 2.08 9.23
N PRO A 7 -8.11 0.77 9.32
CA PRO A 7 -8.70 -0.27 8.45
C PRO A 7 -9.81 -1.12 9.11
N LYS A 8 -10.43 -1.98 8.29
CA LYS A 8 -11.32 -3.07 8.70
C LYS A 8 -10.51 -4.37 8.70
N LEU A 9 -10.95 -5.43 9.39
CA LEU A 9 -10.22 -6.68 9.57
C LEU A 9 -9.63 -7.30 8.27
N PRO A 10 -10.32 -7.36 7.11
CA PRO A 10 -9.74 -7.88 5.86
C PRO A 10 -8.61 -7.01 5.29
N LEU A 11 -8.65 -5.69 5.53
CA LEU A 11 -7.59 -4.76 5.10
C LEU A 11 -6.43 -4.70 6.11
N LEU A 12 -6.72 -4.86 7.41
CA LEU A 12 -5.70 -5.05 8.46
C LEU A 12 -4.88 -6.31 8.20
N LYS A 13 -5.49 -7.38 7.67
CA LYS A 13 -4.82 -8.65 7.33
C LYS A 13 -3.62 -8.45 6.39
N ILE A 14 -3.79 -7.54 5.41
CA ILE A 14 -2.81 -7.22 4.37
C ILE A 14 -1.58 -6.58 5.01
N LEU A 15 -1.78 -5.55 5.84
CA LEU A 15 -0.69 -4.90 6.56
C LEU A 15 -0.11 -5.79 7.69
N HIS A 16 -0.91 -6.67 8.33
CA HIS A 16 -0.41 -7.70 9.26
C HIS A 16 0.52 -8.72 8.59
N ALA A 17 0.30 -9.07 7.30
CA ALA A 17 1.26 -9.87 6.54
C ALA A 17 2.64 -9.20 6.39
N ALA A 18 2.70 -7.87 6.59
CA ALA A 18 3.91 -7.06 6.62
C ALA A 18 4.32 -6.60 8.04
N GLY A 19 3.80 -7.25 9.09
CA GLY A 19 4.18 -7.02 10.49
C GLY A 19 3.72 -5.69 11.09
N ALA A 20 2.74 -5.01 10.49
CA ALA A 20 2.22 -3.71 10.91
C ALA A 20 1.12 -3.85 11.99
N GLN A 21 0.37 -2.76 12.22
CA GLN A 21 -0.85 -2.71 13.05
C GLN A 21 -2.04 -2.18 12.25
N GLY A 22 -2.29 -2.76 11.08
CA GLY A 22 -3.31 -2.32 10.15
C GLY A 22 -2.88 -1.07 9.37
N GLU A 23 -3.68 -0.01 9.44
CA GLU A 23 -3.50 1.26 8.71
C GLU A 23 -3.85 2.48 9.59
N MET A 24 -3.86 2.30 10.92
CA MET A 24 -4.37 3.26 11.91
C MET A 24 -3.41 4.44 12.21
N PHE A 25 -2.84 4.97 11.14
CA PHE A 25 -1.71 5.92 11.16
C PHE A 25 -1.48 6.61 9.80
N THR A 26 -0.55 7.57 9.78
CA THR A 26 -0.26 8.52 8.67
C THR A 26 0.26 7.86 7.39
N VAL A 27 0.24 8.63 6.29
CA VAL A 27 0.69 8.22 4.94
C VAL A 27 2.10 7.61 4.96
N LYS A 28 3.01 8.24 5.68
CA LYS A 28 4.40 7.77 5.83
C LYS A 28 4.52 6.43 6.55
N GLU A 29 3.60 6.13 7.46
CA GLU A 29 3.56 4.85 8.17
C GLU A 29 2.93 3.75 7.31
N VAL A 30 1.76 3.98 6.66
CA VAL A 30 1.19 2.97 5.72
C VAL A 30 2.17 2.60 4.61
N MET A 31 2.82 3.59 4.02
CA MET A 31 3.75 3.38 2.90
C MET A 31 5.06 2.72 3.35
N HIS A 32 5.50 2.92 4.60
CA HIS A 32 6.60 2.20 5.23
C HIS A 32 6.30 0.70 5.30
N TYR A 33 5.21 0.31 5.97
CA TYR A 33 4.73 -1.07 6.02
C TYR A 33 4.45 -1.67 4.63
N LEU A 34 3.99 -0.89 3.63
CA LEU A 34 3.82 -1.38 2.26
C LEU A 34 5.13 -1.63 1.51
N GLY A 35 6.19 -0.83 1.73
CA GLY A 35 7.52 -1.13 1.18
C GLY A 35 8.02 -2.52 1.60
N GLN A 36 7.92 -2.82 2.90
CA GLN A 36 8.23 -4.16 3.42
C GLN A 36 7.19 -5.23 3.00
N TYR A 37 5.89 -4.91 2.82
CA TYR A 37 4.92 -5.83 2.21
C TYR A 37 5.39 -6.30 0.84
N ILE A 38 5.72 -5.36 -0.06
CA ILE A 38 6.22 -5.64 -1.42
C ILE A 38 7.51 -6.47 -1.34
N MET A 39 8.42 -6.12 -0.42
CA MET A 39 9.68 -6.85 -0.23
C MET A 39 9.49 -8.29 0.31
N VAL A 40 8.44 -8.56 1.10
CA VAL A 40 8.06 -9.90 1.58
C VAL A 40 7.34 -10.70 0.49
N LYS A 41 6.31 -10.11 -0.13
CA LYS A 41 5.56 -10.70 -1.26
C LYS A 41 6.43 -10.86 -2.52
N GLN A 42 7.58 -10.18 -2.57
CA GLN A 42 8.64 -10.25 -3.59
C GLN A 42 8.11 -10.24 -5.03
N LEU A 43 7.13 -9.36 -5.26
CA LEU A 43 6.30 -9.29 -6.47
C LEU A 43 6.77 -8.17 -7.44
N TYR A 44 8.01 -7.73 -7.29
CA TYR A 44 8.71 -6.80 -8.19
C TYR A 44 9.46 -7.56 -9.32
N ASP A 45 9.90 -6.85 -10.36
CA ASP A 45 10.68 -7.45 -11.45
C ASP A 45 12.13 -7.73 -11.04
N GLN A 46 12.66 -8.91 -11.39
CA GLN A 46 14.07 -9.30 -11.25
C GLN A 46 15.04 -8.27 -11.86
N GLN A 47 14.66 -7.68 -13.01
CA GLN A 47 15.49 -6.76 -13.79
C GLN A 47 15.29 -5.29 -13.39
N GLU A 48 14.20 -4.98 -12.69
CA GLU A 48 13.90 -3.63 -12.19
C GLU A 48 13.01 -3.69 -10.93
N GLN A 49 13.67 -3.70 -9.77
CA GLN A 49 13.05 -3.64 -8.44
C GLN A 49 12.17 -2.38 -8.26
N HIS A 50 12.37 -1.36 -9.10
CA HIS A 50 11.56 -0.13 -9.13
C HIS A 50 10.09 -0.39 -9.56
N MET A 51 9.85 -1.47 -10.31
CA MET A 51 8.55 -1.88 -10.86
C MET A 51 7.92 -3.00 -10.02
N VAL A 52 6.64 -2.85 -9.69
CA VAL A 52 5.91 -3.71 -8.73
C VAL A 52 4.62 -4.24 -9.38
N TYR A 53 4.40 -5.55 -9.29
CA TYR A 53 3.16 -6.23 -9.69
C TYR A 53 2.29 -6.57 -8.47
N CYS A 54 1.02 -6.90 -8.73
CA CYS A 54 -0.02 -7.20 -7.72
C CYS A 54 -1.08 -8.20 -8.25
N GLY A 55 -0.74 -9.01 -9.25
CA GLY A 55 -1.71 -9.86 -9.95
C GLY A 55 -2.37 -10.88 -9.02
N GLY A 56 -3.69 -10.73 -8.83
CA GLY A 56 -4.50 -11.53 -7.91
C GLY A 56 -4.23 -11.30 -6.41
N ASP A 57 -3.50 -10.25 -6.01
CA ASP A 57 -3.13 -10.00 -4.63
C ASP A 57 -4.14 -9.06 -3.94
N LEU A 58 -4.31 -9.22 -2.62
CA LEU A 58 -5.14 -8.34 -1.81
C LEU A 58 -4.67 -6.88 -1.88
N LEU A 59 -3.38 -6.64 -2.12
CA LEU A 59 -2.84 -5.30 -2.38
C LEU A 59 -3.35 -4.70 -3.70
N GLY A 60 -3.46 -5.50 -4.76
CA GLY A 60 -4.10 -5.08 -6.02
C GLY A 60 -5.60 -4.84 -5.85
N GLU A 61 -6.29 -5.61 -5.01
CA GLU A 61 -7.67 -5.36 -4.63
C GLU A 61 -7.84 -4.06 -3.81
N LEU A 62 -6.88 -3.75 -2.91
CA LEU A 62 -6.86 -2.54 -2.10
C LEU A 62 -6.61 -1.27 -2.94
N LEU A 63 -5.62 -1.32 -3.84
CA LEU A 63 -5.24 -0.21 -4.73
C LEU A 63 -6.16 -0.09 -5.96
N GLY A 64 -6.86 -1.16 -6.33
CA GLY A 64 -7.69 -1.28 -7.54
C GLY A 64 -6.90 -1.60 -8.83
N ARG A 65 -5.56 -1.55 -8.77
CA ARG A 65 -4.63 -1.80 -9.89
C ARG A 65 -3.62 -2.89 -9.54
N GLN A 66 -3.28 -3.72 -10.54
CA GLN A 66 -2.40 -4.89 -10.37
C GLN A 66 -0.94 -4.62 -10.77
N SER A 67 -0.57 -3.34 -10.97
CA SER A 67 0.81 -2.90 -11.13
C SER A 67 1.00 -1.41 -10.78
N PHE A 68 2.18 -1.06 -10.27
CA PHE A 68 2.63 0.31 -10.00
C PHE A 68 4.17 0.36 -9.93
N SER A 69 4.77 1.54 -9.82
CA SER A 69 6.23 1.70 -9.65
C SER A 69 6.56 2.82 -8.67
N VAL A 70 7.83 2.95 -8.30
CA VAL A 70 8.31 4.11 -7.51
C VAL A 70 8.36 5.42 -8.30
N LYS A 71 8.15 5.38 -9.63
CA LYS A 71 7.96 6.54 -10.52
C LYS A 71 6.47 6.86 -10.75
N ASP A 72 5.59 5.86 -10.63
CA ASP A 72 4.14 5.96 -10.76
C ASP A 72 3.38 5.35 -9.54
N PRO A 73 3.55 5.90 -8.32
CA PRO A 73 2.95 5.37 -7.10
C PRO A 73 1.49 5.83 -6.86
N SER A 74 0.87 6.53 -7.81
CA SER A 74 -0.45 7.17 -7.71
C SER A 74 -1.57 6.33 -7.07
N PRO A 75 -1.69 5.00 -7.29
CA PRO A 75 -2.73 4.18 -6.65
C PRO A 75 -2.73 4.21 -5.10
N LEU A 76 -1.57 4.41 -4.45
CA LEU A 76 -1.45 4.61 -3.00
C LEU A 76 -2.22 5.87 -2.56
N TYR A 77 -1.92 6.98 -3.23
CA TYR A 77 -2.50 8.28 -2.91
C TYR A 77 -3.97 8.36 -3.35
N ASP A 78 -4.37 7.63 -4.38
CA ASP A 78 -5.78 7.47 -4.77
C ASP A 78 -6.60 6.67 -3.74
N MET A 79 -5.94 5.73 -3.05
CA MET A 79 -6.49 5.02 -1.88
C MET A 79 -6.64 5.99 -0.68
N LEU A 80 -5.66 6.89 -0.47
CA LEU A 80 -5.61 7.82 0.67
C LEU A 80 -6.50 9.05 0.50
N ARG A 81 -6.65 9.62 -0.70
CA ARG A 81 -7.44 10.85 -0.96
C ARG A 81 -8.92 10.72 -0.60
N LYS A 82 -9.40 9.47 -0.62
CA LYS A 82 -10.74 9.03 -0.18
C LYS A 82 -10.92 9.18 1.33
N ASN A 83 -9.85 9.01 2.12
CA ASN A 83 -9.91 9.03 3.59
C ASN A 83 -9.25 10.27 4.24
N LEU A 84 -8.01 10.61 3.85
CA LEU A 84 -7.26 11.80 4.27
C LEU A 84 -7.36 12.89 3.18
N VAL A 85 -7.48 14.16 3.57
CA VAL A 85 -7.46 15.33 2.66
C VAL A 85 -6.05 15.67 2.12
N THR A 86 -5.28 14.64 1.76
CA THR A 86 -3.87 14.74 1.33
C THR A 86 -3.68 14.90 -0.17
N LEU A 87 -2.45 15.18 -0.57
CA LEU A 87 -1.99 15.38 -1.96
C LEU A 87 -1.61 14.03 -2.61
N ALA A 88 -1.48 14.01 -3.94
CA ALA A 88 -1.10 12.84 -4.74
C ALA A 88 0.02 13.12 -5.74
N THR A 89 0.70 12.04 -6.15
CA THR A 89 1.88 12.09 -7.01
C THR A 89 2.19 10.76 -7.70
N 49H B . 11.61 3.56 -2.24
CG1 49H B . 8.72 2.34 -1.02
CG2 49H B . 9.76 5.07 -1.46
CG3 49H B . 12.32 1.56 -3.41
CD1 49H B . 8.40 1.64 -2.18
CD2 49H B . 7.68 2.82 -0.21
CD3 49H B . 9.04 5.03 -2.66
CD4 49H B . 9.58 6.17 -0.60
CD5 49H B . 13.07 2.32 -4.33
CD6 49H B . 12.14 0.20 -3.68
CE1 49H B . 7.07 1.42 -2.54
CE2 49H B . 6.34 2.61 -0.57
CE3 49H B . 8.16 6.06 -2.99
CE4 49H B . 8.71 7.20 -0.94
CE5 49H B . 13.69 1.73 -5.43
CE6 49H B . 12.77 -0.39 -4.79
CZ1 49H B . 6.05 1.90 -1.73
CZ2 49H B . 8.00 7.15 -2.14
CZ3 49H B . 13.55 0.36 -5.65
CL1 49H B . 4.38 1.64 -2.15
CL2 49H B . 7.28 5.98 -4.47
CM1 49H B . 15.15 0.35 -7.56
CM2 49H B . 9.60 -1.47 -4.42
CM3 49H B . 9.92 -2.37 -2.08
C1 49H B . 14.42 -1.81 -0.03
N1 49H B . 15.24 -1.20 -0.88
O1 49H B . 14.77 -2.89 0.43
C2 49H B . 15.01 0.15 -1.42
N2 49H B . 12.76 0.14 -0.33
C3 49H B . 13.98 0.95 -0.58
N3 49H B . 11.14 1.65 -1.11
O3 49H B . 14.15 -0.28 -6.71
C4 49H B . 13.09 -1.15 0.34
C5 49H B . 11.48 0.59 -0.34
O5 49H B . 10.65 0.08 0.40
C6 49H B . 11.75 2.28 -2.23
O6 49H B . 11.29 -0.56 -2.90
C7 49H B . 10.75 3.97 -1.10
C8 49H B . 10.17 2.62 -0.60
C9 49H B . 10.62 -1.79 -3.32
HD1 49H B . 9.20 1.26 -2.83
HD2 49H B . 7.90 3.38 0.70
HD3 49H B . 9.17 4.20 -3.34
HD4 49H B . 10.13 6.21 0.34
HD5 49H B . 13.22 3.39 -4.17
HE1 49H B . 6.83 0.86 -3.45
HE2 49H B . 5.55 2.99 0.05
HE4 49H B . 8.59 8.05 -0.27
HE5 49H B . 14.28 2.35 -6.09
HE6 49H B . 12.65 -1.45 -5.00
HZ2 49H B . 7.32 7.96 -2.40
HM11 49H B . 14.71 1.21 -8.07
HM12 49H B . 16.00 0.67 -6.94
HM13 49H B . 15.49 -0.38 -8.30
HM21 49H B . 10.08 -0.97 -5.28
HM22 49H B . 9.15 -2.39 -4.80
HM23 49H B . 8.81 -0.83 -4.05
HM31 49H B . 9.17 -1.67 -1.71
HM32 49H B . 9.44 -3.32 -2.33
HM33 49H B . 10.65 -2.55 -1.28
HN1 49H B . 16.10 -1.66 -1.11
H21 49H B . 15.95 0.71 -1.45
H22 49H B . 14.63 0.06 -2.45
H31 49H B . 14.43 1.16 0.38
H32 49H B . 13.79 1.90 -1.05
H41 49H B . 12.31 -1.89 0.11
H42 49H B . 13.12 -0.99 1.42
H7 49H B . 11.43 4.35 -0.33
H8 49H B . 10.21 2.64 0.50
H9 49H B . 11.37 -2.51 -3.67
N GLN A 1 -8.03 8.63 16.59
CA GLN A 1 -8.22 9.96 17.19
C GLN A 1 -7.41 11.07 16.48
N ILE A 2 -7.05 10.81 15.22
CA ILE A 2 -6.13 11.59 14.38
C ILE A 2 -6.62 11.71 12.93
N ASN A 3 -5.97 12.60 12.17
CA ASN A 3 -6.34 12.98 10.80
C ASN A 3 -5.86 12.01 9.71
N GLN A 4 -5.87 10.72 10.04
CA GLN A 4 -5.25 9.59 9.33
C GLN A 4 -6.24 8.45 9.01
N VAL A 5 -5.72 7.35 8.47
CA VAL A 5 -6.52 6.17 8.09
C VAL A 5 -6.75 5.27 9.32
N ARG A 6 -7.59 4.24 9.18
CA ARG A 6 -7.86 3.13 10.13
C ARG A 6 -8.60 2.01 9.36
N PRO A 7 -8.18 0.73 9.44
CA PRO A 7 -8.70 -0.33 8.57
C PRO A 7 -9.82 -1.17 9.21
N LYS A 8 -10.41 -2.04 8.39
CA LYS A 8 -11.32 -3.13 8.76
C LYS A 8 -10.52 -4.44 8.83
N LEU A 9 -10.99 -5.48 9.53
CA LEU A 9 -10.28 -6.75 9.76
C LEU A 9 -9.58 -7.36 8.52
N PRO A 10 -10.24 -7.57 7.36
CA PRO A 10 -9.60 -8.13 6.16
C PRO A 10 -8.58 -7.19 5.51
N LEU A 11 -8.67 -5.88 5.74
CA LEU A 11 -7.69 -4.89 5.27
C LEU A 11 -6.48 -4.76 6.21
N LEU A 12 -6.71 -4.86 7.54
CA LEU A 12 -5.65 -4.98 8.55
C LEU A 12 -4.81 -6.24 8.33
N LYS A 13 -5.42 -7.35 7.88
CA LYS A 13 -4.76 -8.63 7.56
C LYS A 13 -3.57 -8.46 6.61
N ILE A 14 -3.73 -7.56 5.65
CA ILE A 14 -2.77 -7.25 4.58
C ILE A 14 -1.52 -6.59 5.18
N LEU A 15 -1.70 -5.54 5.98
CA LEU A 15 -0.60 -4.89 6.69
C LEU A 15 -0.03 -5.76 7.83
N HIS A 16 -0.82 -6.61 8.49
CA HIS A 16 -0.35 -7.62 9.46
C HIS A 16 0.57 -8.67 8.83
N ALA A 17 0.33 -9.07 7.57
CA ALA A 17 1.24 -9.93 6.82
C ALA A 17 2.64 -9.31 6.63
N ALA A 18 2.73 -7.97 6.74
CA ALA A 18 3.97 -7.18 6.74
C ALA A 18 4.37 -6.66 8.14
N GLY A 19 3.89 -7.29 9.22
CA GLY A 19 4.30 -7.02 10.61
C GLY A 19 3.82 -5.69 11.22
N ALA A 20 2.83 -5.04 10.60
CA ALA A 20 2.30 -3.73 11.00
C ALA A 20 1.24 -3.83 12.13
N GLN A 21 0.49 -2.74 12.32
CA GLN A 21 -0.72 -2.66 13.18
C GLN A 21 -1.91 -2.04 12.42
N GLY A 22 -2.18 -2.55 11.22
CA GLY A 22 -3.27 -2.11 10.36
C GLY A 22 -2.93 -0.86 9.54
N GLU A 23 -3.73 0.20 9.70
CA GLU A 23 -3.60 1.49 8.99
C GLU A 23 -3.94 2.69 9.87
N MET A 24 -4.02 2.51 11.20
CA MET A 24 -4.45 3.52 12.18
C MET A 24 -3.35 4.54 12.50
N PHE A 25 -2.79 5.12 11.44
CA PHE A 25 -1.59 5.97 11.44
C PHE A 25 -1.38 6.69 10.08
N THR A 26 -0.43 7.64 10.06
CA THR A 26 -0.17 8.60 8.97
C THR A 26 0.25 7.95 7.64
N VAL A 27 0.20 8.73 6.56
CA VAL A 27 0.55 8.34 5.17
C VAL A 27 1.95 7.72 5.09
N LYS A 28 2.92 8.33 5.78
CA LYS A 28 4.29 7.83 5.85
C LYS A 28 4.43 6.48 6.55
N GLU A 29 3.55 6.17 7.50
CA GLU A 29 3.54 4.89 8.20
C GLU A 29 2.85 3.81 7.35
N VAL A 30 1.67 4.05 6.76
CA VAL A 30 1.04 3.08 5.82
C VAL A 30 1.96 2.72 4.67
N MET A 31 2.58 3.71 4.03
CA MET A 31 3.47 3.46 2.89
C MET A 31 4.79 2.76 3.28
N HIS A 32 5.23 2.88 4.54
CA HIS A 32 6.37 2.14 5.11
C HIS A 32 6.06 0.65 5.20
N TYR A 33 5.01 0.27 5.94
CA TYR A 33 4.52 -1.11 6.03
C TYR A 33 4.17 -1.71 4.65
N LEU A 34 3.63 -0.91 3.73
CA LEU A 34 3.32 -1.33 2.35
C LEU A 34 4.60 -1.55 1.51
N GLY A 35 5.63 -0.73 1.66
CA GLY A 35 6.93 -0.95 1.01
C GLY A 35 7.57 -2.29 1.41
N GLN A 36 7.58 -2.60 2.72
CA GLN A 36 8.05 -3.90 3.20
C GLN A 36 7.11 -5.06 2.81
N TYR A 37 5.78 -4.84 2.71
CA TYR A 37 4.86 -5.83 2.12
C TYR A 37 5.27 -6.19 0.70
N ILE A 38 5.50 -5.21 -0.19
CA ILE A 38 5.98 -5.47 -1.56
C ILE A 38 7.31 -6.23 -1.52
N MET A 39 8.22 -5.85 -0.63
CA MET A 39 9.53 -6.49 -0.50
C MET A 39 9.44 -7.97 -0.05
N VAL A 40 8.46 -8.33 0.79
CA VAL A 40 8.18 -9.71 1.22
C VAL A 40 7.42 -10.51 0.14
N LYS A 41 6.30 -9.95 -0.36
CA LYS A 41 5.48 -10.56 -1.42
C LYS A 41 6.19 -10.61 -2.79
N GLN A 42 7.28 -9.85 -2.95
CA GLN A 42 8.18 -9.79 -4.10
C GLN A 42 7.47 -9.72 -5.47
N LEU A 43 6.47 -8.83 -5.54
CA LEU A 43 5.55 -8.69 -6.69
C LEU A 43 6.11 -7.79 -7.83
N TYR A 44 7.36 -7.33 -7.70
CA TYR A 44 8.04 -6.54 -8.72
C TYR A 44 8.59 -7.40 -9.88
N ASP A 45 8.92 -6.75 -11.00
CA ASP A 45 9.51 -7.42 -12.17
C ASP A 45 10.98 -7.83 -11.96
N GLN A 46 11.40 -8.90 -12.62
CA GLN A 46 12.73 -9.52 -12.47
C GLN A 46 13.87 -8.58 -12.93
N GLN A 47 13.61 -7.73 -13.93
CA GLN A 47 14.55 -6.74 -14.47
C GLN A 47 14.20 -5.33 -13.94
N GLU A 48 12.92 -5.06 -13.66
CA GLU A 48 12.45 -3.79 -13.08
C GLU A 48 11.97 -3.97 -11.64
N GLN A 49 12.91 -4.02 -10.70
CA GLN A 49 12.59 -3.97 -9.26
C GLN A 49 11.80 -2.70 -8.91
N HIS A 50 11.92 -1.65 -9.74
CA HIS A 50 11.12 -0.42 -9.62
C HIS A 50 9.67 -0.57 -10.12
N MET A 51 9.36 -1.48 -11.05
CA MET A 51 7.98 -1.72 -11.51
C MET A 51 7.29 -2.78 -10.62
N VAL A 52 6.11 -2.48 -10.09
CA VAL A 52 5.40 -3.31 -9.10
C VAL A 52 4.02 -3.75 -9.64
N TYR A 53 3.78 -5.07 -9.65
CA TYR A 53 2.47 -5.66 -9.94
C TYR A 53 1.75 -6.08 -8.65
N CYS A 54 0.47 -6.40 -8.74
CA CYS A 54 -0.38 -6.90 -7.65
C CYS A 54 -1.47 -7.86 -8.16
N GLY A 55 -1.22 -8.58 -9.25
CA GLY A 55 -2.25 -9.36 -9.93
C GLY A 55 -2.84 -10.46 -9.06
N GLY A 56 -4.11 -10.33 -8.71
CA GLY A 56 -4.85 -11.22 -7.81
C GLY A 56 -4.46 -11.10 -6.32
N ASP A 57 -3.71 -10.08 -5.89
CA ASP A 57 -3.27 -9.93 -4.50
C ASP A 57 -4.23 -9.01 -3.72
N LEU A 58 -4.33 -9.25 -2.40
CA LEU A 58 -5.12 -8.40 -1.50
C LEU A 58 -4.65 -6.93 -1.53
N LEU A 59 -3.38 -6.66 -1.83
CA LEU A 59 -2.88 -5.30 -2.06
C LEU A 59 -3.47 -4.65 -3.32
N GLY A 60 -3.67 -5.42 -4.41
CA GLY A 60 -4.41 -4.98 -5.59
C GLY A 60 -5.88 -4.72 -5.28
N GLU A 61 -6.50 -5.55 -4.44
CA GLU A 61 -7.86 -5.33 -3.94
C GLU A 61 -7.96 -4.08 -3.03
N LEU A 62 -6.93 -3.81 -2.21
CA LEU A 62 -6.85 -2.65 -1.31
C LEU A 62 -6.70 -1.33 -2.09
N LEU A 63 -5.83 -1.30 -3.10
CA LEU A 63 -5.62 -0.12 -3.96
C LEU A 63 -6.71 0.04 -5.02
N GLY A 64 -7.38 -1.06 -5.42
CA GLY A 64 -8.29 -1.10 -6.57
C GLY A 64 -7.57 -1.16 -7.92
N ARG A 65 -6.23 -1.25 -7.90
CA ARG A 65 -5.34 -1.33 -9.08
C ARG A 65 -4.23 -2.35 -8.89
N GLN A 66 -3.90 -3.06 -9.95
CA GLN A 66 -2.96 -4.19 -9.93
C GLN A 66 -1.56 -3.86 -10.47
N SER A 67 -1.28 -2.57 -10.68
CA SER A 67 0.10 -2.11 -10.97
C SER A 67 0.38 -0.64 -10.60
N PHE A 68 1.63 -0.37 -10.23
CA PHE A 68 2.22 0.94 -9.93
C PHE A 68 3.77 0.84 -9.99
N SER A 69 4.51 1.93 -9.77
CA SER A 69 5.98 1.90 -9.74
C SER A 69 6.59 2.85 -8.72
N VAL A 70 7.91 2.78 -8.53
CA VAL A 70 8.67 3.72 -7.70
C VAL A 70 8.72 5.14 -8.32
N LYS A 71 8.51 5.29 -9.63
CA LYS A 71 8.38 6.61 -10.29
C LYS A 71 6.94 7.10 -10.42
N ASP A 72 5.96 6.20 -10.36
CA ASP A 72 4.52 6.49 -10.33
C ASP A 72 3.79 5.68 -9.23
N PRO A 73 3.91 6.10 -7.95
CA PRO A 73 3.25 5.47 -6.81
C PRO A 73 1.78 5.93 -6.63
N SER A 74 1.26 6.77 -7.53
CA SER A 74 -0.05 7.43 -7.44
C SER A 74 -1.23 6.53 -7.02
N PRO A 75 -1.34 5.25 -7.44
CA PRO A 75 -2.40 4.34 -6.99
C PRO A 75 -2.52 4.11 -5.46
N LEU A 76 -1.43 4.25 -4.70
CA LEU A 76 -1.43 4.22 -3.22
C LEU A 76 -2.15 5.46 -2.67
N TYR A 77 -1.73 6.62 -3.17
CA TYR A 77 -2.34 7.90 -2.78
C TYR A 77 -3.78 8.03 -3.28
N ASP A 78 -4.15 7.40 -4.40
CA ASP A 78 -5.54 7.26 -4.85
C ASP A 78 -6.42 6.47 -3.86
N MET A 79 -5.80 5.51 -3.16
CA MET A 79 -6.41 4.81 -2.02
C MET A 79 -6.55 5.73 -0.79
N LEU A 80 -5.54 6.57 -0.49
CA LEU A 80 -5.50 7.42 0.71
C LEU A 80 -6.27 8.75 0.59
N ARG A 81 -6.36 9.35 -0.61
CA ARG A 81 -7.06 10.63 -0.87
C ARG A 81 -8.56 10.60 -0.52
N LYS A 82 -9.12 9.39 -0.58
CA LYS A 82 -10.47 9.04 -0.15
C LYS A 82 -10.64 9.10 1.36
N ASN A 83 -9.58 8.84 2.14
CA ASN A 83 -9.58 9.04 3.60
C ASN A 83 -9.27 10.50 4.00
N LEU A 84 -8.03 10.97 3.84
CA LEU A 84 -7.60 12.35 4.12
C LEU A 84 -7.28 13.14 2.84
N VAL A 85 -7.46 14.47 2.86
CA VAL A 85 -7.00 15.34 1.75
C VAL A 85 -5.48 15.46 1.83
N THR A 86 -4.77 14.96 0.81
CA THR A 86 -3.30 14.94 0.73
C THR A 86 -2.79 14.92 -0.72
N LEU A 87 -1.47 14.95 -0.89
CA LEU A 87 -0.77 14.86 -2.18
C LEU A 87 -0.99 13.49 -2.86
N ALA A 88 -0.95 13.44 -4.20
CA ALA A 88 -1.30 12.22 -4.95
C ALA A 88 -0.54 11.96 -6.24
N THR A 89 0.41 12.83 -6.54
CA THR A 89 1.35 12.69 -7.65
C THR A 89 0.69 12.26 -8.97
N 49H B . 11.78 2.94 -2.28
CG1 49H B . 8.79 1.90 -1.23
CG2 49H B . 10.00 4.54 -1.48
CG3 49H B . 12.34 0.97 -3.56
CD1 49H B . 8.49 1.31 -2.47
CD2 49H B . 7.74 2.43 -0.46
CD3 49H B . 9.35 4.60 -2.71
CD4 49H B . 9.82 5.57 -0.55
CD5 49H B . 13.15 1.72 -4.43
CD6 49H B . 12.07 -0.36 -3.91
CE1 49H B . 7.18 1.30 -2.94
CE2 49H B . 6.44 2.41 -0.94
CE3 49H B . 8.52 5.67 -3.01
CE4 49H B . 9.00 6.65 -0.87
CE5 49H B . 13.68 1.16 -5.59
CE6 49H B . 12.62 -0.92 -5.06
CZ1 49H B . 6.16 1.86 -2.18
CZ2 49H B . 8.34 6.71 -2.09
CZ3 49H B . 13.42 -0.16 -5.91
CL1 49H B . 4.55 1.89 -2.80
CL2 49H B . 7.69 5.72 -4.52
CM1 49H B . 14.85 -0.13 -7.95
CM2 49H B . 9.47 -1.95 -4.67
CM3 49H B . 9.80 -2.90 -2.34
C1 49H B . 14.20 -2.60 0.22
N1 49H B . 15.09 -2.15 -0.69
O1 49H B . 14.53 -3.54 0.92
C2 49H B . 14.91 -0.92 -1.47
N2 49H B . 12.65 -0.63 -0.44
C3 49H B . 13.94 0.04 -0.76
N3 49H B . 11.15 1.02 -1.26
O3 49H B . 13.91 -0.77 -7.05
C4 49H B . 12.86 -1.89 0.34
C5 49H B . 11.40 -0.06 -0.49
O5 49H B . 10.51 -0.54 0.20
C6 49H B . 11.82 1.66 -2.33
O6 49H B . 11.19 -1.11 -3.14
C7 49H B . 10.93 3.36 -1.14
C8 49H B . 10.23 2.04 -0.73
C9 49H B . 10.50 -2.30 -3.57
HD1 49H B . 9.28 0.89 -3.09
HD2 49H B . 7.97 2.89 0.50
HD3 49H B . 9.48 3.81 -3.44
HD4 49H B . 10.31 5.54 0.41
HD5 49H B . 13.38 2.76 -4.22
HE1 49H B . 6.96 0.86 -3.92
HE2 49H B . 5.64 2.86 -0.34
HE4 49H B . 8.87 7.46 -0.14
HE5 49H B . 14.30 1.78 -6.23
HE6 49H B . 12.41 -1.94 -5.34
HZ2 49H B . 7.70 7.55 -2.33
HM11 49H B . 14.40 0.78 -8.35
HM12 49H B . 15.76 0.12 -7.39
HM13 49H B . 15.08 -0.81 -8.76
HM21 49H B . 8.69 -1.29 -4.27
HM22 49H B . 9.93 -1.46 -5.52
HM23 49H B . 8.99 -2.86 -5.03
HM31 49H B . 9.06 -2.21 -1.95
HM32 49H B . 9.33 -3.85 -2.57
HM33 49H B . 10.53 -3.08 -1.55
HN1 49H B . 15.96 -2.64 -0.76
H21 49H B . 15.87 -0.43 -1.59
H22 49H B . 14.51 -1.18 -2.46
H31 49H B . 14.39 0.36 0.19
H32 49H B . 13.83 0.94 -1.36
H41 49H B . 12.11 -2.62 0.04
H42 49H B . 12.72 -1.66 1.40
H7 49H B . 11.59 3.66 -0.33
H8 49H B . 10.22 2.01 0.37
H9 49H B . 11.23 -3.04 -3.94
N GLN A 1 -8.91 9.94 17.15
CA GLN A 1 -9.52 10.98 16.31
C GLN A 1 -8.48 11.76 15.47
N ILE A 2 -7.35 11.11 15.15
CA ILE A 2 -6.30 11.66 14.29
C ILE A 2 -6.74 11.82 12.83
N ASN A 3 -6.03 12.67 12.07
CA ASN A 3 -6.41 13.07 10.70
C ASN A 3 -5.96 12.07 9.60
N GLN A 4 -5.94 10.79 9.94
CA GLN A 4 -5.36 9.66 9.20
C GLN A 4 -6.35 8.49 9.05
N VAL A 5 -5.89 7.39 8.44
CA VAL A 5 -6.73 6.21 8.11
C VAL A 5 -6.88 5.32 9.36
N ARG A 6 -7.74 4.29 9.27
CA ARG A 6 -7.99 3.19 10.23
C ARG A 6 -8.73 2.06 9.46
N PRO A 7 -8.36 0.78 9.62
CA PRO A 7 -8.83 -0.31 8.76
C PRO A 7 -10.08 -1.06 9.26
N LYS A 8 -10.54 -1.98 8.41
CA LYS A 8 -11.54 -3.04 8.66
C LYS A 8 -10.79 -4.38 8.72
N LEU A 9 -11.38 -5.42 9.31
CA LEU A 9 -10.78 -6.75 9.53
C LEU A 9 -9.91 -7.31 8.38
N PRO A 10 -10.41 -7.44 7.12
CA PRO A 10 -9.60 -7.97 6.01
C PRO A 10 -8.49 -7.02 5.55
N LEU A 11 -8.63 -5.71 5.78
CA LEU A 11 -7.62 -4.71 5.41
C LEU A 11 -6.48 -4.65 6.45
N LEU A 12 -6.82 -4.83 7.74
CA LEU A 12 -5.83 -5.03 8.82
C LEU A 12 -5.01 -6.30 8.59
N LYS A 13 -5.61 -7.34 7.99
CA LYS A 13 -4.95 -8.61 7.64
C LYS A 13 -3.76 -8.42 6.68
N ILE A 14 -3.92 -7.52 5.70
CA ILE A 14 -2.89 -7.17 4.70
C ILE A 14 -1.70 -6.48 5.38
N LEU A 15 -1.99 -5.53 6.27
CA LEU A 15 -0.97 -4.82 7.04
C LEU A 15 -0.32 -5.73 8.11
N HIS A 16 -1.04 -6.70 8.68
CA HIS A 16 -0.44 -7.75 9.54
C HIS A 16 0.51 -8.67 8.76
N ALA A 17 0.19 -9.01 7.50
CA ALA A 17 1.12 -9.70 6.60
C ALA A 17 2.36 -8.83 6.26
N ALA A 18 2.21 -7.50 6.36
CA ALA A 18 3.31 -6.52 6.29
C ALA A 18 4.04 -6.28 7.63
N GLY A 19 3.71 -7.02 8.71
CA GLY A 19 4.32 -6.87 10.03
C GLY A 19 3.89 -5.62 10.82
N ALA A 20 2.79 -4.98 10.42
CA ALA A 20 2.29 -3.72 10.96
C ALA A 20 1.26 -3.92 12.12
N GLN A 21 0.46 -2.89 12.40
CA GLN A 21 -0.69 -2.91 13.33
C GLN A 21 -1.90 -2.15 12.75
N GLY A 22 -2.48 -2.71 11.68
CA GLY A 22 -3.59 -2.12 10.95
C GLY A 22 -3.17 -0.98 10.03
N GLU A 23 -4.03 0.03 9.88
CA GLU A 23 -3.83 1.26 9.09
C GLU A 23 -4.16 2.52 9.90
N MET A 24 -4.18 2.43 11.24
CA MET A 24 -4.61 3.50 12.15
C MET A 24 -3.52 4.58 12.37
N PHE A 25 -3.02 5.10 11.24
CA PHE A 25 -1.84 5.97 11.14
C PHE A 25 -1.70 6.69 9.78
N THR A 26 -0.69 7.55 9.67
CA THR A 26 -0.42 8.52 8.58
C THR A 26 0.19 7.90 7.31
N VAL A 27 0.24 8.71 6.23
CA VAL A 27 0.75 8.35 4.88
C VAL A 27 2.16 7.75 4.94
N LYS A 28 3.02 8.34 5.75
CA LYS A 28 4.41 7.87 5.94
C LYS A 28 4.51 6.50 6.61
N GLU A 29 3.56 6.16 7.46
CA GLU A 29 3.49 4.85 8.12
C GLU A 29 2.89 3.79 7.18
N VAL A 30 1.75 4.06 6.50
CA VAL A 30 1.22 3.11 5.49
C VAL A 30 2.23 2.76 4.40
N MET A 31 2.92 3.77 3.86
CA MET A 31 3.90 3.57 2.78
C MET A 31 5.18 2.85 3.25
N HIS A 32 5.53 2.96 4.53
CA HIS A 32 6.63 2.21 5.17
C HIS A 32 6.31 0.70 5.19
N TYR A 33 5.20 0.31 5.84
CA TYR A 33 4.71 -1.07 5.86
C TYR A 33 4.48 -1.64 4.43
N LEU A 34 3.95 -0.83 3.50
CA LEU A 34 3.78 -1.24 2.10
C LEU A 34 5.11 -1.62 1.43
N GLY A 35 6.20 -0.86 1.64
CA GLY A 35 7.53 -1.20 1.10
C GLY A 35 8.00 -2.60 1.52
N GLN A 36 7.87 -2.92 2.82
CA GLN A 36 8.19 -4.26 3.33
C GLN A 36 7.17 -5.34 2.91
N TYR A 37 5.89 -5.03 2.72
CA TYR A 37 4.92 -5.96 2.11
C TYR A 37 5.36 -6.36 0.70
N ILE A 38 5.65 -5.39 -0.18
CA ILE A 38 6.16 -5.62 -1.54
C ILE A 38 7.45 -6.45 -1.49
N MET A 39 8.36 -6.14 -0.55
CA MET A 39 9.62 -6.88 -0.41
C MET A 39 9.44 -8.33 0.08
N VAL A 40 8.41 -8.61 0.91
CA VAL A 40 8.04 -9.97 1.35
C VAL A 40 7.32 -10.74 0.24
N LYS A 41 6.27 -10.14 -0.35
CA LYS A 41 5.52 -10.72 -1.49
C LYS A 41 6.36 -10.83 -2.77
N GLN A 42 7.50 -10.12 -2.83
CA GLN A 42 8.53 -10.12 -3.89
C GLN A 42 7.94 -10.08 -5.31
N LEU A 43 6.93 -9.22 -5.48
CA LEU A 43 6.06 -9.14 -6.66
C LEU A 43 6.44 -7.97 -7.61
N TYR A 44 7.69 -7.51 -7.50
CA TYR A 44 8.33 -6.56 -8.41
C TYR A 44 9.00 -7.26 -9.60
N ASP A 45 9.45 -6.50 -10.61
CA ASP A 45 10.18 -7.06 -11.75
C ASP A 45 11.62 -7.45 -11.39
N GLN A 46 12.09 -8.55 -12.00
CA GLN A 46 13.42 -9.16 -11.80
C GLN A 46 14.57 -8.23 -12.26
N GLN A 47 14.38 -7.53 -13.39
CA GLN A 47 15.34 -6.58 -13.96
C GLN A 47 15.09 -5.14 -13.49
N GLU A 48 13.88 -4.83 -13.01
CA GLU A 48 13.55 -3.49 -12.51
C GLU A 48 12.67 -3.53 -11.24
N GLN A 49 13.34 -3.60 -10.09
CA GLN A 49 12.72 -3.50 -8.76
C GLN A 49 11.91 -2.20 -8.57
N HIS A 50 12.14 -1.18 -9.42
CA HIS A 50 11.38 0.07 -9.43
C HIS A 50 9.89 -0.13 -9.78
N MET A 51 9.55 -1.21 -10.51
CA MET A 51 8.20 -1.54 -10.97
C MET A 51 7.58 -2.66 -10.11
N VAL A 52 6.32 -2.49 -9.71
CA VAL A 52 5.60 -3.36 -8.76
C VAL A 52 4.28 -3.84 -9.37
N TYR A 53 4.02 -5.15 -9.25
CA TYR A 53 2.77 -5.82 -9.63
C TYR A 53 2.03 -6.36 -8.40
N CYS A 54 0.75 -6.67 -8.58
CA CYS A 54 -0.17 -7.10 -7.53
C CYS A 54 -1.22 -8.10 -8.07
N GLY A 55 -0.90 -8.89 -9.10
CA GLY A 55 -1.85 -9.71 -9.85
C GLY A 55 -2.75 -10.60 -8.99
N GLY A 56 -4.03 -10.23 -8.87
CA GLY A 56 -5.04 -10.92 -8.06
C GLY A 56 -4.83 -10.83 -6.54
N ASP A 57 -3.97 -9.94 -6.04
CA ASP A 57 -3.60 -9.85 -4.63
C ASP A 57 -4.53 -8.91 -3.83
N LEU A 58 -4.62 -9.16 -2.53
CA LEU A 58 -5.35 -8.32 -1.60
C LEU A 58 -4.85 -6.86 -1.61
N LEU A 59 -3.57 -6.62 -1.93
CA LEU A 59 -3.04 -5.27 -2.13
C LEU A 59 -3.65 -4.58 -3.36
N GLY A 60 -3.83 -5.30 -4.47
CA GLY A 60 -4.54 -4.78 -5.65
C GLY A 60 -6.01 -4.50 -5.35
N GLU A 61 -6.66 -5.34 -4.54
CA GLU A 61 -8.02 -5.14 -4.06
C GLU A 61 -8.12 -3.92 -3.10
N LEU A 62 -7.13 -3.70 -2.24
CA LEU A 62 -7.03 -2.56 -1.32
C LEU A 62 -6.86 -1.22 -2.09
N LEU A 63 -5.97 -1.19 -3.08
CA LEU A 63 -5.70 0.00 -3.90
C LEU A 63 -6.78 0.25 -4.96
N GLY A 64 -7.49 -0.78 -5.42
CA GLY A 64 -8.39 -0.72 -6.59
C GLY A 64 -7.64 -0.71 -7.93
N ARG A 65 -6.30 -0.81 -7.86
CA ARG A 65 -5.31 -0.86 -8.94
C ARG A 65 -4.22 -1.83 -8.53
N GLN A 66 -3.80 -2.68 -9.46
CA GLN A 66 -2.90 -3.80 -9.17
C GLN A 66 -1.50 -3.64 -9.80
N SER A 67 -1.12 -2.42 -10.21
CA SER A 67 0.28 -2.12 -10.59
C SER A 67 0.65 -0.65 -10.40
N PHE A 68 1.91 -0.40 -10.01
CA PHE A 68 2.49 0.93 -9.76
C PHE A 68 4.03 0.90 -9.79
N SER A 69 4.67 2.06 -9.77
CA SER A 69 6.14 2.17 -9.69
C SER A 69 6.57 3.27 -8.72
N VAL A 70 7.86 3.34 -8.42
CA VAL A 70 8.43 4.47 -7.65
C VAL A 70 8.54 5.78 -8.46
N LYS A 71 8.28 5.74 -9.78
CA LYS A 71 8.18 6.91 -10.66
C LYS A 71 6.73 7.39 -10.84
N ASP A 72 5.76 6.49 -10.72
CA ASP A 72 4.32 6.79 -10.66
C ASP A 72 3.64 6.06 -9.47
N PRO A 73 3.78 6.59 -8.24
CA PRO A 73 3.20 6.02 -7.03
C PRO A 73 1.71 6.38 -6.82
N SER A 74 1.08 7.05 -7.78
CA SER A 74 -0.31 7.58 -7.69
C SER A 74 -1.35 6.63 -7.08
N PRO A 75 -1.34 5.30 -7.33
CA PRO A 75 -2.31 4.37 -6.72
C PRO A 75 -2.31 4.32 -5.18
N LEU A 76 -1.18 4.59 -4.51
CA LEU A 76 -1.09 4.78 -3.05
C LEU A 76 -2.01 5.94 -2.62
N TYR A 77 -1.82 7.08 -3.27
CA TYR A 77 -2.53 8.30 -2.94
C TYR A 77 -3.99 8.27 -3.39
N ASP A 78 -4.33 7.55 -4.46
CA ASP A 78 -5.71 7.30 -4.89
C ASP A 78 -6.52 6.48 -3.86
N MET A 79 -5.84 5.59 -3.13
CA MET A 79 -6.39 4.90 -1.96
C MET A 79 -6.53 5.88 -0.78
N LEU A 80 -5.52 6.73 -0.53
CA LEU A 80 -5.49 7.58 0.67
C LEU A 80 -6.37 8.83 0.58
N ARG A 81 -6.56 9.41 -0.61
CA ARG A 81 -7.41 10.59 -0.87
C ARG A 81 -8.88 10.40 -0.50
N LYS A 82 -9.32 9.14 -0.56
CA LYS A 82 -10.65 8.65 -0.15
C LYS A 82 -10.80 8.54 1.37
N ASN A 83 -9.69 8.36 2.09
CA ASN A 83 -9.67 8.14 3.55
C ASN A 83 -9.30 9.39 4.38
N LEU A 84 -8.24 10.12 4.01
CA LEU A 84 -7.88 11.44 4.54
C LEU A 84 -7.73 12.50 3.44
N VAL A 85 -7.83 13.78 3.80
CA VAL A 85 -7.77 14.94 2.87
C VAL A 85 -6.33 15.32 2.43
N THR A 86 -5.49 14.30 2.16
CA THR A 86 -4.10 14.47 1.69
C THR A 86 -4.02 14.70 0.17
N LEU A 87 -2.79 14.96 -0.31
CA LEU A 87 -2.47 15.21 -1.72
C LEU A 87 -2.53 13.93 -2.57
N ALA A 88 -2.80 14.09 -3.87
CA ALA A 88 -2.75 13.03 -4.88
C ALA A 88 -2.32 13.55 -6.26
N THR A 89 -1.98 12.62 -7.16
CA THR A 89 -1.40 12.94 -8.49
C THR A 89 -1.58 11.82 -9.51
N 49H B . 11.91 3.90 -2.71
CG1 49H B . 9.05 2.79 -1.43
CG2 49H B . 10.16 5.49 -1.79
CG3 49H B . 12.50 1.87 -3.89
CD1 49H B . 8.72 2.11 -2.61
CD2 49H B . 8.01 3.29 -0.63
CD3 49H B . 9.40 5.54 -2.97
CD4 49H B . 10.02 6.52 -0.86
CD5 49H B . 13.25 2.57 -4.84
CD6 49H B . 12.24 0.50 -4.13
CE1 49H B . 7.39 1.96 -2.99
CE2 49H B . 6.68 3.14 -1.02
CE3 49H B . 8.53 6.59 -3.21
CE4 49H B . 9.16 7.59 -1.10
CE5 49H B . 13.80 1.93 -5.95
CE6 49H B . 12.80 -0.13 -5.25
CZ1 49H B . 6.37 2.48 -2.20
CZ2 49H B . 8.41 7.63 -2.28
CZ3 49H B . 13.59 0.57 -6.15
CL1 49H B . 4.72 2.32 -2.69
CL2 49H B . 7.60 6.62 -4.66
CM1 49H B . 15.11 0.43 -8.10
CM2 49H B . 9.59 -0.99 -4.81
CM3 49H B . 9.86 -1.86 -2.44
C1 49H B . 14.72 -1.50 -0.85
N1 49H B . 15.50 -0.80 -1.68
O1 49H B . 15.06 -2.62 -0.54
C2 49H B . 15.27 0.60 -2.07
N2 49H B . 13.07 0.49 -0.88
C3 49H B . 14.29 1.31 -1.12
N3 49H B . 11.44 2.03 -1.55
O3 49H B . 14.12 -0.13 -7.21
C4 49H B . 13.42 -0.87 -0.36
C5 49H B . 11.80 0.97 -0.79
O5 49H B . 11.01 0.46 -0.01
C6 49H B . 12.01 2.63 -2.69
O6 49H B . 11.37 -0.20 -3.32
C7 49H B . 11.14 4.34 -1.52
C8 49H B . 10.50 3.02 -1.00
C9 49H B . 10.60 -1.36 -3.70
HD1 49H B . 9.50 1.71 -3.25
HD2 49H B . 8.25 3.81 0.29
HD3 49H B . 9.50 4.74 -3.71
HD4 49H B . 10.61 6.51 0.05
HD5 49H B . 13.45 3.64 -4.71
HE1 49H B . 7.14 1.45 -3.92
HE2 49H B . 5.88 3.54 -0.39
HE4 49H B . 9.07 8.39 -0.38
HE5 49H B . 14.39 2.50 -6.66
HE6 49H B . 12.62 -1.18 -5.42
HZ2 49H B . 7.73 8.45 -2.47
HM11 49H B . 16.00 0.73 -7.54
HM12 49H B . 15.40 -0.32 -8.84
HM13 49H B . 14.69 1.30 -8.62
HM21 49H B . 10.09 -0.54 -5.67
HM22 49H B . 9.07 -1.89 -5.15
HM23 49H B . 8.85 -0.29 -4.44
HM31 49H B . 10.58 -2.10 -1.65
HM32 49H B . 9.18 -1.09 -2.06
HM33 49H B . 9.29 -2.75 -2.67
HN1 49H B . 16.34 -1.26 -2.00
H21 49H B . 16.22 1.13 -2.07
H22 49H B . 14.86 0.62 -3.08
H31 49H B . 14.79 1.44 -0.15
H32 49H B . 14.07 2.30 -1.48
H41 49H B . 12.62 -1.57 -0.62
H42 49H B . 13.49 -0.81 0.73
H7 49H B . 11.87 4.67 -0.78
H8 49H B . 10.57 3.03 0.09
H9 49H B . 11.28 -2.15 -4.05
N GLN A 1 -9.61 10.15 17.93
CA GLN A 1 -8.69 9.58 16.95
C GLN A 1 -7.84 10.67 16.27
N ILE A 2 -6.62 10.31 15.84
CA ILE A 2 -5.71 11.16 15.04
C ILE A 2 -6.23 11.43 13.63
N ASN A 3 -5.59 12.39 12.94
CA ASN A 3 -5.95 12.89 11.61
C ASN A 3 -5.51 11.97 10.44
N GLN A 4 -5.55 10.67 10.71
CA GLN A 4 -4.99 9.55 9.94
C GLN A 4 -6.03 8.45 9.65
N VAL A 5 -5.58 7.36 9.05
CA VAL A 5 -6.43 6.25 8.57
C VAL A 5 -6.52 5.16 9.67
N ARG A 6 -7.39 4.15 9.47
CA ARG A 6 -7.55 2.88 10.19
C ARG A 6 -8.42 1.94 9.31
N PRO A 7 -8.16 0.62 9.25
CA PRO A 7 -8.82 -0.28 8.28
C PRO A 7 -9.89 -1.19 8.91
N LYS A 8 -10.64 -1.87 8.03
CA LYS A 8 -11.54 -2.98 8.37
C LYS A 8 -10.70 -4.27 8.46
N LEU A 9 -11.18 -5.30 9.16
CA LEU A 9 -10.46 -6.58 9.40
C LEU A 9 -9.75 -7.16 8.14
N PRO A 10 -10.41 -7.33 6.97
CA PRO A 10 -9.75 -7.87 5.77
C PRO A 10 -8.68 -6.97 5.17
N LEU A 11 -8.77 -5.64 5.36
CA LEU A 11 -7.74 -4.68 4.92
C LEU A 11 -6.56 -4.62 5.89
N LEU A 12 -6.82 -4.72 7.21
CA LEU A 12 -5.81 -4.75 8.27
C LEU A 12 -4.91 -5.99 8.17
N LYS A 13 -5.47 -7.18 7.89
CA LYS A 13 -4.68 -8.43 7.90
C LYS A 13 -3.65 -8.53 6.77
N ILE A 14 -3.87 -7.79 5.67
CA ILE A 14 -2.88 -7.61 4.58
C ILE A 14 -1.64 -6.90 5.14
N LEU A 15 -1.82 -5.76 5.82
CA LEU A 15 -0.71 -5.01 6.43
C LEU A 15 -0.12 -5.75 7.64
N HIS A 16 -0.92 -6.52 8.37
CA HIS A 16 -0.46 -7.43 9.43
C HIS A 16 0.44 -8.57 8.90
N ALA A 17 0.21 -9.06 7.68
CA ALA A 17 1.13 -10.00 7.01
C ALA A 17 2.55 -9.42 6.82
N ALA A 18 2.68 -8.10 6.81
CA ALA A 18 3.95 -7.35 6.79
C ALA A 18 4.31 -6.71 8.15
N GLY A 19 3.78 -7.24 9.26
CA GLY A 19 4.17 -6.86 10.62
C GLY A 19 3.65 -5.49 11.11
N ALA A 20 2.65 -4.92 10.41
CA ALA A 20 2.07 -3.61 10.73
C ALA A 20 1.03 -3.67 11.87
N GLN A 21 0.24 -2.60 11.98
CA GLN A 21 -0.97 -2.48 12.82
C GLN A 21 -2.14 -1.89 11.98
N GLY A 22 -2.35 -2.47 10.80
CA GLY A 22 -3.34 -2.02 9.82
C GLY A 22 -2.89 -0.77 9.08
N GLU A 23 -3.63 0.32 9.26
CA GLU A 23 -3.37 1.66 8.67
C GLU A 23 -3.58 2.77 9.70
N MET A 24 -3.57 2.43 11.00
CA MET A 24 -3.90 3.31 12.14
C MET A 24 -2.79 4.32 12.48
N PHE A 25 -2.34 5.03 11.44
CA PHE A 25 -1.15 5.89 11.41
C PHE A 25 -1.03 6.68 10.09
N THR A 26 -0.08 7.63 10.06
CA THR A 26 0.15 8.64 8.98
C THR A 26 0.58 8.01 7.65
N VAL A 27 0.51 8.82 6.58
CA VAL A 27 0.85 8.46 5.17
C VAL A 27 2.24 7.81 5.07
N LYS A 28 3.22 8.41 5.75
CA LYS A 28 4.61 7.92 5.78
C LYS A 28 4.77 6.55 6.44
N GLU A 29 3.92 6.23 7.41
CA GLU A 29 3.91 4.91 8.06
C GLU A 29 3.18 3.87 7.20
N VAL A 30 1.99 4.17 6.64
CA VAL A 30 1.31 3.22 5.72
C VAL A 30 2.17 2.82 4.54
N MET A 31 2.81 3.80 3.92
CA MET A 31 3.67 3.54 2.75
C MET A 31 4.98 2.79 3.12
N HIS A 32 5.44 2.89 4.37
CA HIS A 32 6.54 2.10 4.94
C HIS A 32 6.14 0.61 5.04
N TYR A 33 5.06 0.30 5.77
CA TYR A 33 4.49 -1.05 5.86
C TYR A 33 4.14 -1.65 4.48
N LEU A 34 3.64 -0.85 3.54
CA LEU A 34 3.32 -1.30 2.18
C LEU A 34 4.60 -1.58 1.36
N GLY A 35 5.65 -0.74 1.46
CA GLY A 35 6.96 -1.00 0.86
C GLY A 35 7.58 -2.32 1.34
N GLN A 36 7.59 -2.57 2.66
CA GLN A 36 8.08 -3.85 3.19
C GLN A 36 7.14 -5.02 2.86
N TYR A 37 5.82 -4.83 2.74
CA TYR A 37 4.90 -5.84 2.21
C TYR A 37 5.31 -6.28 0.81
N ILE A 38 5.55 -5.32 -0.12
CA ILE A 38 6.03 -5.63 -1.48
C ILE A 38 7.36 -6.39 -1.42
N MET A 39 8.29 -5.97 -0.56
CA MET A 39 9.59 -6.64 -0.42
C MET A 39 9.50 -8.07 0.15
N VAL A 40 8.53 -8.34 1.03
CA VAL A 40 8.24 -9.70 1.54
C VAL A 40 7.55 -10.57 0.48
N LYS A 41 6.46 -10.06 -0.13
CA LYS A 41 5.72 -10.73 -1.22
C LYS A 41 6.55 -10.86 -2.51
N GLN A 42 7.66 -10.10 -2.63
CA GLN A 42 8.67 -10.11 -3.69
C GLN A 42 8.06 -10.14 -5.11
N LEU A 43 7.02 -9.31 -5.29
CA LEU A 43 6.15 -9.29 -6.47
C LEU A 43 6.58 -8.24 -7.53
N TYR A 44 7.75 -7.63 -7.34
CA TYR A 44 8.40 -6.76 -8.32
C TYR A 44 9.03 -7.55 -9.49
N ASP A 45 9.34 -6.89 -10.61
CA ASP A 45 9.95 -7.56 -11.76
C ASP A 45 11.43 -7.90 -11.55
N GLN A 46 11.87 -9.01 -12.15
CA GLN A 46 13.27 -9.46 -12.10
C GLN A 46 14.26 -8.50 -12.79
N GLN A 47 13.94 -8.05 -14.00
CA GLN A 47 14.76 -7.09 -14.75
C GLN A 47 14.60 -5.65 -14.24
N GLU A 48 13.52 -5.33 -13.51
CA GLU A 48 13.28 -3.98 -12.98
C GLU A 48 12.49 -3.98 -11.66
N GLN A 49 13.23 -3.95 -10.55
CA GLN A 49 12.70 -3.83 -9.19
C GLN A 49 11.86 -2.54 -8.98
N HIS A 50 12.00 -1.54 -9.86
CA HIS A 50 11.20 -0.32 -9.86
C HIS A 50 9.71 -0.56 -10.21
N MET A 51 9.42 -1.64 -10.95
CA MET A 51 8.08 -2.09 -11.36
C MET A 51 7.55 -3.11 -10.36
N VAL A 52 6.33 -2.91 -9.86
CA VAL A 52 5.66 -3.73 -8.85
C VAL A 52 4.35 -4.29 -9.43
N TYR A 53 4.29 -5.61 -9.62
CA TYR A 53 3.07 -6.33 -9.94
C TYR A 53 2.30 -6.72 -8.66
N CYS A 54 1.03 -7.11 -8.80
CA CYS A 54 0.14 -7.54 -7.71
C CYS A 54 -0.85 -8.62 -8.16
N GLY A 55 -0.53 -9.39 -9.20
CA GLY A 55 -1.46 -10.30 -9.85
C GLY A 55 -2.04 -11.36 -8.89
N GLY A 56 -3.34 -11.28 -8.65
CA GLY A 56 -4.08 -12.16 -7.73
C GLY A 56 -3.82 -11.92 -6.23
N ASP A 57 -3.14 -10.84 -5.82
CA ASP A 57 -2.84 -10.56 -4.42
C ASP A 57 -3.88 -9.60 -3.80
N LEU A 58 -4.10 -9.75 -2.48
CA LEU A 58 -4.97 -8.85 -1.72
C LEU A 58 -4.51 -7.38 -1.78
N LEU A 59 -3.22 -7.10 -1.99
CA LEU A 59 -2.73 -5.75 -2.24
C LEU A 59 -3.28 -5.18 -3.58
N GLY A 60 -3.35 -6.01 -4.62
CA GLY A 60 -4.01 -5.64 -5.89
C GLY A 60 -5.51 -5.44 -5.72
N GLU A 61 -6.17 -6.30 -4.93
CA GLU A 61 -7.57 -6.14 -4.56
C GLU A 61 -7.82 -4.81 -3.81
N LEU A 62 -6.92 -4.47 -2.87
CA LEU A 62 -7.05 -3.29 -2.02
C LEU A 62 -6.81 -1.98 -2.81
N LEU A 63 -5.76 -1.95 -3.64
CA LEU A 63 -5.42 -0.81 -4.51
C LEU A 63 -6.41 -0.66 -5.69
N GLY A 64 -7.01 -1.77 -6.15
CA GLY A 64 -7.90 -1.82 -7.31
C GLY A 64 -7.16 -2.01 -8.65
N ARG A 65 -5.83 -2.23 -8.62
CA ARG A 65 -4.97 -2.46 -9.79
C ARG A 65 -3.83 -3.42 -9.48
N GLN A 66 -3.40 -4.18 -10.48
CA GLN A 66 -2.41 -5.25 -10.35
C GLN A 66 -1.01 -4.84 -10.84
N SER A 67 -0.79 -3.57 -11.14
CA SER A 67 0.56 -3.02 -11.41
C SER A 67 0.70 -1.52 -11.08
N PHE A 68 1.89 -1.15 -10.59
CA PHE A 68 2.34 0.23 -10.32
C PHE A 68 3.88 0.30 -10.23
N SER A 69 4.45 1.51 -10.18
CA SER A 69 5.91 1.72 -10.17
C SER A 69 6.33 2.78 -9.15
N VAL A 70 7.57 2.72 -8.64
CA VAL A 70 8.09 3.75 -7.70
C VAL A 70 8.27 5.14 -8.33
N LYS A 71 8.25 5.24 -9.67
CA LYS A 71 8.20 6.51 -10.44
C LYS A 71 6.76 7.02 -10.69
N ASP A 72 5.74 6.22 -10.34
CA ASP A 72 4.32 6.56 -10.48
C ASP A 72 3.47 5.96 -9.32
N PRO A 73 3.69 6.41 -8.07
CA PRO A 73 3.07 5.83 -6.86
C PRO A 73 1.62 6.27 -6.62
N SER A 74 1.02 7.07 -7.51
CA SER A 74 -0.34 7.62 -7.38
C SER A 74 -1.45 6.62 -7.00
N PRO A 75 -1.44 5.33 -7.40
CA PRO A 75 -2.40 4.33 -6.91
C PRO A 75 -2.50 4.18 -5.38
N LEU A 76 -1.40 4.41 -4.64
CA LEU A 76 -1.37 4.40 -3.17
C LEU A 76 -2.09 5.64 -2.61
N TYR A 77 -1.76 6.81 -3.14
CA TYR A 77 -2.40 8.07 -2.75
C TYR A 77 -3.87 8.12 -3.16
N ASP A 78 -4.27 7.45 -4.25
CA ASP A 78 -5.68 7.24 -4.63
C ASP A 78 -6.44 6.35 -3.62
N MET A 79 -5.72 5.41 -3.00
CA MET A 79 -6.20 4.61 -1.86
C MET A 79 -6.34 5.45 -0.57
N LEU A 80 -5.50 6.47 -0.36
CA LEU A 80 -5.49 7.32 0.84
C LEU A 80 -6.38 8.58 0.74
N ARG A 81 -6.55 9.17 -0.44
CA ARG A 81 -7.32 10.42 -0.66
C ARG A 81 -8.80 10.31 -0.30
N LYS A 82 -9.34 9.08 -0.42
CA LYS A 82 -10.68 8.73 0.07
C LYS A 82 -10.80 8.88 1.59
N ASN A 83 -9.68 8.72 2.33
CA ASN A 83 -9.61 9.05 3.76
C ASN A 83 -9.22 10.53 3.97
N LEU A 84 -7.93 10.84 4.13
CA LEU A 84 -7.42 12.21 4.35
C LEU A 84 -7.01 12.91 3.03
N VAL A 85 -7.26 14.22 2.94
CA VAL A 85 -6.91 15.07 1.78
C VAL A 85 -5.43 15.49 1.80
N THR A 86 -4.54 14.50 1.72
CA THR A 86 -3.07 14.69 1.75
C THR A 86 -2.53 15.45 0.52
N LEU A 87 -1.29 15.94 0.66
CA LEU A 87 -0.63 16.86 -0.27
C LEU A 87 0.19 16.18 -1.37
N ALA A 88 0.24 14.85 -1.37
CA ALA A 88 1.08 14.02 -2.23
C ALA A 88 0.27 13.11 -3.15
N THR A 89 0.89 12.69 -4.27
CA THR A 89 0.20 11.96 -5.35
C THR A 89 1.14 11.23 -6.31
N 49H B . 11.62 3.20 -2.20
CG1 49H B . 8.61 2.12 -1.22
CG2 49H B . 9.82 4.80 -1.48
CG3 49H B . 12.26 1.19 -3.40
CD1 49H B . 8.37 1.40 -2.41
CD2 49H B . 7.53 2.68 -0.54
CD3 49H B . 9.14 4.81 -2.70
CD4 49H B . 9.68 5.89 -0.62
CD5 49H B . 13.06 1.93 -4.28
CD6 49H B . 12.02 -0.16 -3.70
CE1 49H B . 7.09 1.29 -2.91
CE2 49H B . 6.24 2.57 -1.06
CE3 49H B . 8.33 5.88 -3.05
CE4 49H B . 8.89 6.99 -0.98
CE5 49H B . 13.64 1.34 -5.39
CE6 49H B . 12.64 -0.75 -4.80
CZ1 49H B . 6.02 1.88 -2.25
CZ2 49H B . 8.21 6.98 -2.20
CZ3 49H B . 13.44 -0.01 -5.66
CL1 49H B . 4.43 1.77 -2.90
CL2 49H B . 7.45 5.85 -4.53
CM1 49H B . 14.97 -0.03 -7.62
CM2 49H B . 9.50 -1.79 -4.55
CM3 49H B . 9.65 -2.61 -2.17
C1 49H B . 14.01 -2.29 0.40
N1 49H B . 14.91 -1.81 -0.47
O1 49H B . 14.29 -3.31 1.01
C2 49H B . 14.77 -0.53 -1.18
N2 49H B . 12.47 -0.31 -0.23
C3 49H B . 13.76 0.39 -0.49
N3 49H B . 10.99 1.30 -1.13
O3 49H B . 14.01 -0.65 -6.74
C4 49H B . 12.68 -1.56 0.57
C5 49H B . 11.22 0.23 -0.33
O5 49H B . 10.32 -0.23 0.35
C6 49H B . 11.68 1.91 -2.21
O6 49H B . 11.12 -0.89 -2.95
C7 49H B . 10.73 3.64 -1.10
C8 49H B . 10.03 2.31 -0.67
C9 49H B . 10.45 -2.09 -3.37
HD1 49H B . 9.19 0.95 -2.96
HD2 49H B . 7.70 3.23 0.38
HD3 49H B . 9.24 3.97 -3.38
HD4 49H B . 10.20 5.91 0.33
HD5 49H B . 13.24 2.99 -4.10
HE1 49H B . 6.91 0.74 -3.84
HE2 49H B . 5.41 3.04 -0.54
HE4 49H B . 8.80 7.83 -0.31
HE5 49H B . 14.26 1.95 -6.04
HE6 49H B . 12.48 -1.80 -5.03
HZ2 49H B . 7.59 7.83 -2.47
HM11 49H B . 15.29 -0.75 -8.38
HM12 49H B . 14.50 0.83 -8.12
HM13 49H B . 15.84 0.30 -7.03
HM21 49H B . 10.04 -1.38 -5.40
HM22 49H B . 9.00 -2.71 -4.89
HM23 49H B . 8.73 -1.07 -4.26
HM31 49H B . 8.85 -1.91 -1.90
HM32 49H B . 9.22 -3.59 -2.38
HM33 49H B . 10.32 -2.71 -1.30
HN1 49H B . 15.77 -2.32 -0.56
H21 49H B . 15.75 -0.04 -1.23
H22 49H B . 14.43 -0.73 -2.20
H31 49H B . 14.18 0.68 0.49
H32 49H B . 13.66 1.31 -1.06
H41 49H B . 11.91 -2.28 0.30
H42 49H B . 12.60 -1.31 1.63
H7 49H B . 11.37 3.94 -0.27
H8 49H B . 9.99 2.30 0.42
H9 49H B . 11.19 -2.85 -3.66
N GLN A 1 -9.73 8.16 17.52
CA GLN A 1 -9.59 8.63 16.13
C GLN A 1 -8.41 9.63 15.97
N ILE A 2 -7.88 9.70 14.75
CA ILE A 2 -6.68 10.46 14.36
C ILE A 2 -6.81 11.08 12.96
N ASN A 3 -5.94 12.04 12.63
CA ASN A 3 -5.98 12.83 11.38
C ASN A 3 -5.27 12.14 10.20
N GLN A 4 -5.57 10.85 10.05
CA GLN A 4 -4.95 9.83 9.19
C GLN A 4 -5.92 8.62 9.08
N VAL A 5 -5.51 7.52 8.47
CA VAL A 5 -6.40 6.37 8.16
C VAL A 5 -6.41 5.34 9.31
N ARG A 6 -7.31 4.35 9.19
CA ARG A 6 -7.49 3.10 9.95
C ARG A 6 -8.30 2.14 9.04
N PRO A 7 -7.97 0.83 8.97
CA PRO A 7 -8.56 -0.09 8.00
C PRO A 7 -9.74 -0.90 8.54
N LYS A 8 -10.47 -1.55 7.62
CA LYS A 8 -11.49 -2.58 7.94
C LYS A 8 -10.76 -3.91 8.20
N LEU A 9 -11.41 -4.87 8.86
CA LEU A 9 -10.82 -6.17 9.25
C LEU A 9 -10.08 -6.91 8.09
N PRO A 10 -10.61 -6.96 6.85
CA PRO A 10 -9.90 -7.58 5.72
C PRO A 10 -8.65 -6.82 5.27
N LEU A 11 -8.62 -5.49 5.43
CA LEU A 11 -7.50 -4.63 5.05
C LEU A 11 -6.41 -4.59 6.13
N LEU A 12 -6.80 -4.71 7.41
CA LEU A 12 -5.86 -4.82 8.54
C LEU A 12 -4.92 -6.02 8.38
N LYS A 13 -5.45 -7.18 7.96
CA LYS A 13 -4.64 -8.41 7.85
C LYS A 13 -3.63 -8.43 6.68
N ILE A 14 -3.90 -7.67 5.62
CA ILE A 14 -2.96 -7.42 4.53
C ILE A 14 -1.72 -6.70 5.07
N LEU A 15 -1.89 -5.59 5.80
CA LEU A 15 -0.77 -4.91 6.43
C LEU A 15 -0.15 -5.76 7.57
N HIS A 16 -0.93 -6.58 8.27
CA HIS A 16 -0.42 -7.48 9.31
C HIS A 16 0.49 -8.60 8.77
N ALA A 17 0.27 -9.05 7.52
CA ALA A 17 1.19 -9.94 6.83
C ALA A 17 2.61 -9.35 6.66
N ALA A 18 2.73 -8.02 6.74
CA ALA A 18 3.99 -7.27 6.74
C ALA A 18 4.40 -6.71 8.12
N GLY A 19 3.87 -7.30 9.21
CA GLY A 19 4.29 -6.99 10.59
C GLY A 19 3.80 -5.64 11.14
N ALA A 20 2.80 -5.02 10.50
CA ALA A 20 2.24 -3.73 10.87
C ALA A 20 1.21 -3.82 12.03
N GLN A 21 0.31 -2.82 12.11
CA GLN A 21 -0.91 -2.81 12.96
C GLN A 21 -2.05 -2.16 12.19
N GLY A 22 -2.39 -2.77 11.05
CA GLY A 22 -3.34 -2.27 10.07
C GLY A 22 -2.80 -1.06 9.31
N GLU A 23 -3.59 0.02 9.30
CA GLU A 23 -3.33 1.29 8.63
C GLU A 23 -3.67 2.48 9.54
N MET A 24 -3.74 2.25 10.86
CA MET A 24 -4.15 3.22 11.89
C MET A 24 -3.06 4.26 12.20
N PHE A 25 -2.60 4.94 11.14
CA PHE A 25 -1.45 5.85 11.12
C PHE A 25 -1.30 6.58 9.78
N THR A 26 -0.38 7.56 9.71
CA THR A 26 -0.17 8.51 8.60
C THR A 26 0.34 7.86 7.30
N VAL A 27 0.29 8.62 6.20
CA VAL A 27 0.71 8.23 4.83
C VAL A 27 2.12 7.60 4.82
N LYS A 28 3.05 8.24 5.52
CA LYS A 28 4.44 7.79 5.61
C LYS A 28 4.61 6.45 6.32
N GLU A 29 3.72 6.14 7.26
CA GLU A 29 3.71 4.85 7.96
C GLU A 29 3.05 3.76 7.09
N VAL A 30 1.87 4.00 6.48
CA VAL A 30 1.27 3.00 5.56
C VAL A 30 2.21 2.60 4.44
N MET A 31 2.84 3.58 3.80
CA MET A 31 3.76 3.32 2.68
C MET A 31 5.07 2.63 3.12
N HIS A 32 5.51 2.83 4.37
CA HIS A 32 6.62 2.11 4.98
C HIS A 32 6.32 0.60 5.09
N TYR A 33 5.22 0.24 5.77
CA TYR A 33 4.74 -1.13 5.83
C TYR A 33 4.42 -1.73 4.44
N LEU A 34 3.97 -0.93 3.47
CA LEU A 34 3.75 -1.38 2.09
C LEU A 34 5.06 -1.72 1.36
N GLY A 35 6.11 -0.92 1.52
CA GLY A 35 7.44 -1.20 0.95
C GLY A 35 7.98 -2.57 1.43
N GLN A 36 7.91 -2.83 2.73
CA GLN A 36 8.30 -4.14 3.28
C GLN A 36 7.32 -5.27 2.91
N TYR A 37 6.00 -5.00 2.76
CA TYR A 37 5.05 -5.98 2.20
C TYR A 37 5.49 -6.45 0.80
N ILE A 38 5.78 -5.52 -0.11
CA ILE A 38 6.25 -5.81 -1.47
C ILE A 38 7.58 -6.57 -1.42
N MET A 39 8.50 -6.19 -0.53
CA MET A 39 9.79 -6.86 -0.38
C MET A 39 9.67 -8.29 0.19
N VAL A 40 8.67 -8.56 1.04
CA VAL A 40 8.34 -9.92 1.54
C VAL A 40 7.67 -10.75 0.45
N LYS A 41 6.62 -10.21 -0.20
CA LYS A 41 5.94 -10.86 -1.35
C LYS A 41 6.83 -10.99 -2.59
N GLN A 42 7.94 -10.24 -2.64
CA GLN A 42 8.98 -10.23 -3.68
C GLN A 42 8.43 -10.24 -5.11
N LEU A 43 7.38 -9.43 -5.32
CA LEU A 43 6.54 -9.41 -6.52
C LEU A 43 6.92 -8.28 -7.49
N TYR A 44 8.14 -7.76 -7.38
CA TYR A 44 8.77 -6.83 -8.32
C TYR A 44 9.44 -7.57 -9.49
N ASP A 45 9.80 -6.86 -10.56
CA ASP A 45 10.48 -7.47 -11.72
C ASP A 45 11.94 -7.83 -11.43
N GLN A 46 12.41 -8.90 -12.09
CA GLN A 46 13.75 -9.48 -11.92
C GLN A 46 14.84 -8.55 -12.48
N GLN A 47 14.56 -7.90 -13.61
CA GLN A 47 15.45 -6.96 -14.30
C GLN A 47 15.26 -5.51 -13.84
N GLU A 48 14.11 -5.19 -13.23
CA GLU A 48 13.85 -3.86 -12.65
C GLU A 48 13.01 -3.94 -11.36
N GLN A 49 13.71 -3.98 -10.23
CA GLN A 49 13.15 -3.94 -8.88
C GLN A 49 12.28 -2.69 -8.62
N HIS A 50 12.46 -1.63 -9.45
CA HIS A 50 11.66 -0.40 -9.39
C HIS A 50 10.19 -0.61 -9.84
N MET A 51 9.93 -1.65 -10.63
CA MET A 51 8.61 -2.01 -11.16
C MET A 51 7.97 -3.12 -10.30
N VAL A 52 6.73 -2.93 -9.89
CA VAL A 52 6.02 -3.78 -8.91
C VAL A 52 4.74 -4.37 -9.54
N TYR A 53 4.54 -5.67 -9.39
CA TYR A 53 3.32 -6.40 -9.76
C TYR A 53 2.50 -6.78 -8.52
N CYS A 54 1.25 -7.18 -8.75
CA CYS A 54 0.25 -7.54 -7.72
C CYS A 54 -0.74 -8.61 -8.21
N GLY A 55 -0.33 -9.43 -9.19
CA GLY A 55 -1.23 -10.36 -9.87
C GLY A 55 -1.86 -11.38 -8.92
N GLY A 56 -3.18 -11.30 -8.74
CA GLY A 56 -3.96 -12.12 -7.81
C GLY A 56 -3.71 -11.85 -6.31
N ASP A 57 -3.04 -10.77 -5.92
CA ASP A 57 -2.72 -10.48 -4.52
C ASP A 57 -3.76 -9.54 -3.89
N LEU A 58 -3.98 -9.71 -2.58
CA LEU A 58 -4.88 -8.87 -1.79
C LEU A 58 -4.45 -7.39 -1.85
N LEU A 59 -3.17 -7.09 -2.05
CA LEU A 59 -2.68 -5.72 -2.29
C LEU A 59 -3.19 -5.15 -3.62
N GLY A 60 -3.24 -5.95 -4.69
CA GLY A 60 -3.85 -5.57 -5.97
C GLY A 60 -5.36 -5.37 -5.85
N GLU A 61 -6.04 -6.19 -5.04
CA GLU A 61 -7.44 -6.00 -4.70
C GLU A 61 -7.68 -4.72 -3.89
N LEU A 62 -6.75 -4.35 -2.98
CA LEU A 62 -6.80 -3.11 -2.18
C LEU A 62 -6.62 -1.88 -3.07
N LEU A 63 -5.57 -1.86 -3.90
CA LEU A 63 -5.22 -0.74 -4.78
C LEU A 63 -6.15 -0.62 -6.01
N GLY A 64 -6.78 -1.72 -6.42
CA GLY A 64 -7.65 -1.79 -7.62
C GLY A 64 -6.89 -2.02 -8.94
N ARG A 65 -5.57 -2.30 -8.87
CA ARG A 65 -4.70 -2.58 -10.03
C ARG A 65 -3.58 -3.56 -9.67
N GLN A 66 -3.15 -4.34 -10.65
CA GLN A 66 -2.17 -5.42 -10.47
C GLN A 66 -0.74 -5.01 -10.87
N SER A 67 -0.49 -3.72 -11.10
CA SER A 67 0.87 -3.18 -11.25
C SER A 67 0.99 -1.69 -10.91
N PHE A 68 2.19 -1.30 -10.43
CA PHE A 68 2.60 0.08 -10.12
C PHE A 68 4.13 0.20 -10.08
N SER A 69 4.66 1.42 -9.86
CA SER A 69 6.11 1.70 -9.84
C SER A 69 6.49 2.69 -8.74
N VAL A 70 7.73 2.64 -8.27
CA VAL A 70 8.29 3.68 -7.37
C VAL A 70 8.42 5.06 -8.07
N LYS A 71 8.30 5.12 -9.40
CA LYS A 71 8.18 6.36 -10.18
C LYS A 71 6.74 6.91 -10.24
N ASP A 72 5.74 6.07 -9.91
CA ASP A 72 4.31 6.39 -9.99
C ASP A 72 3.54 5.80 -8.78
N PRO A 73 3.73 6.32 -7.56
CA PRO A 73 3.05 5.85 -6.34
C PRO A 73 1.57 6.27 -6.24
N SER A 74 1.01 6.93 -7.26
CA SER A 74 -0.37 7.41 -7.33
C SER A 74 -1.46 6.43 -6.86
N PRO A 75 -1.36 5.09 -7.08
CA PRO A 75 -2.32 4.12 -6.51
C PRO A 75 -2.48 4.15 -4.98
N LEU A 76 -1.44 4.52 -4.22
CA LEU A 76 -1.53 4.71 -2.76
C LEU A 76 -2.33 5.96 -2.44
N TYR A 77 -2.02 7.06 -3.14
CA TYR A 77 -2.72 8.34 -2.93
C TYR A 77 -4.19 8.27 -3.38
N ASP A 78 -4.52 7.45 -4.38
CA ASP A 78 -5.90 7.12 -4.78
C ASP A 78 -6.67 6.31 -3.71
N MET A 79 -5.94 5.49 -2.95
CA MET A 79 -6.42 4.80 -1.76
C MET A 79 -6.61 5.75 -0.56
N LEU A 80 -5.78 6.80 -0.43
CA LEU A 80 -5.74 7.74 0.69
C LEU A 80 -6.63 9.00 0.51
N ARG A 81 -6.89 9.44 -0.72
CA ARG A 81 -7.80 10.57 -1.05
C ARG A 81 -9.25 10.36 -0.60
N LYS A 82 -9.61 9.07 -0.46
CA LYS A 82 -10.85 8.58 0.15
C LYS A 82 -10.94 8.91 1.65
N ASN A 83 -9.79 9.05 2.33
CA ASN A 83 -9.71 9.52 3.73
C ASN A 83 -9.28 11.00 3.85
N LEU A 84 -8.01 11.32 3.58
CA LEU A 84 -7.43 12.67 3.67
C LEU A 84 -7.70 13.53 2.43
N VAL A 85 -7.50 14.84 2.60
CA VAL A 85 -7.48 15.85 1.54
C VAL A 85 -6.03 16.24 1.17
N THR A 86 -5.12 15.27 1.26
CA THR A 86 -3.65 15.46 1.16
C THR A 86 -3.13 15.56 -0.28
N LEU A 87 -1.83 15.86 -0.40
CA LEU A 87 -1.06 16.00 -1.64
C LEU A 87 -0.19 14.76 -1.91
N ALA A 88 0.32 14.64 -3.15
CA ALA A 88 1.18 13.55 -3.61
C ALA A 88 2.48 14.04 -4.25
N THR A 89 3.47 13.13 -4.35
CA THR A 89 4.83 13.46 -4.81
C THR A 89 5.63 12.25 -5.29
N 49H B . 11.83 3.09 -2.26
CG1 49H B . 8.88 1.94 -1.11
CG2 49H B . 10.02 4.66 -1.47
CG3 49H B . 12.45 1.10 -3.48
CD1 49H B . 8.58 1.19 -2.26
CD2 49H B . 7.85 2.50 -0.37
CD3 49H B . 9.28 4.65 -2.64
CD4 49H B . 9.95 5.77 -0.62
CD5 49H B . 13.21 1.86 -4.39
CD6 49H B . 12.23 -0.25 -3.79
CE1 49H B . 7.25 1.01 -2.65
CE2 49H B . 6.52 2.33 -0.77
CE3 49H B . 8.45 5.73 -2.96
CE4 49H B . 9.15 6.86 -0.95
CE5 49H B . 13.78 1.28 -5.52
CE6 49H B . 12.83 -0.83 -4.91
CZ1 49H B . 6.23 1.58 -1.90
CZ2 49H B . 8.40 6.84 -2.13
CZ3 49H B . 13.61 -0.08 -5.77
CL1 49H B . 4.58 1.34 -2.38
CL2 49H B . 7.48 5.67 -4.39
CM1 49H B . 15.19 -0.10 -7.69
CM2 49H B . 9.70 -1.91 -4.56
CM3 49H B . 9.94 -2.74 -2.19
C1 49H B . 14.50 -2.21 0.52
N1 49H B . 15.52 -1.36 0.33
O1 49H B . 14.76 -3.37 0.80
C2 49H B . 15.32 0.05 0.00
N2 49H B . 12.84 -0.39 -0.33
C3 49H B . 14.06 0.29 -0.85
N3 49H B . 11.28 1.18 -1.17
O3 49H B . 14.17 -0.72 -6.86
C4 49H B . 13.08 -1.69 0.36
C5 49H B . 11.58 0.12 -0.39
O5 49H B . 10.71 -0.38 0.31
C6 49H B . 11.92 1.81 -2.28
O6 49H B . 11.36 -1.00 -3.00
C7 49H B . 10.98 3.52 -1.12
C8 49H B . 10.33 2.18 -0.66
C9 49H B . 10.69 -2.21 -3.41
HD1 49H B . 9.37 0.75 -2.85
HD2 49H B . 8.07 3.09 0.51
HD3 49H B . 9.33 3.80 -3.31
HD4 49H B . 10.52 5.79 0.30
HD5 49H B . 13.39 2.92 -4.22
HE1 49H B . 7.02 0.42 -3.53
HE2 49H B . 5.72 2.78 -0.20
HE4 49H B . 9.10 7.72 -0.29
HE5 49H B . 14.38 1.90 -6.19
HE6 49H B . 12.67 -1.88 -5.14
HZ2 49H B . 7.76 7.69 -2.39
HM11 49H B . 14.79 0.79 -8.17
HM12 49H B . 16.05 0.16 -7.07
HM13 49H B . 15.50 -0.82 -8.46
HM21 49H B . 10.22 -1.48 -5.43
HM22 49H B . 9.23 -2.84 -4.89
HM23 49H B . 8.93 -1.22 -4.25
HM31 49H B . 9.49 -3.71 -2.40
HM32 49H B . 10.61 -2.86 -1.34
HM33 49H B . 9.14 -2.05 -1.89
HN1 49H B . 16.45 -1.72 0.43
H21 49H B . 15.23 0.61 0.93
H22 49H B . 16.19 0.43 -0.53
H31 49H B . 13.91 1.37 -0.88
H32 49H B . 14.26 -0.08 -1.87
H41 49H B . 12.53 -2.48 -0.16
H42 49H B . 12.70 -1.61 1.39
H7 49H B . 11.66 3.84 -0.33
H8 49H B . 10.35 2.17 0.44
H9 49H B . 11.43 -2.96 -3.73
N GLN A 1 -9.02 10.97 17.99
CA GLN A 1 -8.72 10.45 16.64
C GLN A 1 -7.74 11.38 15.89
N ILE A 2 -6.82 10.79 15.11
CA ILE A 2 -5.82 11.51 14.29
C ILE A 2 -6.29 11.75 12.86
N ASN A 3 -5.57 12.62 12.15
CA ASN A 3 -5.88 13.10 10.79
C ASN A 3 -5.44 12.13 9.68
N GLN A 4 -5.55 10.83 9.97
CA GLN A 4 -4.98 9.68 9.24
C GLN A 4 -6.02 8.59 8.94
N VAL A 5 -5.56 7.50 8.31
CA VAL A 5 -6.36 6.35 7.86
C VAL A 5 -6.51 5.29 8.97
N ARG A 6 -7.36 4.28 8.72
CA ARG A 6 -7.59 3.02 9.45
C ARG A 6 -8.34 2.04 8.52
N PRO A 7 -8.08 0.71 8.54
CA PRO A 7 -8.73 -0.27 7.66
C PRO A 7 -9.83 -1.09 8.35
N LYS A 8 -10.60 -1.83 7.54
CA LYS A 8 -11.54 -2.88 8.00
C LYS A 8 -10.79 -4.21 8.12
N LEU A 9 -11.37 -5.20 8.82
CA LEU A 9 -10.75 -6.48 9.17
C LEU A 9 -9.93 -7.16 8.04
N PRO A 10 -10.48 -7.45 6.84
CA PRO A 10 -9.72 -8.11 5.77
C PRO A 10 -8.60 -7.24 5.18
N LEU A 11 -8.72 -5.90 5.23
CA LEU A 11 -7.68 -4.98 4.75
C LEU A 11 -6.54 -4.79 5.77
N LEU A 12 -6.88 -4.81 7.06
CA LEU A 12 -5.92 -4.86 8.18
C LEU A 12 -5.12 -6.18 8.16
N LYS A 13 -5.73 -7.28 7.70
CA LYS A 13 -5.10 -8.61 7.53
C LYS A 13 -3.89 -8.56 6.57
N ILE A 14 -4.04 -7.82 5.47
CA ILE A 14 -3.01 -7.65 4.42
C ILE A 14 -1.77 -6.98 5.02
N LEU A 15 -1.95 -5.86 5.71
CA LEU A 15 -0.84 -5.16 6.37
C LEU A 15 -0.30 -5.92 7.61
N HIS A 16 -1.13 -6.69 8.32
CA HIS A 16 -0.67 -7.63 9.37
C HIS A 16 0.25 -8.72 8.80
N ALA A 17 0.04 -9.19 7.56
CA ALA A 17 0.97 -10.12 6.89
C ALA A 17 2.39 -9.54 6.72
N ALA A 18 2.53 -8.21 6.75
CA ALA A 18 3.80 -7.47 6.76
C ALA A 18 4.16 -6.87 8.14
N GLY A 19 3.61 -7.42 9.23
CA GLY A 19 3.96 -7.05 10.61
C GLY A 19 3.41 -5.69 11.09
N ALA A 20 2.45 -5.09 10.36
CA ALA A 20 1.90 -3.79 10.66
C ALA A 20 0.78 -3.82 11.73
N GLN A 21 0.10 -2.68 11.87
CA GLN A 21 -1.14 -2.49 12.64
C GLN A 21 -2.26 -1.91 11.74
N GLY A 22 -2.40 -2.48 10.54
CA GLY A 22 -3.36 -2.05 9.51
C GLY A 22 -2.89 -0.82 8.75
N GLU A 23 -3.63 0.29 8.90
CA GLU A 23 -3.38 1.61 8.28
C GLU A 23 -3.66 2.73 9.29
N MET A 24 -3.76 2.41 10.58
CA MET A 24 -4.20 3.32 11.67
C MET A 24 -3.11 4.33 12.08
N PHE A 25 -2.57 5.02 11.08
CA PHE A 25 -1.38 5.86 11.15
C PHE A 25 -1.15 6.68 9.86
N THR A 26 -0.20 7.61 9.89
CA THR A 26 0.12 8.59 8.83
C THR A 26 0.65 7.91 7.55
N VAL A 27 0.68 8.66 6.46
CA VAL A 27 1.01 8.14 5.11
C VAL A 27 2.44 7.61 5.04
N LYS A 28 3.38 8.28 5.72
CA LYS A 28 4.77 7.80 5.85
C LYS A 28 4.87 6.43 6.52
N GLU A 29 3.94 6.11 7.43
CA GLU A 29 3.85 4.79 8.06
C GLU A 29 3.14 3.78 7.14
N VAL A 30 2.04 4.12 6.46
CA VAL A 30 1.39 3.19 5.49
C VAL A 30 2.34 2.68 4.43
N MET A 31 3.03 3.64 3.81
CA MET A 31 3.99 3.37 2.73
C MET A 31 5.25 2.62 3.19
N HIS A 32 5.61 2.72 4.48
CA HIS A 32 6.66 1.93 5.13
C HIS A 32 6.26 0.43 5.22
N TYR A 33 5.14 0.13 5.90
CA TYR A 33 4.57 -1.22 5.98
C TYR A 33 4.28 -1.84 4.60
N LEU A 34 3.84 -1.03 3.62
CA LEU A 34 3.64 -1.47 2.24
C LEU A 34 4.97 -1.74 1.50
N GLY A 35 5.98 -0.88 1.67
CA GLY A 35 7.33 -1.12 1.14
C GLY A 35 7.90 -2.46 1.61
N GLN A 36 7.81 -2.76 2.91
CA GLN A 36 8.24 -4.06 3.44
C GLN A 36 7.31 -5.22 3.03
N TYR A 37 5.99 -5.02 2.85
CA TYR A 37 5.10 -6.03 2.25
C TYR A 37 5.61 -6.48 0.88
N ILE A 38 5.92 -5.53 -0.01
CA ILE A 38 6.46 -5.80 -1.35
C ILE A 38 7.84 -6.48 -1.25
N MET A 39 8.70 -6.01 -0.35
CA MET A 39 10.04 -6.57 -0.10
C MET A 39 9.95 -8.05 0.33
N VAL A 40 9.04 -8.38 1.26
CA VAL A 40 8.80 -9.77 1.71
C VAL A 40 8.22 -10.64 0.60
N LYS A 41 7.17 -10.16 -0.10
CA LYS A 41 6.58 -10.86 -1.25
C LYS A 41 7.52 -10.94 -2.47
N GLN A 42 8.58 -10.11 -2.49
CA GLN A 42 9.62 -10.01 -3.52
C GLN A 42 9.08 -10.08 -4.96
N LEU A 43 7.97 -9.38 -5.18
CA LEU A 43 7.12 -9.46 -6.39
C LEU A 43 7.41 -8.34 -7.41
N TYR A 44 8.55 -7.66 -7.26
CA TYR A 44 9.11 -6.73 -8.22
C TYR A 44 9.87 -7.46 -9.34
N ASP A 45 10.09 -6.81 -10.49
CA ASP A 45 10.77 -7.46 -11.62
C ASP A 45 12.30 -7.59 -11.39
N GLN A 46 12.84 -8.78 -11.66
CA GLN A 46 14.27 -9.09 -11.68
C GLN A 46 15.09 -8.16 -12.59
N GLN A 47 14.51 -7.71 -13.71
CA GLN A 47 15.14 -6.80 -14.68
C GLN A 47 15.00 -5.32 -14.26
N GLU A 48 13.96 -4.98 -13.51
CA GLU A 48 13.68 -3.61 -13.04
C GLU A 48 12.87 -3.61 -11.73
N GLN A 49 13.60 -3.50 -10.61
CA GLN A 49 13.04 -3.42 -9.26
C GLN A 49 12.11 -2.21 -9.07
N HIS A 50 12.15 -1.23 -9.99
CA HIS A 50 11.23 -0.09 -10.00
C HIS A 50 9.76 -0.51 -10.26
N MET A 51 9.54 -1.62 -10.98
CA MET A 51 8.24 -2.19 -11.32
C MET A 51 7.82 -3.22 -10.26
N VAL A 52 6.60 -3.11 -9.75
CA VAL A 52 6.01 -3.98 -8.72
C VAL A 52 4.75 -4.65 -9.28
N TYR A 53 4.76 -5.99 -9.35
CA TYR A 53 3.60 -6.81 -9.68
C TYR A 53 2.85 -7.26 -8.41
N CYS A 54 1.59 -7.68 -8.59
CA CYS A 54 0.64 -8.10 -7.55
C CYS A 54 -0.41 -9.10 -8.08
N GLY A 55 -0.08 -9.86 -9.13
CA GLY A 55 -1.06 -10.68 -9.87
C GLY A 55 -1.80 -11.68 -8.97
N GLY A 56 -3.13 -11.52 -8.90
CA GLY A 56 -4.02 -12.32 -8.07
C GLY A 56 -3.95 -12.07 -6.56
N ASP A 57 -3.22 -11.05 -6.07
CA ASP A 57 -3.02 -10.82 -4.64
C ASP A 57 -3.98 -9.74 -4.09
N LEU A 58 -4.22 -9.83 -2.78
CA LEU A 58 -5.08 -8.92 -2.02
C LEU A 58 -4.59 -7.46 -2.11
N LEU A 59 -3.28 -7.24 -2.31
CA LEU A 59 -2.73 -5.90 -2.54
C LEU A 59 -3.18 -5.29 -3.88
N GLY A 60 -3.17 -6.07 -4.98
CA GLY A 60 -3.77 -5.68 -6.27
C GLY A 60 -5.28 -5.51 -6.17
N GLU A 61 -5.98 -6.30 -5.34
CA GLU A 61 -7.39 -6.08 -5.05
C GLU A 61 -7.64 -4.75 -4.31
N LEU A 62 -6.77 -4.38 -3.36
CA LEU A 62 -6.90 -3.15 -2.56
C LEU A 62 -6.62 -1.91 -3.42
N LEU A 63 -5.47 -1.90 -4.12
CA LEU A 63 -5.09 -0.82 -5.06
C LEU A 63 -5.94 -0.84 -6.35
N GLY A 64 -6.57 -1.97 -6.67
CA GLY A 64 -7.42 -2.17 -7.85
C GLY A 64 -6.67 -2.42 -9.15
N ARG A 65 -5.35 -2.71 -9.10
CA ARG A 65 -4.50 -2.75 -10.31
C ARG A 65 -3.59 -3.94 -10.61
N GLN A 66 -3.17 -4.70 -9.62
CA GLN A 66 -2.18 -5.79 -9.72
C GLN A 66 -0.80 -5.44 -10.33
N SER A 67 -0.55 -4.18 -10.67
CA SER A 67 0.78 -3.65 -11.04
C SER A 67 0.89 -2.13 -10.85
N PHE A 68 2.03 -1.69 -10.31
CA PHE A 68 2.37 -0.29 -10.06
C PHE A 68 3.90 -0.10 -10.02
N SER A 69 4.38 1.13 -9.88
CA SER A 69 5.80 1.47 -9.92
C SER A 69 6.15 2.54 -8.87
N VAL A 70 7.41 2.61 -8.45
CA VAL A 70 7.91 3.73 -7.63
C VAL A 70 7.86 5.08 -8.39
N LYS A 71 7.76 5.05 -9.72
CA LYS A 71 7.47 6.22 -10.60
C LYS A 71 5.98 6.38 -10.95
N ASP A 72 5.11 5.48 -10.48
CA ASP A 72 3.64 5.54 -10.62
C ASP A 72 2.94 5.13 -9.31
N PRO A 73 3.16 5.84 -8.18
CA PRO A 73 2.58 5.50 -6.87
C PRO A 73 1.11 5.95 -6.70
N SER A 74 0.51 6.58 -7.72
CA SER A 74 -0.87 7.11 -7.72
C SER A 74 -1.96 6.15 -7.18
N PRO A 75 -1.88 4.81 -7.33
CA PRO A 75 -2.89 3.90 -6.75
C PRO A 75 -2.94 3.93 -5.21
N LEU A 76 -1.84 4.31 -4.53
CA LEU A 76 -1.83 4.57 -3.08
C LEU A 76 -2.57 5.88 -2.77
N TYR A 77 -2.26 6.93 -3.53
CA TYR A 77 -2.83 8.26 -3.28
C TYR A 77 -4.33 8.31 -3.58
N ASP A 78 -4.84 7.52 -4.53
CA ASP A 78 -6.29 7.35 -4.74
C ASP A 78 -6.99 6.64 -3.56
N MET A 79 -6.26 5.75 -2.89
CA MET A 79 -6.65 5.09 -1.64
C MET A 79 -6.65 6.07 -0.44
N LEU A 80 -5.74 7.06 -0.43
CA LEU A 80 -5.54 8.02 0.66
C LEU A 80 -6.36 9.31 0.53
N ARG A 81 -6.61 9.82 -0.69
CA ARG A 81 -7.39 11.05 -0.96
C ARG A 81 -8.82 11.00 -0.42
N LYS A 82 -9.35 9.79 -0.34
CA LYS A 82 -10.63 9.43 0.30
C LYS A 82 -10.64 9.69 1.81
N ASN A 83 -9.47 9.65 2.46
CA ASN A 83 -9.27 10.02 3.86
C ASN A 83 -8.74 11.45 4.05
N LEU A 84 -7.47 11.72 3.70
CA LEU A 84 -6.78 13.01 3.84
C LEU A 84 -6.20 13.55 2.50
N VAL A 85 -6.02 14.87 2.39
CA VAL A 85 -5.50 15.50 1.15
C VAL A 85 -4.01 15.24 0.87
N THR A 86 -3.28 14.99 1.96
CA THR A 86 -1.85 14.61 2.06
C THR A 86 -0.83 15.52 1.30
N LEU A 87 0.44 15.14 1.37
CA LEU A 87 1.58 15.65 0.61
C LEU A 87 2.25 14.50 -0.17
N ALA A 88 2.96 14.81 -1.25
CA ALA A 88 3.58 13.83 -2.15
C ALA A 88 5.03 14.18 -2.52
N THR A 89 5.75 13.19 -3.06
CA THR A 89 7.20 13.27 -3.28
C THR A 89 7.73 12.28 -4.34
N 49H B . 11.84 3.08 -2.29
CG1 49H B . 8.89 1.98 -1.14
CG2 49H B . 10.02 4.71 -1.64
CG3 49H B . 12.64 1.03 -3.27
CD1 49H B . 8.63 1.14 -2.24
CD2 49H B . 7.81 2.59 -0.49
CD3 49H B . 9.19 4.58 -2.76
CD4 49H B . 10.02 5.91 -0.92
CD5 49H B . 13.49 1.72 -4.15
CD6 49H B . 12.50 -0.37 -3.45
CE1 49H B . 7.32 0.93 -2.67
CE2 49H B . 6.51 2.40 -0.94
CE3 49H B . 8.35 5.63 -3.13
CE4 49H B . 9.20 6.97 -1.32
CE5 49H B . 14.25 1.05 -5.10
CE6 49H B . 13.29 -1.04 -4.40
CZ1 49H B . 6.26 1.56 -2.02
CZ2 49H B . 8.36 6.83 -2.42
CZ3 49H B . 14.18 -0.33 -5.20
CL1 49H B . 4.64 1.32 -2.57
CL2 49H B . 7.26 5.44 -4.47
CM1 49H B . 16.14 -0.50 -6.71
CM2 49H B . 10.13 -2.15 -4.43
CM3 49H B . 10.04 -2.78 -1.98
C1 49H B . 14.48 -2.02 0.86
N1 49H B . 15.43 -1.08 0.89
O1 49H B . 14.79 -3.17 1.13
C2 49H B . 15.19 0.33 0.56
N2 49H B . 12.82 -0.25 -0.10
C3 49H B . 14.06 0.49 -0.47
N3 49H B . 11.28 1.25 -1.07
O3 49H B . 14.96 -1.05 -6.08
C4 49H B . 13.06 -1.60 0.49
C5 49H B . 11.55 0.23 -0.23
O5 49H B . 10.66 -0.25 0.45
C6 49H B . 11.97 1.82 -2.19
O6 49H B . 11.55 -1.07 -2.74
C7 49H B . 10.96 3.57 -1.21
C8 49H B . 10.31 2.27 -0.66
C9 49H B . 10.95 -2.33 -3.14
HD1 49H B . 9.44 0.65 -2.77
HD2 49H B . 8.00 3.25 0.36
HD3 49H B . 9.19 3.66 -3.34
HD4 49H B . 10.66 6.03 -0.06
HD5 49H B . 13.60 2.81 -4.07
HE1 49H B . 7.12 0.28 -3.53
HE2 49H B . 5.69 2.91 -0.44
HE4 49H B . 9.22 7.90 -0.76
HE5 49H B . 14.92 1.63 -5.74
HE6 49H B . 13.22 -2.10 -4.53
HZ2 49H B . 7.71 7.65 -2.72
HM11 49H B . 15.86 0.31 -7.39
HM12 49H B . 16.82 -0.13 -5.94
HM13 49H B . 16.64 -1.29 -7.29
HM21 49H B . 10.76 -1.83 -5.25
HM22 49H B . 9.66 -3.08 -4.72
HM23 49H B . 9.35 -1.40 -4.29
HM31 49H B . 10.60 -2.80 -1.04
HM32 49H B . 9.20 -2.10 -1.87
HM33 49H B . 9.67 -3.79 -2.17
HN1 49H B . 16.36 -1.37 1.14
H21 49H B . 14.92 0.86 1.48
H22 49H B . 16.11 0.77 0.16
H31 49H B . 13.85 1.56 -0.53
H32 49H B . 14.40 0.13 -1.43
H41 49H B . 12.71 -2.36 -0.21
H42 49H B . 12.48 -1.69 1.42
H7 49H B . 11.61 3.95 -0.42
H8 49H B . 10.30 2.33 0.43
H9 49H B . 11.74 -3.08 -3.29
N GLN A 1 -9.31 11.68 18.40
CA GLN A 1 -8.55 10.80 17.51
C GLN A 1 -7.61 11.60 16.57
N ILE A 2 -6.57 10.93 16.05
CA ILE A 2 -5.56 11.52 15.17
C ILE A 2 -6.02 11.74 13.72
N ASN A 3 -5.28 12.60 13.00
CA ASN A 3 -5.63 13.13 11.69
C ASN A 3 -5.24 12.23 10.51
N GLN A 4 -5.40 10.92 10.67
CA GLN A 4 -4.87 9.84 9.83
C GLN A 4 -5.94 8.79 9.47
N VAL A 5 -5.55 7.75 8.74
CA VAL A 5 -6.43 6.69 8.23
C VAL A 5 -6.45 5.50 9.20
N ARG A 6 -7.34 4.50 8.97
CA ARG A 6 -7.66 3.34 9.84
C ARG A 6 -8.38 2.26 8.99
N PRO A 7 -8.15 0.95 9.22
CA PRO A 7 -8.62 -0.12 8.31
C PRO A 7 -9.93 -0.80 8.75
N LYS A 8 -10.41 -1.71 7.90
CA LYS A 8 -11.47 -2.70 8.17
C LYS A 8 -10.80 -4.07 8.33
N LEU A 9 -11.43 -5.05 9.01
CA LEU A 9 -10.81 -6.34 9.35
C LEU A 9 -10.08 -7.08 8.18
N PRO A 10 -10.63 -7.20 6.95
CA PRO A 10 -9.92 -7.85 5.85
C PRO A 10 -8.76 -7.02 5.27
N LEU A 11 -8.77 -5.69 5.47
CA LEU A 11 -7.69 -4.79 5.05
C LEU A 11 -6.57 -4.72 6.10
N LEU A 12 -6.90 -4.83 7.39
CA LEU A 12 -5.92 -4.90 8.50
C LEU A 12 -4.95 -6.09 8.32
N LYS A 13 -5.45 -7.26 7.90
CA LYS A 13 -4.61 -8.46 7.80
C LYS A 13 -3.60 -8.44 6.65
N ILE A 14 -3.86 -7.62 5.62
CA ILE A 14 -2.92 -7.35 4.52
C ILE A 14 -1.74 -6.51 5.04
N LEU A 15 -1.99 -5.46 5.82
CA LEU A 15 -0.92 -4.75 6.53
C LEU A 15 -0.22 -5.67 7.56
N HIS A 16 -0.96 -6.55 8.24
CA HIS A 16 -0.42 -7.45 9.25
C HIS A 16 0.50 -8.54 8.68
N ALA A 17 0.27 -8.96 7.43
CA ALA A 17 1.19 -9.83 6.68
C ALA A 17 2.59 -9.21 6.50
N ALA A 18 2.70 -7.88 6.60
CA ALA A 18 3.94 -7.11 6.59
C ALA A 18 4.37 -6.62 8.00
N GLY A 19 3.90 -7.26 9.07
CA GLY A 19 4.34 -6.99 10.46
C GLY A 19 3.83 -5.67 11.06
N ALA A 20 2.78 -5.08 10.48
CA ALA A 20 2.20 -3.80 10.90
C ALA A 20 1.23 -3.96 12.10
N GLN A 21 0.29 -3.01 12.24
CA GLN A 21 -0.86 -3.05 13.16
C GLN A 21 -2.06 -2.29 12.57
N GLY A 22 -2.59 -2.84 11.48
CA GLY A 22 -3.64 -2.20 10.67
C GLY A 22 -3.10 -1.06 9.81
N GLU A 23 -3.93 -0.03 9.60
CA GLU A 23 -3.61 1.21 8.88
C GLU A 23 -3.82 2.46 9.75
N MET A 24 -3.93 2.30 11.08
CA MET A 24 -4.36 3.35 12.02
C MET A 24 -3.26 4.35 12.38
N PHE A 25 -2.74 5.01 11.34
CA PHE A 25 -1.54 5.86 11.35
C PHE A 25 -1.34 6.68 10.05
N THR A 26 -0.30 7.51 10.01
CA THR A 26 0.03 8.51 8.97
C THR A 26 0.39 7.91 7.60
N VAL A 27 0.40 8.75 6.56
CA VAL A 27 0.81 8.43 5.17
C VAL A 27 2.19 7.76 5.12
N LYS A 28 3.16 8.34 5.85
CA LYS A 28 4.52 7.82 5.94
C LYS A 28 4.61 6.44 6.59
N GLU A 29 3.69 6.11 7.49
CA GLU A 29 3.62 4.80 8.13
C GLU A 29 2.96 3.77 7.20
N VAL A 30 1.81 4.06 6.57
CA VAL A 30 1.23 3.12 5.57
C VAL A 30 2.20 2.78 4.45
N MET A 31 2.88 3.79 3.90
CA MET A 31 3.81 3.58 2.78
C MET A 31 5.10 2.84 3.20
N HIS A 32 5.49 2.93 4.48
CA HIS A 32 6.58 2.14 5.10
C HIS A 32 6.21 0.65 5.12
N TYR A 33 5.11 0.28 5.78
CA TYR A 33 4.58 -1.08 5.79
C TYR A 33 4.28 -1.62 4.37
N LEU A 34 3.81 -0.78 3.43
CA LEU A 34 3.60 -1.15 2.03
C LEU A 34 4.91 -1.50 1.30
N GLY A 35 5.97 -0.71 1.49
CA GLY A 35 7.29 -1.01 0.92
C GLY A 35 7.83 -2.37 1.38
N GLN A 36 7.76 -2.66 2.70
CA GLN A 36 8.17 -3.97 3.22
C GLN A 36 7.20 -5.11 2.83
N TYR A 37 5.88 -4.84 2.68
CA TYR A 37 4.94 -5.82 2.10
C TYR A 37 5.42 -6.27 0.72
N ILE A 38 5.65 -5.32 -0.21
CA ILE A 38 6.13 -5.60 -1.57
C ILE A 38 7.46 -6.36 -1.52
N MET A 39 8.37 -5.97 -0.63
CA MET A 39 9.68 -6.62 -0.46
C MET A 39 9.57 -8.07 0.05
N VAL A 40 8.60 -8.39 0.93
CA VAL A 40 8.35 -9.75 1.43
C VAL A 40 7.60 -10.61 0.40
N LYS A 41 6.50 -10.07 -0.15
CA LYS A 41 5.69 -10.73 -1.19
C LYS A 41 6.43 -10.86 -2.52
N GLN A 42 7.52 -10.09 -2.70
CA GLN A 42 8.45 -10.06 -3.82
C GLN A 42 7.78 -10.04 -5.21
N LEU A 43 6.69 -9.27 -5.30
CA LEU A 43 5.85 -9.14 -6.49
C LEU A 43 6.31 -7.96 -7.37
N TYR A 44 7.61 -7.91 -7.70
CA TYR A 44 8.26 -6.92 -8.55
C TYR A 44 9.03 -7.58 -9.71
N ASP A 45 9.37 -6.82 -10.75
CA ASP A 45 10.11 -7.36 -11.90
C ASP A 45 11.58 -7.65 -11.55
N GLN A 46 12.13 -8.77 -12.03
CA GLN A 46 13.54 -9.09 -11.88
C GLN A 46 14.45 -8.02 -12.49
N GLN A 47 14.20 -7.57 -13.73
CA GLN A 47 15.04 -6.58 -14.42
C GLN A 47 14.72 -5.13 -14.00
N GLU A 48 13.68 -4.92 -13.19
CA GLU A 48 13.34 -3.62 -12.62
C GLU A 48 12.53 -3.77 -11.32
N GLN A 49 13.27 -3.90 -10.22
CA GLN A 49 12.71 -3.96 -8.86
C GLN A 49 11.94 -2.68 -8.50
N HIS A 50 12.15 -1.60 -9.27
CA HIS A 50 11.42 -0.33 -9.15
C HIS A 50 9.92 -0.45 -9.54
N MET A 51 9.55 -1.47 -10.32
CA MET A 51 8.22 -1.74 -10.85
C MET A 51 7.57 -2.94 -10.14
N VAL A 52 6.30 -2.79 -9.76
CA VAL A 52 5.52 -3.75 -8.96
C VAL A 52 4.36 -4.33 -9.79
N TYR A 53 4.20 -5.65 -9.73
CA TYR A 53 3.17 -6.44 -10.41
C TYR A 53 2.59 -7.50 -9.47
N CYS A 54 1.60 -7.07 -8.70
CA CYS A 54 0.87 -7.79 -7.66
C CYS A 54 -0.23 -8.72 -8.21
N GLY A 55 0.01 -9.38 -9.34
CA GLY A 55 -1.04 -10.09 -10.08
C GLY A 55 -1.86 -11.08 -9.24
N GLY A 56 -3.15 -10.77 -9.06
CA GLY A 56 -4.11 -11.56 -8.28
C GLY A 56 -3.92 -11.52 -6.74
N ASP A 57 -3.10 -10.63 -6.19
CA ASP A 57 -2.83 -10.55 -4.74
C ASP A 57 -3.88 -9.69 -4.00
N LEU A 58 -4.00 -9.94 -2.69
CA LEU A 58 -4.84 -9.14 -1.79
C LEU A 58 -4.46 -7.65 -1.80
N LEU A 59 -3.20 -7.29 -2.08
CA LEU A 59 -2.79 -5.90 -2.28
C LEU A 59 -3.38 -5.28 -3.56
N GLY A 60 -3.48 -6.06 -4.65
CA GLY A 60 -4.23 -5.68 -5.85
C GLY A 60 -5.72 -5.51 -5.58
N GLU A 61 -6.33 -6.38 -4.77
CA GLU A 61 -7.71 -6.23 -4.35
C GLU A 61 -7.91 -4.97 -3.47
N LEU A 62 -6.95 -4.66 -2.59
CA LEU A 62 -6.98 -3.48 -1.71
C LEU A 62 -6.81 -2.16 -2.48
N LEU A 63 -5.84 -2.10 -3.40
CA LEU A 63 -5.52 -0.93 -4.23
C LEU A 63 -6.46 -0.79 -5.46
N GLY A 64 -7.14 -1.87 -5.86
CA GLY A 64 -7.98 -1.97 -7.05
C GLY A 64 -7.21 -2.09 -8.37
N ARG A 65 -5.87 -2.17 -8.34
CA ARG A 65 -4.99 -2.07 -9.54
C ARG A 65 -3.86 -3.04 -9.69
N GLN A 66 -3.21 -3.41 -8.60
CA GLN A 66 -2.10 -4.36 -8.55
C GLN A 66 -0.84 -4.01 -9.37
N SER A 67 -0.75 -2.82 -9.98
CA SER A 67 0.51 -2.40 -10.63
C SER A 67 0.79 -0.90 -10.56
N PHE A 68 2.05 -0.58 -10.23
CA PHE A 68 2.60 0.75 -9.97
C PHE A 68 4.14 0.66 -9.87
N SER A 69 4.83 1.79 -9.89
CA SER A 69 6.29 1.86 -9.67
C SER A 69 6.65 2.94 -8.67
N VAL A 70 7.92 2.99 -8.25
CA VAL A 70 8.41 4.11 -7.41
C VAL A 70 8.54 5.44 -8.19
N LYS A 71 8.38 5.43 -9.52
CA LYS A 71 8.23 6.62 -10.37
C LYS A 71 6.77 7.00 -10.65
N ASP A 72 5.86 6.04 -10.59
CA ASP A 72 4.40 6.22 -10.72
C ASP A 72 3.62 5.51 -9.57
N PRO A 73 3.70 6.03 -8.32
CA PRO A 73 3.16 5.39 -7.10
C PRO A 73 1.69 5.72 -6.79
N SER A 74 0.94 6.25 -7.76
CA SER A 74 -0.41 6.83 -7.56
C SER A 74 -1.47 5.99 -6.81
N PRO A 75 -1.52 4.63 -6.84
CA PRO A 75 -2.59 3.88 -6.18
C PRO A 75 -2.59 4.01 -4.64
N LEU A 76 -1.41 4.17 -4.03
CA LEU A 76 -1.23 4.52 -2.61
C LEU A 76 -1.99 5.82 -2.28
N TYR A 77 -1.80 6.85 -3.10
CA TYR A 77 -2.39 8.16 -2.87
C TYR A 77 -3.88 8.20 -3.22
N ASP A 78 -4.34 7.38 -4.18
CA ASP A 78 -5.77 7.22 -4.49
C ASP A 78 -6.56 6.50 -3.39
N MET A 79 -5.90 5.56 -2.69
CA MET A 79 -6.40 4.92 -1.48
C MET A 79 -6.44 5.93 -0.31
N LEU A 80 -5.42 6.78 -0.17
CA LEU A 80 -5.35 7.80 0.88
C LEU A 80 -6.37 8.91 0.67
N ARG A 81 -6.47 9.51 -0.52
CA ARG A 81 -7.30 10.70 -0.81
C ARG A 81 -8.78 10.52 -0.49
N LYS A 82 -9.27 9.27 -0.65
CA LYS A 82 -10.62 8.81 -0.31
C LYS A 82 -10.87 8.74 1.20
N ASN A 83 -9.82 8.56 1.99
CA ASN A 83 -9.79 8.58 3.45
C ASN A 83 -9.30 9.97 3.97
N LEU A 84 -7.99 10.14 4.25
CA LEU A 84 -7.39 11.44 4.53
C LEU A 84 -7.16 12.23 3.22
N VAL A 85 -7.86 13.35 3.02
CA VAL A 85 -7.55 14.28 1.91
C VAL A 85 -6.11 14.79 2.04
N THR A 86 -5.25 14.44 1.08
CA THR A 86 -3.80 14.65 1.15
C THR A 86 -3.15 14.82 -0.23
N LEU A 87 -1.84 15.10 -0.22
CA LEU A 87 -1.00 15.32 -1.40
C LEU A 87 -0.63 14.00 -2.11
N ALA A 88 -0.28 14.07 -3.39
CA ALA A 88 0.03 12.92 -4.24
C ALA A 88 1.19 13.18 -5.23
N THR A 89 1.70 12.12 -5.84
CA THR A 89 2.85 12.17 -6.76
C THR A 89 2.92 10.98 -7.73
N 49H B . 11.73 3.29 -2.34
CG1 49H B . 8.77 2.25 -1.20
CG2 49H B . 10.01 4.93 -1.50
CG3 49H B . 12.35 1.26 -3.51
CD1 49H B . 8.46 1.54 -2.36
CD2 49H B . 7.75 2.86 -0.47
CD3 49H B . 9.25 4.97 -2.67
CD4 49H B . 9.96 6.01 -0.61
CD5 49H B . 13.13 1.98 -4.44
CD6 49H B . 12.12 -0.10 -3.78
CE1 49H B . 7.14 1.45 -2.80
CE2 49H B . 6.43 2.78 -0.91
CE3 49H B . 8.43 6.07 -2.94
CE4 49H B . 9.16 7.12 -0.91
CE5 49H B . 13.70 1.37 -5.54
CE6 49H B . 12.71 -0.71 -4.89
CZ1 49H B . 6.13 2.08 -2.08
CZ2 49H B . 8.39 7.15 -2.07
CZ3 49H B . 13.50 0.01 -5.76
CL1 49H B . 4.50 2.02 -2.65
CL2 49H B . 7.47 6.08 -4.38
CM1 49H B . 15.09 -0.08 -7.67
CM2 49H B . 9.54 -1.73 -4.48
CM3 49H B . 9.87 -2.60 -2.13
C1 49H B . 14.34 -1.76 0.91
N1 49H B . 15.29 -0.83 0.81
O1 49H B . 14.63 -2.81 1.45
C2 49H B . 15.09 0.49 0.22
N2 49H B . 12.71 -0.13 -0.31
C3 49H B . 13.94 0.53 -0.80
N3 49H B . 11.14 1.40 -1.21
O3 49H B . 14.06 -0.66 -6.84
C4 49H B . 12.94 -1.45 0.36
C5 49H B . 11.43 0.35 -0.41
O5 49H B . 10.55 -0.11 0.29
C6 49H B . 11.80 2.00 -2.33
O6 49H B . 11.26 -0.83 -2.98
C7 49H B . 10.92 3.74 -1.19
C8 49H B . 10.22 2.43 -0.72
C9 49H B . 10.56 -2.04 -3.38
HD1 49H B . 9.24 1.05 -2.94
HD2 49H B . 7.98 3.42 0.43
HD3 49H B . 9.28 4.14 -3.37
HD4 49H B . 10.55 6.01 0.30
HD5 49H B . 13.31 3.05 -4.28
HE1 49H B . 6.90 0.90 -3.71
HE2 49H B . 5.64 3.28 -0.36
HE4 49H B . 9.13 7.96 -0.22
HE5 49H B . 14.30 1.97 -6.22
HE6 49H B . 12.56 -1.76 -5.10
HZ2 49H B . 7.77 8.00 -2.30
HM11 49H B . 15.39 -0.82 -8.42
HM12 49H B . 14.71 0.81 -8.18
HM13 49H B . 15.95 0.20 -7.06
HM21 49H B . 10.02 -1.24 -5.34
HM22 49H B . 9.06 -2.64 -4.84
HM23 49H B . 8.75 -1.06 -4.12
HM31 49H B . 10.58 -2.74 -1.32
HM32 49H B . 9.08 -1.91 -1.78
HM33 49H B . 9.41 -3.56 -2.35
HN1 49H B . 16.20 -1.06 1.19
H21 49H B . 14.87 1.20 1.02
H22 49H B . 16.01 0.82 -0.28
H31 49H B . 13.76 1.59 -1.00
H32 49H B . 14.25 0.05 -1.72
H41 49H B . 12.72 -2.24 -0.35
H42 49H B . 12.28 -1.55 1.22
H7 49H B . 11.62 4.04 -0.40
H8 49H B . 10.24 2.43 0.38
H9 49H B . 11.29 -2.78 -3.73
N GLN A 1 -9.08 9.13 16.28
CA GLN A 1 -8.98 10.51 16.78
C GLN A 1 -7.82 11.30 16.13
N ILE A 2 -7.41 10.88 14.93
CA ILE A 2 -6.28 11.40 14.15
C ILE A 2 -6.63 11.67 12.68
N ASN A 3 -5.84 12.54 12.03
CA ASN A 3 -6.08 13.07 10.68
C ASN A 3 -5.41 12.21 9.59
N GLN A 4 -5.70 10.91 9.64
CA GLN A 4 -5.09 9.79 8.91
C GLN A 4 -6.03 8.57 8.97
N VAL A 5 -5.62 7.41 8.41
CA VAL A 5 -6.51 6.24 8.21
C VAL A 5 -6.53 5.32 9.43
N ARG A 6 -7.43 4.32 9.41
CA ARG A 6 -7.62 3.19 10.34
C ARG A 6 -8.50 2.14 9.62
N PRO A 7 -8.25 0.82 9.76
CA PRO A 7 -8.88 -0.21 8.92
C PRO A 7 -10.01 -1.01 9.60
N LYS A 8 -10.58 -1.94 8.82
CA LYS A 8 -11.50 -3.02 9.23
C LYS A 8 -10.71 -4.34 9.10
N LEU A 9 -11.10 -5.42 9.78
CA LEU A 9 -10.35 -6.69 9.84
C LEU A 9 -9.79 -7.23 8.49
N PRO A 10 -10.56 -7.29 7.37
CA PRO A 10 -10.03 -7.76 6.09
C PRO A 10 -9.02 -6.82 5.43
N LEU A 11 -9.04 -5.53 5.76
CA LEU A 11 -8.02 -4.56 5.33
C LEU A 11 -6.80 -4.56 6.27
N LEU A 12 -7.02 -4.75 7.57
CA LEU A 12 -5.95 -4.86 8.58
C LEU A 12 -4.98 -5.98 8.27
N LYS A 13 -5.47 -7.14 7.82
CA LYS A 13 -4.62 -8.33 7.64
C LYS A 13 -3.65 -8.25 6.45
N ILE A 14 -3.93 -7.37 5.50
CA ILE A 14 -3.04 -7.01 4.38
C ILE A 14 -1.79 -6.31 4.95
N LEU A 15 -1.97 -5.29 5.79
CA LEU A 15 -0.87 -4.61 6.48
C LEU A 15 -0.21 -5.53 7.54
N HIS A 16 -0.99 -6.40 8.20
CA HIS A 16 -0.47 -7.32 9.22
C HIS A 16 0.44 -8.42 8.65
N ALA A 17 0.19 -8.85 7.41
CA ALA A 17 1.10 -9.75 6.67
C ALA A 17 2.51 -9.14 6.48
N ALA A 18 2.62 -7.80 6.56
CA ALA A 18 3.86 -7.04 6.53
C ALA A 18 4.29 -6.50 7.92
N GLY A 19 3.83 -7.12 9.01
CA GLY A 19 4.30 -6.84 10.38
C GLY A 19 3.82 -5.50 10.99
N ALA A 20 2.78 -4.89 10.41
CA ALA A 20 2.22 -3.61 10.85
C ALA A 20 1.24 -3.77 12.04
N GLN A 21 0.33 -2.79 12.21
CA GLN A 21 -0.84 -2.85 13.11
C GLN A 21 -2.06 -2.21 12.44
N GLY A 22 -2.46 -2.79 11.30
CA GLY A 22 -3.51 -2.25 10.44
C GLY A 22 -3.04 -1.04 9.63
N GLU A 23 -3.92 -0.04 9.46
CA GLU A 23 -3.68 1.22 8.74
C GLU A 23 -3.90 2.45 9.64
N MET A 24 -3.83 2.28 10.97
CA MET A 24 -4.22 3.27 12.00
C MET A 24 -3.26 4.45 12.21
N PHE A 25 -2.73 4.98 11.10
CA PHE A 25 -1.61 5.94 11.05
C PHE A 25 -1.45 6.62 9.67
N THR A 26 -0.51 7.58 9.60
CA THR A 26 -0.29 8.53 8.48
C THR A 26 0.28 7.88 7.21
N VAL A 27 0.26 8.63 6.10
CA VAL A 27 0.76 8.24 4.76
C VAL A 27 2.16 7.62 4.80
N LYS A 28 3.07 8.24 5.57
CA LYS A 28 4.47 7.77 5.66
C LYS A 28 4.61 6.42 6.36
N GLU A 29 3.71 6.15 7.30
CA GLU A 29 3.66 4.86 8.02
C GLU A 29 3.01 3.78 7.15
N VAL A 30 1.86 4.03 6.49
CA VAL A 30 1.29 3.03 5.55
C VAL A 30 2.25 2.65 4.43
N MET A 31 2.89 3.64 3.81
CA MET A 31 3.82 3.38 2.70
C MET A 31 5.11 2.68 3.14
N HIS A 32 5.55 2.88 4.39
CA HIS A 32 6.65 2.13 5.03
C HIS A 32 6.31 0.62 5.09
N TYR A 33 5.21 0.26 5.75
CA TYR A 33 4.68 -1.11 5.79
C TYR A 33 4.42 -1.69 4.39
N LEU A 34 3.95 -0.91 3.42
CA LEU A 34 3.78 -1.36 2.02
C LEU A 34 5.11 -1.64 1.31
N GLY A 35 6.17 -0.85 1.55
CA GLY A 35 7.51 -1.16 1.01
C GLY A 35 8.03 -2.53 1.46
N GLN A 36 7.92 -2.82 2.76
CA GLN A 36 8.26 -4.14 3.30
C GLN A 36 7.26 -5.24 2.89
N TYR A 37 5.97 -4.94 2.69
CA TYR A 37 5.01 -5.88 2.08
C TYR A 37 5.52 -6.32 0.70
N ILE A 38 5.83 -5.37 -0.20
CA ILE A 38 6.33 -5.65 -1.55
C ILE A 38 7.63 -6.45 -1.48
N MET A 39 8.52 -6.13 -0.55
CA MET A 39 9.79 -6.84 -0.37
C MET A 39 9.62 -8.29 0.15
N VAL A 40 8.61 -8.57 0.99
CA VAL A 40 8.27 -9.94 1.46
C VAL A 40 7.53 -10.74 0.38
N LYS A 41 6.45 -10.16 -0.17
CA LYS A 41 5.65 -10.71 -1.27
C LYS A 41 6.41 -10.76 -2.60
N GLN A 42 7.55 -10.07 -2.69
CA GLN A 42 8.58 -10.08 -3.74
C GLN A 42 8.02 -9.94 -5.17
N LEU A 43 7.17 -8.91 -5.33
CA LEU A 43 6.38 -8.69 -6.55
C LEU A 43 7.10 -7.85 -7.62
N TYR A 44 8.36 -7.47 -7.40
CA TYR A 44 9.15 -6.62 -8.29
C TYR A 44 9.90 -7.41 -9.38
N ASP A 45 10.34 -6.73 -10.44
CA ASP A 45 11.06 -7.36 -11.55
C ASP A 45 12.55 -7.62 -11.23
N GLN A 46 13.14 -8.64 -11.86
CA GLN A 46 14.54 -9.04 -11.66
C GLN A 46 15.55 -8.03 -12.22
N GLN A 47 15.35 -7.57 -13.45
CA GLN A 47 16.20 -6.54 -14.08
C GLN A 47 15.89 -5.12 -13.60
N GLU A 48 14.71 -4.90 -12.98
CA GLU A 48 14.26 -3.57 -12.53
C GLU A 48 13.37 -3.67 -11.28
N GLN A 49 14.00 -3.67 -10.12
CA GLN A 49 13.37 -3.58 -8.79
C GLN A 49 12.48 -2.32 -8.65
N HIS A 50 12.77 -1.30 -9.47
CA HIS A 50 11.96 -0.09 -9.66
C HIS A 50 10.48 -0.40 -10.00
N MET A 51 10.21 -1.47 -10.74
CA MET A 51 8.90 -1.89 -11.22
C MET A 51 8.30 -2.98 -10.33
N VAL A 52 7.01 -2.85 -9.98
CA VAL A 52 6.30 -3.67 -8.99
C VAL A 52 4.95 -4.15 -9.56
N TYR A 53 4.62 -5.42 -9.32
CA TYR A 53 3.33 -6.05 -9.66
C TYR A 53 2.45 -6.28 -8.41
N CYS A 54 1.21 -6.76 -8.61
CA CYS A 54 0.25 -7.12 -7.54
C CYS A 54 -0.83 -8.13 -7.99
N GLY A 55 -0.56 -8.87 -9.07
CA GLY A 55 -1.56 -9.71 -9.75
C GLY A 55 -2.29 -10.69 -8.83
N GLY A 56 -3.60 -10.48 -8.69
CA GLY A 56 -4.50 -11.29 -7.88
C GLY A 56 -4.41 -11.11 -6.36
N ASP A 57 -3.62 -10.16 -5.83
CA ASP A 57 -3.46 -10.01 -4.38
C ASP A 57 -4.39 -8.93 -3.79
N LEU A 58 -4.63 -9.02 -2.48
CA LEU A 58 -5.43 -8.05 -1.73
C LEU A 58 -4.81 -6.65 -1.75
N LEU A 59 -3.49 -6.54 -1.89
CA LEU A 59 -2.85 -5.23 -2.13
C LEU A 59 -3.27 -4.63 -3.49
N GLY A 60 -3.37 -5.42 -4.57
CA GLY A 60 -3.94 -4.97 -5.85
C GLY A 60 -5.42 -4.61 -5.75
N GLU A 61 -6.20 -5.37 -4.97
CA GLU A 61 -7.59 -5.05 -4.67
C GLU A 61 -7.72 -3.70 -3.94
N LEU A 62 -6.84 -3.45 -2.95
CA LEU A 62 -6.84 -2.23 -2.15
C LEU A 62 -6.39 -1.00 -2.97
N LEU A 63 -5.30 -1.14 -3.73
CA LEU A 63 -4.75 -0.10 -4.61
C LEU A 63 -5.63 0.19 -5.84
N GLY A 64 -6.44 -0.80 -6.28
CA GLY A 64 -7.19 -0.75 -7.54
C GLY A 64 -6.33 -0.99 -8.78
N ARG A 65 -5.04 -1.29 -8.60
CA ARG A 65 -4.04 -1.55 -9.65
C ARG A 65 -3.13 -2.73 -9.32
N GLN A 66 -2.80 -3.52 -10.35
CA GLN A 66 -1.95 -4.71 -10.25
C GLN A 66 -0.52 -4.49 -10.76
N SER A 67 -0.15 -3.24 -11.07
CA SER A 67 1.23 -2.82 -11.35
C SER A 67 1.45 -1.33 -11.10
N PHE A 68 2.63 -0.97 -10.60
CA PHE A 68 3.08 0.39 -10.25
C PHE A 68 4.61 0.43 -10.14
N SER A 69 5.21 1.59 -9.86
CA SER A 69 6.67 1.73 -9.72
C SER A 69 7.08 2.72 -8.62
N VAL A 70 8.37 2.76 -8.30
CA VAL A 70 8.97 3.79 -7.43
C VAL A 70 8.83 5.22 -8.01
N LYS A 71 8.59 5.36 -9.32
CA LYS A 71 8.29 6.64 -10.00
C LYS A 71 6.79 6.92 -10.16
N ASP A 72 5.92 5.93 -9.89
CA ASP A 72 4.46 6.02 -10.00
C ASP A 72 3.74 5.44 -8.75
N PRO A 73 3.93 6.02 -7.54
CA PRO A 73 3.25 5.61 -6.30
C PRO A 73 1.79 6.06 -6.21
N SER A 74 1.27 6.76 -7.22
CA SER A 74 -0.09 7.32 -7.30
C SER A 74 -1.25 6.43 -6.81
N PRO A 75 -1.31 5.09 -7.05
CA PRO A 75 -2.40 4.28 -6.51
C PRO A 75 -2.47 4.22 -4.97
N LEU A 76 -1.36 4.43 -4.25
CA LEU A 76 -1.41 4.58 -2.77
C LEU A 76 -2.16 5.87 -2.41
N TYR A 77 -1.82 6.97 -3.06
CA TYR A 77 -2.49 8.25 -2.86
C TYR A 77 -3.97 8.20 -3.27
N ASP A 78 -4.33 7.43 -4.29
CA ASP A 78 -5.74 7.20 -4.67
C ASP A 78 -6.52 6.35 -3.65
N MET A 79 -5.82 5.43 -2.97
CA MET A 79 -6.32 4.68 -1.82
C MET A 79 -6.53 5.61 -0.60
N LEU A 80 -5.69 6.65 -0.42
CA LEU A 80 -5.68 7.55 0.74
C LEU A 80 -6.56 8.80 0.58
N ARG A 81 -6.68 9.38 -0.62
CA ARG A 81 -7.55 10.56 -0.92
C ARG A 81 -9.03 10.33 -0.59
N LYS A 82 -9.43 9.06 -0.65
CA LYS A 82 -10.75 8.53 -0.23
C LYS A 82 -11.00 8.68 1.28
N ASN A 83 -9.93 8.68 2.09
CA ASN A 83 -10.01 8.75 3.56
C ASN A 83 -9.57 10.10 4.17
N LEU A 84 -8.41 10.63 3.77
CA LEU A 84 -7.91 11.97 4.13
C LEU A 84 -7.64 12.84 2.89
N VAL A 85 -7.88 14.15 2.97
CA VAL A 85 -7.77 15.08 1.83
C VAL A 85 -6.30 15.50 1.63
N THR A 86 -5.47 14.54 1.21
CA THR A 86 -4.00 14.67 1.04
C THR A 86 -3.50 14.84 -0.38
N LEU A 87 -4.47 14.63 -1.26
CA LEU A 87 -4.41 14.55 -2.71
C LEU A 87 -3.20 13.68 -3.14
N ALA A 88 -2.39 14.13 -4.10
CA ALA A 88 -1.13 13.48 -4.47
C ALA A 88 -0.05 14.49 -4.92
N THR A 89 1.19 13.99 -5.08
CA THR A 89 2.39 14.81 -5.34
C THR A 89 3.49 14.07 -6.07
N 49H B . 11.98 3.15 -1.87
CG1 49H B . 8.98 1.97 -0.95
CG2 49H B . 10.13 4.69 -1.17
CG3 49H B . 12.62 1.24 -3.19
CD1 49H B . 8.73 1.27 -2.15
CD2 49H B . 7.90 2.51 -0.24
CD3 49H B . 9.43 4.68 -2.37
CD4 49H B . 10.05 5.82 -0.34
CD5 49H B . 13.40 2.04 -4.03
CD6 49H B . 12.38 -0.09 -3.58
CE1 49H B . 7.43 1.14 -2.63
CE2 49H B . 6.60 2.39 -0.73
CE3 49H B . 8.65 5.77 -2.75
CE4 49H B . 9.30 6.93 -0.74
CE5 49H B . 13.97 1.53 -5.20
CE6 49H B . 12.98 -0.60 -4.75
CZ1 49H B . 6.36 1.70 -1.92
CZ2 49H B . 8.60 6.91 -1.95
CZ3 49H B . 13.77 0.21 -5.56
CL1 49H B . 4.75 1.55 -2.52
CL2 49H B . 7.74 5.72 -4.22
CM1 49H B . 15.23 0.35 -7.55
CM2 49H B . 9.90 -1.80 -4.47
CM3 49H B . 10.12 -2.69 -2.11
C1 49H B . 14.51 -2.29 0.74
N1 49H B . 15.55 -1.46 0.56
O1 49H B . 14.74 -3.46 0.98
C2 49H B . 15.39 -0.04 0.29
N2 49H B . 12.89 -0.40 -0.07
C3 49H B . 14.13 0.27 -0.55
N3 49H B . 11.37 1.20 -0.92
O3 49H B . 14.30 -0.35 -6.70
C4 49H B . 13.10 -1.71 0.61
C5 49H B . 11.64 0.10 -0.17
O5 49H B . 10.74 -0.40 0.50
C6 49H B . 12.06 1.89 -1.95
O6 49H B . 11.52 -0.89 -2.84
C7 49H B . 11.06 3.54 -0.78
C8 49H B . 10.40 2.18 -0.41
C9 49H B . 10.87 -2.10 -3.31
HD1 49H B . 9.55 0.85 -2.71
HD2 49H B . 8.06 3.06 0.68
HD3 49H B . 9.49 3.81 -3.02
HD4 49H B . 10.59 5.86 0.59
HD5 49H B . 13.60 3.08 -3.79
HE1 49H B . 7.24 0.60 -3.55
HE2 49H B . 5.77 2.83 -0.19
HE4 49H B . 9.25 7.81 -0.10
HE5 49H B . 14.58 2.19 -5.82
HE6 49H B . 12.82 -1.62 -5.05
HZ2 49H B . 8.01 7.76 -2.25
HM11 49H B . 14.75 1.25 -7.97
HM12 49H B . 16.12 0.64 -6.98
HM13 49H B . 15.53 -0.31 -8.38
HM21 49H B . 9.10 -1.14 -4.13
HM22 49H B . 10.41 -1.32 -5.30
HM23 49H B . 9.46 -2.73 -4.83
HM31 49H B . 9.68 -3.66 -2.36
HM32 49H B . 10.79 -2.83 -1.27
HM33 49H B . 9.31 -2.02 -1.79
HN1 49H B . 16.47 -1.85 0.65
H21 49H B . 15.30 0.49 1.25
H22 49H B . 16.28 0.35 -0.22
H31 49H B . 14.01 1.35 -0.53
H32 49H B . 14.34 -0.05 -1.58
H41 49H B . 12.51 -2.48 0.12
H42 49H B . 12.74 -1.63 1.64
H7 49H B . 11.68 3.83 0.07
H8 49H B . 10.35 2.12 0.68
H9 49H B . 11.65 -2.81 -3.63
N GLN A 1 -9.78 10.00 18.31
CA GLN A 1 -9.43 9.71 16.92
C GLN A 1 -8.42 10.74 16.36
N ILE A 2 -7.46 10.27 15.55
CA ILE A 2 -6.45 11.09 14.86
C ILE A 2 -6.84 11.43 13.42
N ASN A 3 -6.10 12.37 12.82
CA ASN A 3 -6.34 12.92 11.48
C ASN A 3 -5.84 12.02 10.33
N GLN A 4 -5.92 10.70 10.54
CA GLN A 4 -5.33 9.61 9.78
C GLN A 4 -6.34 8.52 9.38
N VAL A 5 -5.83 7.46 8.75
CA VAL A 5 -6.61 6.32 8.25
C VAL A 5 -6.73 5.26 9.36
N ARG A 6 -7.55 4.24 9.09
CA ARG A 6 -7.75 2.96 9.80
C ARG A 6 -8.51 1.98 8.86
N PRO A 7 -8.16 0.68 8.82
CA PRO A 7 -8.78 -0.31 7.94
C PRO A 7 -9.82 -1.21 8.63
N LYS A 8 -10.64 -1.89 7.83
CA LYS A 8 -11.53 -2.99 8.26
C LYS A 8 -10.72 -4.29 8.33
N LEU A 9 -11.16 -5.30 9.09
CA LEU A 9 -10.48 -6.58 9.29
C LEU A 9 -9.85 -7.23 8.02
N PRO A 10 -10.54 -7.37 6.87
CA PRO A 10 -9.93 -7.97 5.67
C PRO A 10 -8.85 -7.11 5.01
N LEU A 11 -8.84 -5.80 5.26
CA LEU A 11 -7.79 -4.88 4.80
C LEU A 11 -6.65 -4.74 5.82
N LEU A 12 -6.95 -4.85 7.12
CA LEU A 12 -6.00 -4.87 8.24
C LEU A 12 -5.05 -6.08 8.16
N LYS A 13 -5.56 -7.25 7.75
CA LYS A 13 -4.72 -8.46 7.71
C LYS A 13 -3.69 -8.49 6.58
N ILE A 14 -3.93 -7.70 5.53
CA ILE A 14 -2.96 -7.41 4.44
C ILE A 14 -1.71 -6.77 5.06
N LEU A 15 -1.89 -5.71 5.85
CA LEU A 15 -0.77 -5.07 6.54
C LEU A 15 -0.20 -5.92 7.70
N HIS A 16 -0.99 -6.77 8.38
CA HIS A 16 -0.43 -7.76 9.32
C HIS A 16 0.51 -8.77 8.63
N ALA A 17 0.28 -9.13 7.36
CA ALA A 17 1.23 -9.96 6.60
C ALA A 17 2.63 -9.30 6.45
N ALA A 18 2.72 -7.97 6.62
CA ALA A 18 3.94 -7.18 6.64
C ALA A 18 4.37 -6.71 8.06
N GLY A 19 3.86 -7.36 9.11
CA GLY A 19 4.23 -7.09 10.52
C GLY A 19 3.70 -5.76 11.09
N ALA A 20 2.74 -5.12 10.42
CA ALA A 20 2.18 -3.83 10.80
C ALA A 20 1.01 -3.96 11.81
N GLN A 21 0.22 -2.88 11.94
CA GLN A 21 -1.06 -2.83 12.66
C GLN A 21 -2.16 -2.14 11.84
N GLY A 22 -2.42 -2.68 10.65
CA GLY A 22 -3.40 -2.18 9.69
C GLY A 22 -2.95 -0.91 8.97
N GLU A 23 -3.70 0.16 9.15
CA GLU A 23 -3.52 1.48 8.51
C GLU A 23 -3.88 2.62 9.48
N MET A 24 -3.94 2.32 10.78
CA MET A 24 -4.40 3.21 11.86
C MET A 24 -3.35 4.29 12.24
N PHE A 25 -2.82 4.96 11.21
CA PHE A 25 -1.66 5.86 11.27
C PHE A 25 -1.45 6.67 9.97
N THR A 26 -0.48 7.60 9.99
CA THR A 26 -0.18 8.62 8.98
C THR A 26 0.32 8.05 7.64
N VAL A 27 0.34 8.91 6.60
CA VAL A 27 0.77 8.59 5.21
C VAL A 27 2.16 7.93 5.19
N LYS A 28 3.10 8.51 5.94
CA LYS A 28 4.49 8.01 6.03
C LYS A 28 4.59 6.62 6.66
N GLU A 29 3.67 6.28 7.57
CA GLU A 29 3.62 4.96 8.19
C GLU A 29 2.96 3.94 7.25
N VAL A 30 1.82 4.25 6.59
CA VAL A 30 1.22 3.31 5.61
C VAL A 30 2.17 2.97 4.47
N MET A 31 2.83 3.97 3.91
CA MET A 31 3.79 3.73 2.80
C MET A 31 5.05 2.97 3.25
N HIS A 32 5.46 3.10 4.51
CA HIS A 32 6.55 2.31 5.13
C HIS A 32 6.19 0.81 5.19
N TYR A 33 5.09 0.47 5.87
CA TYR A 33 4.56 -0.90 5.93
C TYR A 33 4.24 -1.48 4.54
N LEU A 34 3.78 -0.67 3.58
CA LEU A 34 3.53 -1.13 2.21
C LEU A 34 4.83 -1.42 1.42
N GLY A 35 5.87 -0.60 1.58
CA GLY A 35 7.19 -0.88 0.97
C GLY A 35 7.74 -2.24 1.41
N GLN A 36 7.71 -2.51 2.72
CA GLN A 36 8.10 -3.82 3.26
C GLN A 36 7.11 -4.95 2.89
N TYR A 37 5.79 -4.69 2.75
CA TYR A 37 4.84 -5.67 2.19
C TYR A 37 5.29 -6.12 0.79
N ILE A 38 5.52 -5.19 -0.14
CA ILE A 38 6.03 -5.51 -1.50
C ILE A 38 7.34 -6.30 -1.40
N MET A 39 8.26 -5.87 -0.53
CA MET A 39 9.55 -6.54 -0.33
C MET A 39 9.43 -7.98 0.23
N VAL A 40 8.43 -8.26 1.08
CA VAL A 40 8.14 -9.59 1.65
C VAL A 40 7.40 -10.49 0.64
N LYS A 41 6.29 -9.99 0.05
CA LYS A 41 5.53 -10.71 -0.98
C LYS A 41 6.33 -10.88 -2.29
N GLN A 42 7.41 -10.10 -2.45
CA GLN A 42 8.44 -10.17 -3.51
C GLN A 42 7.83 -10.29 -4.93
N LEU A 43 6.78 -9.48 -5.15
CA LEU A 43 5.89 -9.53 -6.31
C LEU A 43 6.28 -8.51 -7.42
N TYR A 44 7.52 -8.01 -7.37
CA TYR A 44 8.09 -7.11 -8.37
C TYR A 44 8.73 -7.87 -9.56
N ASP A 45 9.03 -7.16 -10.64
CA ASP A 45 9.66 -7.74 -11.83
C ASP A 45 11.12 -8.14 -11.59
N GLN A 46 11.50 -9.33 -12.06
CA GLN A 46 12.88 -9.85 -12.06
C GLN A 46 13.89 -8.87 -12.69
N GLN A 47 13.49 -8.15 -13.73
CA GLN A 47 14.34 -7.25 -14.52
C GLN A 47 14.33 -5.80 -14.00
N GLU A 48 13.30 -5.42 -13.23
CA GLU A 48 13.16 -4.08 -12.63
C GLU A 48 12.32 -4.11 -11.35
N GLN A 49 13.00 -4.04 -10.20
CA GLN A 49 12.39 -4.02 -8.87
C GLN A 49 11.45 -2.82 -8.66
N HIS A 50 11.55 -1.78 -9.51
CA HIS A 50 10.65 -0.61 -9.47
C HIS A 50 9.23 -0.92 -9.95
N MET A 51 9.05 -1.99 -10.73
CA MET A 51 7.77 -2.44 -11.30
C MET A 51 7.16 -3.52 -10.41
N VAL A 52 5.92 -3.34 -9.96
CA VAL A 52 5.25 -4.17 -8.95
C VAL A 52 3.98 -4.78 -9.51
N TYR A 53 3.88 -6.11 -9.52
CA TYR A 53 2.67 -6.85 -9.86
C TYR A 53 1.78 -7.09 -8.63
N CYS A 54 0.53 -7.49 -8.86
CA CYS A 54 -0.49 -7.73 -7.83
C CYS A 54 -1.54 -8.79 -8.25
N GLY A 55 -1.18 -9.69 -9.17
CA GLY A 55 -2.14 -10.63 -9.78
C GLY A 55 -2.76 -11.58 -8.75
N GLY A 56 -4.05 -11.36 -8.45
CA GLY A 56 -4.79 -12.10 -7.43
C GLY A 56 -4.40 -11.79 -5.98
N ASP A 57 -3.65 -10.70 -5.71
CA ASP A 57 -3.22 -10.32 -4.37
C ASP A 57 -4.24 -9.36 -3.73
N LEU A 58 -4.39 -9.44 -2.40
CA LEU A 58 -5.21 -8.52 -1.62
C LEU A 58 -4.75 -7.06 -1.79
N LEU A 59 -3.47 -6.82 -2.09
CA LEU A 59 -2.98 -5.50 -2.47
C LEU A 59 -3.55 -5.02 -3.82
N GLY A 60 -3.73 -5.92 -4.79
CA GLY A 60 -4.42 -5.63 -6.05
C GLY A 60 -5.91 -5.34 -5.83
N GLU A 61 -6.56 -6.07 -4.93
CA GLU A 61 -7.92 -5.79 -4.50
C GLU A 61 -8.03 -4.40 -3.80
N LEU A 62 -7.03 -4.03 -3.00
CA LEU A 62 -6.96 -2.74 -2.29
C LEU A 62 -6.73 -1.55 -3.24
N LEU A 63 -5.77 -1.67 -4.17
CA LEU A 63 -5.40 -0.60 -5.13
C LEU A 63 -6.33 -0.54 -6.36
N GLY A 64 -7.07 -1.61 -6.66
CA GLY A 64 -7.98 -1.71 -7.81
C GLY A 64 -7.30 -2.03 -9.14
N ARG A 65 -6.00 -2.37 -9.14
CA ARG A 65 -5.24 -2.86 -10.29
C ARG A 65 -4.17 -3.89 -9.92
N GLN A 66 -3.81 -4.73 -10.89
CA GLN A 66 -2.84 -5.83 -10.69
C GLN A 66 -1.41 -5.49 -11.12
N SER A 67 -1.16 -4.21 -11.36
CA SER A 67 0.19 -3.65 -11.54
C SER A 67 0.28 -2.15 -11.26
N PHE A 68 1.42 -1.72 -10.69
CA PHE A 68 1.82 -0.33 -10.47
C PHE A 68 3.36 -0.23 -10.38
N SER A 69 3.94 0.96 -10.26
CA SER A 69 5.40 1.13 -10.14
C SER A 69 5.80 2.34 -9.32
N VAL A 70 7.11 2.50 -9.08
CA VAL A 70 7.68 3.72 -8.47
C VAL A 70 7.53 4.96 -9.39
N LYS A 71 7.30 4.76 -10.71
CA LYS A 71 6.96 5.82 -11.68
C LYS A 71 5.43 6.05 -11.84
N ASP A 72 4.61 5.06 -11.46
CA ASP A 72 3.14 5.11 -11.40
C ASP A 72 2.60 4.80 -9.98
N PRO A 73 2.95 5.59 -8.94
CA PRO A 73 2.58 5.32 -7.55
C PRO A 73 1.17 5.82 -7.18
N SER A 74 0.47 6.51 -8.10
CA SER A 74 -0.85 7.12 -7.89
C SER A 74 -1.91 6.23 -7.21
N PRO A 75 -1.98 4.90 -7.42
CA PRO A 75 -2.94 4.04 -6.71
C PRO A 75 -2.79 4.06 -5.18
N LEU A 76 -1.57 4.23 -4.65
CA LEU A 76 -1.28 4.36 -3.21
C LEU A 76 -1.88 5.67 -2.67
N TYR A 77 -1.51 6.78 -3.32
CA TYR A 77 -1.99 8.10 -2.93
C TYR A 77 -3.51 8.21 -3.06
N ASP A 78 -4.12 7.58 -4.07
CA ASP A 78 -5.58 7.50 -4.19
C ASP A 78 -6.21 6.71 -3.05
N MET A 79 -5.64 5.57 -2.69
CA MET A 79 -6.06 4.70 -1.60
C MET A 79 -6.10 5.47 -0.27
N LEU A 80 -5.13 6.35 -0.01
CA LEU A 80 -5.15 7.18 1.21
C LEU A 80 -5.97 8.48 1.08
N ARG A 81 -5.91 9.22 -0.04
CA ARG A 81 -6.56 10.54 -0.19
C ARG A 81 -8.08 10.50 -0.10
N LYS A 82 -8.66 9.37 -0.53
CA LYS A 82 -10.10 9.11 -0.40
C LYS A 82 -10.54 8.91 1.05
N ASN A 83 -9.60 8.54 1.94
CA ASN A 83 -9.83 8.46 3.38
C ASN A 83 -9.50 9.77 4.13
N LEU A 84 -8.22 10.11 4.37
CA LEU A 84 -7.81 11.28 5.16
C LEU A 84 -7.64 12.55 4.30
N VAL A 85 -7.80 13.72 4.92
CA VAL A 85 -7.48 15.03 4.29
C VAL A 85 -5.96 15.23 4.33
N THR A 86 -5.30 15.16 3.16
CA THR A 86 -3.84 15.26 3.04
C THR A 86 -3.39 15.73 1.65
N LEU A 87 -2.07 15.78 1.43
CA LEU A 87 -1.41 16.13 0.16
C LEU A 87 -0.72 14.90 -0.47
N ALA A 88 -0.45 14.97 -1.78
CA ALA A 88 0.19 13.92 -2.57
C ALA A 88 1.19 14.48 -3.61
N THR A 89 1.97 13.59 -4.23
CA THR A 89 3.10 13.98 -5.09
C THR A 89 3.51 12.91 -6.11
N 49H B . 11.68 3.74 -3.54
CG1 49H B . 9.17 2.55 -1.60
CG2 49H B . 9.91 5.22 -2.52
CG3 49H B . 12.26 1.67 -4.65
CD1 49H B . 8.65 1.69 -2.58
CD2 49H B . 8.30 3.11 -0.66
CD3 49H B . 8.97 5.02 -3.54
CD4 49H B . 9.80 6.35 -1.71
CD5 49H B . 12.86 2.35 -5.72
CD6 49H B . 12.06 0.28 -4.78
CE1 49H B . 7.30 1.38 -2.60
CE2 49H B . 6.94 2.82 -0.70
CE3 49H B . 7.94 5.93 -3.72
CE4 49H B . 8.77 7.27 -1.91
CE5 49H B . 13.37 1.65 -6.82
CE6 49H B . 12.57 -0.40 -5.89
CZ1 49H B . 6.44 1.93 -1.66
CZ2 49H B . 7.83 7.06 -2.91
CZ3 49H B . 13.26 0.28 -6.88
CL1 49H B . 4.77 1.54 -1.68
CL2 49H B . 6.77 5.65 -4.97
CM1 49H B . 14.88 0.00 -8.73
CM2 49H B . 9.37 -1.25 -5.13
CM3 49H B . 9.92 -2.07 -2.79
C1 49H B . 15.02 -1.46 -1.95
N1 49H B . 15.67 -0.73 -2.87
O1 49H B . 15.46 -2.56 -1.68
C2 49H B . 15.32 0.66 -3.23
N2 49H B . 13.30 0.46 -1.76
C3 49H B . 14.43 1.33 -2.16
N3 49H B . 11.53 1.93 -2.19
O3 49H B . 13.78 -0.47 -7.93
C4 49H B . 13.76 -0.88 -1.30
C5 49H B . 12.05 0.90 -1.47
O5 49H B . 11.42 0.41 -0.56
C6 49H B . 11.88 2.48 -3.45
O6 49H B . 11.30 -0.40 -3.85
C7 49H B . 11.05 4.22 -2.29
C8 49H B . 10.66 2.91 -1.54
C9 49H B . 10.50 -1.59 -4.13
HD1 49H B . 9.31 1.27 -3.34
HD2 49H B . 8.68 3.79 0.11
HD3 49H B . 9.05 4.14 -4.17
HD4 49H B . 10.53 6.54 -0.91
HD5 49H B . 13.01 3.43 -5.68
HE1 49H B . 6.91 0.71 -3.36
HE2 49H B . 6.25 3.27 0.02
HE4 49H B . 8.70 8.16 -1.28
HE5 49H B . 13.87 2.21 -7.62
HE6 49H B . 12.47 -1.47 -5.98
HZ2 49H B . 7.02 7.77 -3.07
HM11 49H B . 15.18 -0.79 -9.43
HM12 49H B . 14.58 0.88 -9.31
HM13 49H B . 15.73 0.26 -8.09
HM21 49H B . 8.81 -2.15 -5.38
HM22 49H B . 8.68 -0.52 -4.71
HM23 49H B . 9.79 -0.85 -6.05
HM31 49H B . 10.72 -2.27 -2.07
HM32 49H B . 9.26 -1.31 -2.36
HM33 49H B . 9.34 -2.98 -2.93
HN1 49H B . 16.49 -1.15 -3.28
H21 49H B . 16.25 1.24 -3.35
H22 49H B . 14.80 0.65 -4.18
H31 49H B . 15.05 1.50 -1.27
H32 49H B . 14.11 2.31 -2.51
H41 49H B . 12.97 -1.61 -1.48
H42 49H B . 13.96 -0.84 -0.22
H7 49H B . 11.83 4.71 -1.70
H8 49H B . 10.96 3.02 -0.50
H9 49H B . 11.15 -2.38 -4.54
N GLN A 1 -8.45 10.46 19.15
CA GLN A 1 -8.52 10.28 17.70
C GLN A 1 -7.48 11.12 16.93
N ILE A 2 -7.18 10.70 15.69
CA ILE A 2 -6.20 11.33 14.78
C ILE A 2 -6.74 11.47 13.35
N ASN A 3 -6.08 12.33 12.56
CA ASN A 3 -6.54 12.78 11.24
C ASN A 3 -6.11 11.89 10.06
N GLN A 4 -6.00 10.59 10.33
CA GLN A 4 -5.41 9.52 9.51
C GLN A 4 -6.40 8.35 9.32
N VAL A 5 -5.97 7.30 8.61
CA VAL A 5 -6.80 6.17 8.15
C VAL A 5 -6.86 5.08 9.23
N ARG A 6 -7.69 4.05 9.03
CA ARG A 6 -7.81 2.76 9.76
C ARG A 6 -8.60 1.77 8.86
N PRO A 7 -8.31 0.45 8.85
CA PRO A 7 -8.95 -0.52 7.94
C PRO A 7 -10.00 -1.42 8.61
N LYS A 8 -10.74 -2.17 7.78
CA LYS A 8 -11.60 -3.29 8.19
C LYS A 8 -10.72 -4.54 8.34
N LEU A 9 -11.12 -5.55 9.11
CA LEU A 9 -10.29 -6.74 9.40
C LEU A 9 -9.69 -7.43 8.15
N PRO A 10 -10.41 -7.60 7.02
CA PRO A 10 -9.85 -8.19 5.80
C PRO A 10 -8.77 -7.34 5.11
N LEU A 11 -8.74 -6.03 5.34
CA LEU A 11 -7.73 -5.10 4.80
C LEU A 11 -6.55 -4.91 5.77
N LEU A 12 -6.85 -4.91 7.08
CA LEU A 12 -5.86 -4.88 8.17
C LEU A 12 -4.96 -6.11 8.17
N LYS A 13 -5.50 -7.30 7.86
CA LYS A 13 -4.69 -8.54 7.92
C LYS A 13 -3.62 -8.65 6.83
N ILE A 14 -3.84 -7.94 5.71
CA ILE A 14 -2.85 -7.72 4.63
C ILE A 14 -1.62 -7.03 5.21
N LEU A 15 -1.82 -5.91 5.89
CA LEU A 15 -0.75 -5.14 6.52
C LEU A 15 -0.15 -5.85 7.75
N HIS A 16 -0.92 -6.64 8.51
CA HIS A 16 -0.37 -7.52 9.57
C HIS A 16 0.54 -8.62 9.01
N ALA A 17 0.30 -9.13 7.79
CA ALA A 17 1.23 -10.07 7.12
C ALA A 17 2.62 -9.46 6.89
N ALA A 18 2.72 -8.12 6.85
CA ALA A 18 3.96 -7.34 6.80
C ALA A 18 4.31 -6.66 8.14
N GLY A 19 3.83 -7.21 9.27
CA GLY A 19 4.20 -6.77 10.63
C GLY A 19 3.59 -5.44 11.10
N ALA A 20 2.60 -4.90 10.38
CA ALA A 20 1.97 -3.61 10.67
C ALA A 20 0.87 -3.71 11.75
N GLN A 21 0.12 -2.60 11.89
CA GLN A 21 -1.12 -2.47 12.67
C GLN A 21 -2.26 -1.89 11.79
N GLY A 22 -2.43 -2.47 10.60
CA GLY A 22 -3.42 -2.07 9.61
C GLY A 22 -3.01 -0.82 8.82
N GLU A 23 -3.80 0.24 8.92
CA GLU A 23 -3.59 1.56 8.31
C GLU A 23 -3.88 2.68 9.32
N MET A 24 -3.89 2.36 10.62
CA MET A 24 -4.34 3.20 11.74
C MET A 24 -3.34 4.31 12.10
N PHE A 25 -2.86 5.00 11.06
CA PHE A 25 -1.74 5.95 11.06
C PHE A 25 -1.60 6.72 9.73
N THR A 26 -0.66 7.66 9.66
CA THR A 26 -0.44 8.64 8.57
C THR A 26 0.19 8.02 7.31
N VAL A 27 0.23 8.80 6.22
CA VAL A 27 0.74 8.44 4.87
C VAL A 27 2.12 7.76 4.94
N LYS A 28 3.02 8.35 5.73
CA LYS A 28 4.41 7.90 5.86
C LYS A 28 4.54 6.54 6.53
N GLU A 29 3.61 6.21 7.43
CA GLU A 29 3.54 4.90 8.06
C GLU A 29 2.87 3.87 7.14
N VAL A 30 1.74 4.18 6.48
CA VAL A 30 1.11 3.22 5.54
C VAL A 30 2.04 2.79 4.42
N MET A 31 2.72 3.76 3.82
CA MET A 31 3.64 3.49 2.70
C MET A 31 4.92 2.75 3.13
N HIS A 32 5.34 2.91 4.39
CA HIS A 32 6.42 2.14 5.02
C HIS A 32 6.07 0.65 5.09
N TYR A 33 4.96 0.30 5.75
CA TYR A 33 4.40 -1.05 5.79
C TYR A 33 4.12 -1.63 4.39
N LEU A 34 3.64 -0.82 3.44
CA LEU A 34 3.40 -1.27 2.06
C LEU A 34 4.71 -1.62 1.32
N GLY A 35 5.75 -0.79 1.46
CA GLY A 35 7.08 -1.05 0.90
C GLY A 35 7.68 -2.37 1.40
N GLN A 36 7.62 -2.63 2.71
CA GLN A 36 8.09 -3.91 3.27
C GLN A 36 7.16 -5.09 2.92
N TYR A 37 5.84 -4.90 2.76
CA TYR A 37 4.96 -5.94 2.20
C TYR A 37 5.42 -6.35 0.80
N ILE A 38 5.63 -5.40 -0.11
CA ILE A 38 6.12 -5.68 -1.47
C ILE A 38 7.47 -6.40 -1.43
N MET A 39 8.37 -5.98 -0.55
CA MET A 39 9.70 -6.59 -0.41
C MET A 39 9.65 -8.02 0.19
N VAL A 40 8.69 -8.32 1.07
CA VAL A 40 8.44 -9.68 1.62
C VAL A 40 7.76 -10.57 0.57
N LYS A 41 6.67 -10.09 -0.05
CA LYS A 41 5.96 -10.80 -1.14
C LYS A 41 6.81 -10.92 -2.42
N GLN A 42 7.89 -10.12 -2.53
CA GLN A 42 8.91 -10.11 -3.59
C GLN A 42 8.32 -10.19 -5.01
N LEU A 43 7.24 -9.43 -5.21
CA LEU A 43 6.38 -9.48 -6.40
C LEU A 43 6.69 -8.36 -7.43
N TYR A 44 7.90 -7.80 -7.34
CA TYR A 44 8.49 -6.89 -8.33
C TYR A 44 9.16 -7.65 -9.48
N ASP A 45 9.47 -6.96 -10.59
CA ASP A 45 10.16 -7.58 -11.74
C ASP A 45 11.63 -7.89 -11.42
N GLN A 46 12.12 -9.08 -11.79
CA GLN A 46 13.53 -9.43 -11.75
C GLN A 46 14.43 -8.40 -12.44
N GLN A 47 14.06 -7.94 -13.64
CA GLN A 47 14.87 -7.04 -14.46
C GLN A 47 14.76 -5.58 -14.03
N GLU A 48 13.78 -5.26 -13.17
CA GLU A 48 13.52 -3.91 -12.65
C GLU A 48 12.69 -3.94 -11.35
N GLN A 49 13.40 -3.94 -10.22
CA GLN A 49 12.81 -3.86 -8.87
C GLN A 49 11.95 -2.60 -8.66
N HIS A 50 12.10 -1.59 -9.53
CA HIS A 50 11.30 -0.37 -9.52
C HIS A 50 9.81 -0.63 -9.88
N MET A 51 9.53 -1.71 -10.63
CA MET A 51 8.21 -2.08 -11.14
C MET A 51 7.59 -3.20 -10.29
N VAL A 52 6.34 -3.03 -9.85
CA VAL A 52 5.64 -3.89 -8.88
C VAL A 52 4.38 -4.49 -9.51
N TYR A 53 4.19 -5.80 -9.33
CA TYR A 53 3.00 -6.55 -9.70
C TYR A 53 2.23 -7.04 -8.46
N CYS A 54 0.95 -7.33 -8.64
CA CYS A 54 0.00 -7.73 -7.60
C CYS A 54 -1.06 -8.72 -8.12
N GLY A 55 -0.73 -9.51 -9.15
CA GLY A 55 -1.70 -10.37 -9.84
C GLY A 55 -2.35 -11.39 -8.91
N GLY A 56 -3.67 -11.27 -8.71
CA GLY A 56 -4.46 -12.08 -7.79
C GLY A 56 -4.19 -11.85 -6.30
N ASP A 57 -3.46 -10.78 -5.91
CA ASP A 57 -3.06 -10.52 -4.53
C ASP A 57 -4.02 -9.56 -3.82
N LEU A 58 -4.13 -9.73 -2.50
CA LEU A 58 -4.92 -8.85 -1.63
C LEU A 58 -4.42 -7.39 -1.71
N LEU A 59 -3.14 -7.15 -2.02
CA LEU A 59 -2.60 -5.81 -2.31
C LEU A 59 -3.18 -5.20 -3.59
N GLY A 60 -3.39 -6.00 -4.64
CA GLY A 60 -4.07 -5.56 -5.87
C GLY A 60 -5.55 -5.28 -5.61
N GLU A 61 -6.21 -6.08 -4.77
CA GLU A 61 -7.56 -5.81 -4.31
C GLU A 61 -7.65 -4.54 -3.43
N LEU A 62 -6.65 -4.27 -2.60
CA LEU A 62 -6.56 -3.09 -1.73
C LEU A 62 -6.39 -1.79 -2.54
N LEU A 63 -5.51 -1.78 -3.55
CA LEU A 63 -5.24 -0.61 -4.39
C LEU A 63 -6.20 -0.49 -5.60
N GLY A 64 -6.89 -1.56 -5.97
CA GLY A 64 -7.78 -1.61 -7.14
C GLY A 64 -7.06 -1.78 -8.49
N ARG A 65 -5.73 -1.98 -8.47
CA ARG A 65 -4.87 -2.24 -9.65
C ARG A 65 -3.82 -3.31 -9.35
N GLN A 66 -3.51 -4.13 -10.34
CA GLN A 66 -2.57 -5.26 -10.21
C GLN A 66 -1.13 -4.91 -10.63
N SER A 67 -0.86 -3.64 -10.93
CA SER A 67 0.52 -3.14 -11.12
C SER A 67 0.67 -1.64 -10.84
N PHE A 68 1.86 -1.24 -10.38
CA PHE A 68 2.32 0.13 -10.17
C PHE A 68 3.86 0.17 -10.10
N SER A 69 4.48 1.34 -9.97
CA SER A 69 5.93 1.48 -9.83
C SER A 69 6.31 2.59 -8.86
N VAL A 70 7.61 2.70 -8.51
CA VAL A 70 8.14 3.86 -7.75
C VAL A 70 8.21 5.15 -8.58
N LYS A 71 7.96 5.09 -9.90
CA LYS A 71 7.78 6.26 -10.80
C LYS A 71 6.30 6.65 -10.96
N ASP A 72 5.39 5.70 -10.76
CA ASP A 72 3.94 5.87 -10.82
C ASP A 72 3.22 5.29 -9.57
N PRO A 73 3.48 5.84 -8.36
CA PRO A 73 2.91 5.35 -7.09
C PRO A 73 1.48 5.85 -6.82
N SER A 74 0.90 6.63 -7.73
CA SER A 74 -0.41 7.29 -7.61
C SER A 74 -1.58 6.42 -7.11
N PRO A 75 -1.69 5.10 -7.42
CA PRO A 75 -2.77 4.26 -6.88
C PRO A 75 -2.83 4.16 -5.35
N LEU A 76 -1.69 4.31 -4.64
CA LEU A 76 -1.62 4.40 -3.17
C LEU A 76 -2.26 5.71 -2.67
N TYR A 77 -1.80 6.82 -3.25
CA TYR A 77 -2.29 8.15 -2.88
C TYR A 77 -3.76 8.33 -3.23
N ASP A 78 -4.24 7.76 -4.34
CA ASP A 78 -5.66 7.73 -4.70
C ASP A 78 -6.50 6.88 -3.73
N MET A 79 -5.91 5.84 -3.16
CA MET A 79 -6.48 5.04 -2.08
C MET A 79 -6.68 5.89 -0.81
N LEU A 80 -5.67 6.67 -0.39
CA LEU A 80 -5.73 7.41 0.89
C LEU A 80 -6.27 8.83 0.82
N ARG A 81 -6.27 9.49 -0.35
CA ARG A 81 -6.81 10.86 -0.50
C ARG A 81 -8.31 10.96 -0.20
N LYS A 82 -8.97 9.82 -0.40
CA LYS A 82 -10.36 9.51 -0.04
C LYS A 82 -10.60 9.48 1.48
N ASN A 83 -9.56 9.17 2.26
CA ASN A 83 -9.63 9.13 3.74
C ASN A 83 -9.12 10.42 4.43
N LEU A 84 -7.94 10.93 4.07
CA LEU A 84 -7.44 12.27 4.48
C LEU A 84 -6.97 13.12 3.29
N VAL A 85 -7.20 14.45 3.35
CA VAL A 85 -6.62 15.40 2.39
C VAL A 85 -5.15 15.63 2.75
N THR A 86 -4.23 15.28 1.84
CA THR A 86 -2.79 15.23 2.11
C THR A 86 -1.92 15.30 0.83
N LEU A 87 -0.60 15.20 0.99
CA LEU A 87 0.40 15.28 -0.06
C LEU A 87 0.49 13.98 -0.90
N ALA A 88 1.02 14.10 -2.13
CA ALA A 88 1.27 12.99 -3.05
C ALA A 88 2.46 13.30 -3.99
N THR A 89 2.86 12.31 -4.81
CA THR A 89 4.01 12.42 -5.72
C THR A 89 3.91 11.52 -6.95
N 49H B . 11.65 3.49 -2.58
CG1 49H B . 8.77 2.37 -1.30
CG2 49H B . 9.85 5.09 -1.81
CG3 49H B . 12.29 1.46 -3.71
CD1 49H B . 8.46 1.64 -2.46
CD2 49H B . 7.73 2.85 -0.51
CD3 49H B . 9.11 5.03 -3.00
CD4 49H B . 9.71 6.19 -0.96
CD5 49H B . 13.03 2.17 -4.66
CD6 49H B . 12.05 0.09 -3.94
CE1 49H B . 7.13 1.38 -2.80
CE2 49H B . 6.40 2.60 -0.85
CE3 49H B . 8.24 6.07 -3.32
CE4 49H B . 8.86 7.23 -1.31
CE5 49H B . 13.58 1.53 -5.77
CE6 49H B . 12.61 -0.54 -5.05
CZ1 49H B . 6.11 1.87 -2.00
CZ2 49H B . 8.12 7.18 -2.49
CZ3 49H B . 13.38 0.17 -5.96
CL1 49H B . 4.46 1.54 -2.41
CL2 49H B . 7.34 5.98 -4.79
CM1 49H B . 14.85 0.07 -7.96
CM2 49H B . 9.47 -1.53 -4.63
CM3 49H B . 9.73 -2.29 -2.22
C1 49H B . 14.34 -1.90 -0.14
N1 49H B . 15.18 -1.36 -1.06
O1 49H B . 14.67 -2.95 0.38
C2 49H B . 14.97 -0.05 -1.69
N2 49H B . 12.74 0.08 -0.57
C3 49H B . 13.99 0.82 -0.90
N3 49H B . 11.17 1.65 -1.38
O3 49H B . 13.91 -0.52 -7.04
C4 49H B . 13.03 -1.18 0.17
C5 49H B . 11.48 0.60 -0.58
O5 49H B . 10.65 0.14 0.18
C6 49H B . 11.77 2.22 -2.53
O6 49H B . 11.18 -0.61 -3.12
C7 49H B . 10.84 3.97 -1.44
C8 49H B . 10.22 2.65 -0.89
C9 49H B . 10.47 -1.82 -3.48
HD1 49H B . 9.25 1.26 -3.10
HD2 49H B . 7.95 3.42 0.39
HD3 49H B . 9.22 4.18 -3.66
HD4 49H B . 10.28 6.25 -0.04
HD5 49H B . 13.22 3.23 -4.54
HE1 49H B . 6.89 0.81 -3.69
HE2 49H B . 5.60 2.98 -0.22
HE4 49H B . 8.76 8.09 -0.65
HE5 49H B . 14.17 2.12 -6.47
HE6 49H B . 12.46 -1.60 -5.24
HZ2 49H B . 7.44 7.98 -2.76
HM11 49H B . 15.16 -0.68 -8.70
HM12 49H B . 14.39 0.91 -8.47
HM13 49H B . 15.74 0.41 -7.41
HM21 49H B . 9.98 -1.15 -5.51
HM22 49H B . 8.95 -2.45 -4.91
HM23 49H B . 8.73 -0.80 -4.32
HM31 49H B . 9.22 -3.24 -2.40
HM32 49H B . 10.42 -2.44 -1.39
HM33 49H B . 8.97 -1.55 -1.91
HN1 49H B . 16.03 -1.86 -1.25
H21 49H B . 15.93 0.47 -1.77
H22 49H B . 14.57 -0.21 -2.70
H31 49H B . 14.47 1.09 0.05
H32 49H B . 13.82 1.76 -1.42
H41 49H B . 12.25 -1.90 -0.04
H42 49H B . 13.05 -0.96 1.23
H7 49H B . 11.52 4.35 -0.68
H8 49H B . 10.27 2.70 0.20
H9 49H B . 11.18 -2.59 -3.79
#